data_1GTZ
#
_entry.id   1GTZ
#
_cell.length_a   86.100
_cell.length_b   136.200
_cell.length_c   96.700
_cell.angle_alpha   90.00
_cell.angle_beta   101.28
_cell.angle_gamma   90.00
#
_symmetry.space_group_name_H-M   'P 1 21 1'
#
loop_
_entity.id
_entity.type
_entity.pdbx_description
1 polymer '3-DEHYDROQUINATE DEHYDRATASE'
2 non-polymer 2-AMINO-2-HYDROXYMETHYL-PROPANE-1,3-DIOL
3 non-polymer 3-DEHYDROSHIKIMATE
4 water water
#
_entity_poly.entity_id   1
_entity_poly.type   'polypeptide(L)'
_entity_poly.pdbx_seq_one_letter_code
;PRSLANAPIMILNGPNLNLLGQAQPEIYGSDTLADVEALCVKAAAAHGGTVDFRQSNHEGELVDWIHEARLNHCGIVINP
AAYSHTSVAILDALNTCDGLPVVEVHISNIHQREPFRHHSYVSQRADGVVAGCGVQGYVFGVERIAALAGAGSARA
;
_entity_poly.pdbx_strand_id   A,B,C,D,E,F,G,H,I,J,K,L
#
loop_
_chem_comp.id
_chem_comp.type
_chem_comp.name
_chem_comp.formula
DHK non-polymer 3-DEHYDROSHIKIMATE 'C7 H10 O5'
TRS non-polymer 2-AMINO-2-HYDROXYMETHYL-PROPANE-1,3-DIOL 'C4 H12 N O3 1'
#
# COMPACT_ATOMS: atom_id res chain seq x y z
N ARG A 2 3.81 -32.94 28.61
CA ARG A 2 3.18 -33.86 29.60
C ARG A 2 1.87 -34.46 29.18
N SER A 3 1.32 -35.46 29.88
CA SER A 3 -0.01 -35.95 29.48
C SER A 3 -1.13 -35.17 30.18
N LEU A 4 -2.39 -35.36 29.80
CA LEU A 4 -3.51 -34.80 30.56
C LEU A 4 -3.62 -35.37 31.96
N ALA A 5 -3.25 -36.66 32.12
CA ALA A 5 -3.35 -37.29 33.43
C ALA A 5 -2.34 -36.73 34.42
N ASN A 6 -1.20 -36.22 33.90
CA ASN A 6 -0.19 -35.76 34.84
C ASN A 6 -0.12 -34.27 35.11
N ALA A 7 -0.83 -33.51 34.30
CA ALA A 7 -0.80 -32.03 34.50
C ALA A 7 -2.04 -31.38 33.87
N PRO A 8 -2.45 -30.27 34.45
CA PRO A 8 -3.63 -29.54 33.99
C PRO A 8 -3.33 -28.78 32.68
N ILE A 9 -4.45 -28.54 31.93
CA ILE A 9 -4.44 -27.70 30.77
C ILE A 9 -4.59 -26.24 31.27
N MET A 10 -3.77 -25.36 30.84
CA MET A 10 -3.83 -23.95 31.22
C MET A 10 -4.85 -23.26 30.30
N ILE A 11 -5.84 -22.60 30.78
CA ILE A 11 -6.86 -21.87 30.03
C ILE A 11 -6.61 -20.43 30.37
N LEU A 12 -6.13 -19.60 29.44
CA LEU A 12 -5.82 -18.22 29.67
C LEU A 12 -6.79 -17.27 28.96
N ASN A 13 -7.15 -16.13 29.51
CA ASN A 13 -8.15 -15.23 29.09
C ASN A 13 -7.57 -13.81 29.22
N GLY A 14 -7.55 -13.10 28.16
CA GLY A 14 -7.10 -11.73 28.11
C GLY A 14 -8.02 -10.65 28.55
N PRO A 15 -7.67 -9.39 28.25
CA PRO A 15 -8.36 -8.26 28.77
C PRO A 15 -9.84 -8.17 28.50
N ASN A 16 -10.58 -7.57 29.41
CA ASN A 16 -12.06 -7.35 29.31
C ASN A 16 -12.85 -8.62 29.48
N LEU A 17 -12.33 -9.83 29.35
CA LEU A 17 -13.03 -11.11 29.49
C LEU A 17 -13.64 -11.31 30.84
N ASN A 18 -13.27 -10.55 31.86
CA ASN A 18 -13.92 -10.54 33.16
C ASN A 18 -15.38 -10.14 33.02
N LEU A 19 -15.74 -9.26 32.09
CA LEU A 19 -17.14 -8.84 31.87
C LEU A 19 -17.92 -9.62 30.89
N LEU A 20 -17.39 -10.81 30.54
CA LEU A 20 -18.14 -11.63 29.55
C LEU A 20 -19.51 -11.95 30.19
N GLY A 21 -20.52 -11.82 29.37
CA GLY A 21 -21.88 -12.06 29.70
C GLY A 21 -22.58 -10.82 30.17
N GLN A 22 -21.90 -9.82 30.65
CA GLN A 22 -22.45 -8.59 31.16
C GLN A 22 -22.32 -7.50 30.10
N ALA A 23 -21.29 -7.48 29.27
CA ALA A 23 -21.08 -6.41 28.31
C ALA A 23 -21.16 -6.86 26.84
N GLN A 24 -21.80 -6.05 25.99
CA GLN A 24 -21.92 -6.38 24.57
C GLN A 24 -22.36 -7.86 24.36
N PRO A 25 -23.48 -8.23 24.91
CA PRO A 25 -24.03 -9.59 24.80
C PRO A 25 -24.47 -9.93 23.40
N GLU A 26 -24.73 -8.91 22.58
CA GLU A 26 -25.15 -9.13 21.20
C GLU A 26 -23.92 -9.55 20.39
N ILE A 27 -22.73 -9.33 20.91
CA ILE A 27 -21.54 -9.74 20.20
C ILE A 27 -21.01 -11.03 20.82
N TYR A 28 -20.90 -11.06 22.15
CA TYR A 28 -20.23 -12.11 22.85
C TYR A 28 -21.12 -13.04 23.67
N GLY A 29 -22.44 -12.89 23.60
CA GLY A 29 -23.34 -13.75 24.29
C GLY A 29 -23.60 -13.42 25.75
N SER A 30 -24.47 -14.22 26.38
CA SER A 30 -24.84 -13.99 27.76
C SER A 30 -24.23 -14.95 28.75
N ASP A 31 -23.46 -15.96 28.38
CA ASP A 31 -22.76 -16.82 29.29
C ASP A 31 -21.59 -16.07 29.91
N THR A 32 -21.27 -16.27 31.15
CA THR A 32 -20.23 -15.61 31.88
C THR A 32 -18.92 -16.36 31.79
N LEU A 33 -17.86 -15.74 32.28
CA LEU A 33 -16.55 -16.39 32.36
C LEU A 33 -16.69 -17.60 33.29
N ALA A 34 -17.47 -17.51 34.36
CA ALA A 34 -17.64 -18.70 35.23
C ALA A 34 -18.28 -19.84 34.46
N ASP A 35 -19.30 -19.55 33.61
CA ASP A 35 -19.90 -20.50 32.77
C ASP A 35 -18.91 -21.19 31.81
N VAL A 36 -18.02 -20.35 31.22
CA VAL A 36 -16.96 -20.85 30.38
C VAL A 36 -15.99 -21.77 31.12
N GLU A 37 -15.56 -21.39 32.33
CA GLU A 37 -14.74 -22.23 33.16
C GLU A 37 -15.40 -23.60 33.42
N ALA A 38 -16.69 -23.62 33.73
CA ALA A 38 -17.41 -24.87 33.93
C ALA A 38 -17.40 -25.77 32.66
N LEU A 39 -17.55 -25.13 31.49
CA LEU A 39 -17.57 -25.88 30.24
C LEU A 39 -16.23 -26.58 30.02
N CYS A 40 -15.18 -25.87 30.37
CA CYS A 40 -13.82 -26.38 30.26
C CYS A 40 -13.54 -27.52 31.23
N VAL A 41 -13.89 -27.38 32.46
CA VAL A 41 -13.72 -28.41 33.52
C VAL A 41 -14.43 -29.68 33.03
N LYS A 42 -15.64 -29.53 32.52
CA LYS A 42 -16.41 -30.69 32.09
C LYS A 42 -15.78 -31.41 30.91
N ALA A 43 -15.33 -30.60 29.93
CA ALA A 43 -14.70 -31.22 28.77
C ALA A 43 -13.37 -31.89 29.10
N ALA A 44 -12.59 -31.32 29.99
CA ALA A 44 -11.34 -31.93 30.38
C ALA A 44 -11.56 -33.22 31.19
N ALA A 45 -12.59 -33.14 32.01
CA ALA A 45 -12.96 -34.32 32.83
C ALA A 45 -13.26 -35.57 32.01
N ALA A 46 -13.98 -35.39 30.89
CA ALA A 46 -14.29 -36.51 30.03
C ALA A 46 -13.05 -37.16 29.45
N HIS A 47 -11.86 -36.62 29.47
CA HIS A 47 -10.59 -37.07 29.00
C HIS A 47 -9.62 -37.40 30.11
N GLY A 48 -10.15 -37.40 31.33
CA GLY A 48 -9.34 -37.70 32.49
C GLY A 48 -8.44 -36.58 32.87
N GLY A 49 -8.75 -35.32 32.49
CA GLY A 49 -7.88 -34.21 32.73
C GLY A 49 -8.44 -33.14 33.64
N THR A 50 -7.63 -32.12 33.88
CA THR A 50 -8.02 -31.01 34.72
C THR A 50 -7.66 -29.71 34.04
N VAL A 51 -8.20 -28.60 34.53
CA VAL A 51 -7.90 -27.30 33.96
C VAL A 51 -7.37 -26.36 35.04
N ASP A 52 -6.64 -25.31 34.59
CA ASP A 52 -6.17 -24.22 35.43
C ASP A 52 -6.62 -22.97 34.68
N PHE A 53 -7.75 -22.41 35.13
CA PHE A 53 -8.42 -21.33 34.39
C PHE A 53 -8.14 -19.97 34.97
N ARG A 54 -7.58 -19.05 34.11
CA ARG A 54 -7.21 -17.72 34.60
C ARG A 54 -7.54 -16.53 33.68
N GLN A 55 -7.69 -15.35 34.20
CA GLN A 55 -8.01 -14.20 33.34
C GLN A 55 -7.17 -13.03 33.79
N SER A 56 -6.67 -12.18 32.90
CA SER A 56 -5.92 -11.01 33.32
C SER A 56 -6.02 -9.91 32.25
N ASN A 57 -6.01 -8.68 32.73
CA ASN A 57 -5.96 -7.47 31.94
C ASN A 57 -4.58 -7.07 31.51
N HIS A 58 -3.57 -7.69 32.09
CA HIS A 58 -2.16 -7.33 31.97
C HIS A 58 -1.33 -8.19 31.10
N GLU A 59 -0.71 -7.57 30.08
CA GLU A 59 0.07 -8.25 29.11
C GLU A 59 1.26 -9.03 29.66
N GLY A 60 1.96 -8.37 30.63
CA GLY A 60 3.05 -9.03 31.27
C GLY A 60 2.72 -10.17 32.24
N GLU A 61 1.55 -10.10 32.84
CA GLU A 61 1.04 -11.18 33.71
C GLU A 61 0.82 -12.37 32.81
N LEU A 62 0.06 -12.17 31.66
CA LEU A 62 -0.10 -13.22 30.70
C LEU A 62 1.17 -13.90 30.27
N VAL A 63 2.24 -13.17 29.98
CA VAL A 63 3.58 -13.62 29.67
C VAL A 63 4.04 -14.57 30.79
N ASP A 64 3.99 -14.12 32.02
CA ASP A 64 4.41 -14.86 33.20
C ASP A 64 3.72 -16.21 33.29
N TRP A 65 2.38 -16.22 33.01
CA TRP A 65 1.57 -17.40 33.12
C TRP A 65 1.94 -18.43 32.06
N ILE A 66 2.29 -17.95 30.86
CA ILE A 66 2.73 -18.80 29.75
C ILE A 66 4.11 -19.45 30.09
N HIS A 67 4.95 -18.70 30.77
CA HIS A 67 6.24 -19.27 31.27
C HIS A 67 5.95 -20.40 32.26
N GLU A 68 4.99 -20.18 33.16
CA GLU A 68 4.62 -21.20 34.15
C GLU A 68 4.13 -22.44 33.46
N ALA A 69 3.23 -22.27 32.46
CA ALA A 69 2.69 -23.37 31.73
C ALA A 69 3.75 -24.23 31.05
N ARG A 70 4.76 -23.47 30.57
CA ARG A 70 5.83 -24.10 29.80
C ARG A 70 6.38 -25.25 30.60
N LEU A 71 6.46 -25.12 31.92
CA LEU A 71 7.04 -26.14 32.76
C LEU A 71 6.08 -27.03 33.51
N ASN A 72 4.85 -26.62 33.73
CA ASN A 72 3.92 -27.29 34.61
C ASN A 72 2.62 -27.77 34.03
N HIS A 73 2.34 -27.44 32.75
CA HIS A 73 1.04 -27.74 32.17
C HIS A 73 1.14 -28.57 30.92
N CYS A 74 0.07 -29.24 30.50
CA CYS A 74 0.15 -30.13 29.37
C CYS A 74 -0.19 -29.41 28.03
N GLY A 75 -0.64 -28.16 28.13
CA GLY A 75 -1.06 -27.43 26.92
C GLY A 75 -1.78 -26.17 27.33
N ILE A 76 -1.98 -25.28 26.39
CA ILE A 76 -2.60 -23.99 26.62
C ILE A 76 -3.76 -23.76 25.66
N VAL A 77 -4.88 -23.34 26.24
CA VAL A 77 -6.03 -22.88 25.42
C VAL A 77 -6.06 -21.35 25.74
N ILE A 78 -5.90 -20.48 24.78
CA ILE A 78 -5.86 -19.05 25.05
C ILE A 78 -6.82 -18.28 24.19
N ASN A 79 -7.56 -17.38 24.84
CA ASN A 79 -8.29 -16.30 24.22
C ASN A 79 -7.55 -15.03 24.60
N PRO A 80 -6.63 -14.52 23.76
CA PRO A 80 -5.86 -13.34 24.06
C PRO A 80 -6.69 -12.08 24.00
N ALA A 81 -7.94 -12.10 23.52
CA ALA A 81 -8.79 -10.93 23.45
C ALA A 81 -8.09 -9.79 22.72
N ALA A 82 -8.10 -8.54 23.15
CA ALA A 82 -7.45 -7.49 22.37
C ALA A 82 -5.99 -7.74 22.12
N TYR A 83 -5.29 -8.36 23.05
CA TYR A 83 -3.85 -8.65 22.89
C TYR A 83 -3.52 -9.57 21.75
N SER A 84 -4.50 -10.23 21.11
CA SER A 84 -4.30 -11.08 19.96
C SER A 84 -3.77 -10.16 18.84
N HIS A 85 -4.27 -8.93 18.79
CA HIS A 85 -4.00 -8.01 17.66
C HIS A 85 -2.79 -7.15 17.87
N THR A 86 -2.26 -7.13 19.11
CA THR A 86 -1.25 -6.17 19.47
C THR A 86 0.00 -6.75 20.12
N SER A 87 -0.08 -7.97 20.64
CA SER A 87 1.06 -8.46 21.50
C SER A 87 2.04 -9.43 20.91
N VAL A 88 3.14 -8.87 20.42
CA VAL A 88 4.34 -9.53 20.00
C VAL A 88 4.92 -10.20 21.29
N ALA A 89 4.75 -9.64 22.44
CA ALA A 89 5.28 -10.20 23.70
C ALA A 89 4.64 -11.51 24.11
N ILE A 90 3.32 -11.70 23.82
CA ILE A 90 2.59 -12.89 24.09
C ILE A 90 2.96 -13.94 23.12
N LEU A 91 3.06 -13.60 21.80
CA LEU A 91 3.52 -14.48 20.75
C LEU A 91 4.87 -15.08 21.20
N ASP A 92 5.84 -14.26 21.47
CA ASP A 92 7.21 -14.63 21.91
C ASP A 92 7.17 -15.51 23.17
N ALA A 93 6.32 -15.32 24.15
CA ALA A 93 6.18 -16.20 25.31
C ALA A 93 5.79 -17.58 24.85
N LEU A 94 4.77 -17.70 23.98
CA LEU A 94 4.38 -18.96 23.44
C LEU A 94 5.50 -19.65 22.68
N ASN A 95 6.34 -18.88 21.94
CA ASN A 95 7.46 -19.39 21.17
C ASN A 95 8.55 -19.94 22.11
N THR A 96 8.57 -19.69 23.37
CA THR A 96 9.56 -20.27 24.29
C THR A 96 9.11 -21.69 24.62
N CYS A 97 7.85 -22.07 24.40
CA CYS A 97 7.24 -23.34 24.75
C CYS A 97 7.38 -24.32 23.59
N ASP A 98 8.57 -24.88 23.54
CA ASP A 98 8.93 -25.87 22.52
C ASP A 98 8.01 -27.07 22.44
N GLY A 99 7.15 -27.17 21.39
CA GLY A 99 6.35 -28.39 21.31
C GLY A 99 5.10 -28.44 22.20
N LEU A 100 4.88 -27.44 23.05
CA LEU A 100 3.66 -27.46 23.90
C LEU A 100 2.43 -27.22 23.02
N PRO A 101 1.43 -28.01 23.01
CA PRO A 101 0.18 -27.74 22.31
C PRO A 101 -0.46 -26.42 22.71
N VAL A 102 -0.86 -25.62 21.67
CA VAL A 102 -1.50 -24.30 21.89
C VAL A 102 -2.72 -24.14 20.99
N VAL A 103 -3.88 -23.84 21.53
CA VAL A 103 -5.06 -23.56 20.75
C VAL A 103 -5.59 -22.15 21.02
N GLU A 104 -5.72 -21.28 20.03
CA GLU A 104 -6.25 -19.97 20.18
C GLU A 104 -7.75 -19.93 19.98
N VAL A 105 -8.46 -19.23 20.89
CA VAL A 105 -9.93 -19.20 20.73
C VAL A 105 -10.40 -17.75 20.71
N HIS A 106 -11.32 -17.39 19.74
CA HIS A 106 -12.00 -16.09 19.82
C HIS A 106 -13.50 -16.41 19.78
N ILE A 107 -14.27 -15.84 20.70
CA ILE A 107 -15.70 -16.06 20.85
C ILE A 107 -16.43 -15.62 19.57
N SER A 108 -16.12 -14.36 19.18
CA SER A 108 -16.71 -13.72 17.99
C SER A 108 -15.93 -14.08 16.74
N ASN A 109 -16.61 -13.94 15.56
CA ASN A 109 -15.94 -14.18 14.32
C ASN A 109 -15.19 -12.89 13.93
N ILE A 110 -13.93 -12.78 14.28
CA ILE A 110 -13.14 -11.61 14.08
C ILE A 110 -13.05 -11.21 12.61
N HIS A 111 -13.17 -12.11 11.69
CA HIS A 111 -13.09 -11.86 10.25
C HIS A 111 -14.30 -11.16 9.72
N GLN A 112 -15.39 -10.98 10.45
CA GLN A 112 -16.52 -10.20 10.03
C GLN A 112 -16.48 -8.82 10.66
N ARG A 113 -15.50 -8.60 11.55
CA ARG A 113 -15.47 -7.31 12.25
C ARG A 113 -14.54 -6.28 11.63
N GLU A 114 -14.11 -5.25 12.39
CA GLU A 114 -13.22 -4.25 11.82
C GLU A 114 -11.92 -4.88 11.38
N PRO A 115 -11.27 -4.30 10.38
CA PRO A 115 -10.06 -4.80 9.81
C PRO A 115 -8.91 -4.91 10.79
N PHE A 116 -8.85 -4.03 11.79
CA PHE A 116 -7.80 -4.15 12.81
C PHE A 116 -7.95 -5.46 13.62
N ARG A 117 -9.12 -6.12 13.60
CA ARG A 117 -9.33 -7.36 14.27
C ARG A 117 -8.94 -8.56 13.40
N HIS A 118 -8.60 -8.40 12.10
CA HIS A 118 -8.35 -9.51 11.20
C HIS A 118 -7.12 -10.34 11.45
N HIS A 119 -6.14 -9.72 12.04
CA HIS A 119 -4.82 -10.29 12.19
C HIS A 119 -4.64 -10.52 13.73
N SER A 120 -4.08 -11.65 14.03
CA SER A 120 -3.63 -12.06 15.35
C SER A 120 -2.13 -12.42 15.29
N TYR A 121 -1.30 -11.91 16.16
CA TYR A 121 0.06 -12.43 16.37
C TYR A 121 0.05 -13.86 16.90
N VAL A 122 -0.87 -14.17 17.84
CA VAL A 122 -0.87 -15.48 18.42
C VAL A 122 -1.07 -16.60 17.39
N SER A 123 -1.86 -16.34 16.31
CA SER A 123 -2.19 -17.33 15.35
C SER A 123 -0.94 -17.88 14.58
N GLN A 124 0.15 -17.10 14.49
CA GLN A 124 1.35 -17.70 13.86
C GLN A 124 2.01 -18.79 14.68
N ARG A 125 1.77 -18.92 15.97
CA ARG A 125 2.37 -19.93 16.80
C ARG A 125 1.32 -20.98 17.20
N ALA A 126 0.03 -20.54 17.37
CA ALA A 126 -0.99 -21.47 17.83
C ALA A 126 -1.10 -22.69 16.94
N ASP A 127 -1.20 -23.95 17.40
CA ASP A 127 -1.39 -25.08 16.55
C ASP A 127 -2.70 -25.01 15.75
N GLY A 128 -3.76 -24.66 16.42
CA GLY A 128 -5.11 -24.53 15.98
C GLY A 128 -5.71 -23.18 16.37
N VAL A 129 -6.61 -22.64 15.63
CA VAL A 129 -7.34 -21.42 15.87
C VAL A 129 -8.83 -21.61 15.62
N VAL A 130 -9.63 -21.25 16.62
CA VAL A 130 -11.08 -21.37 16.50
C VAL A 130 -11.66 -19.99 16.60
N ALA A 131 -12.60 -19.54 15.78
CA ALA A 131 -13.24 -18.27 15.88
C ALA A 131 -14.77 -18.31 15.58
N GLY A 132 -15.49 -17.47 16.27
CA GLY A 132 -16.92 -17.40 16.02
C GLY A 132 -17.77 -18.62 16.45
N CYS A 133 -17.24 -19.50 17.23
CA CYS A 133 -18.02 -20.66 17.67
C CYS A 133 -18.55 -20.38 19.08
N GLY A 134 -18.65 -19.12 19.46
CA GLY A 134 -19.16 -18.78 20.76
C GLY A 134 -18.24 -19.36 21.85
N VAL A 135 -18.87 -19.45 23.05
CA VAL A 135 -18.10 -20.04 24.17
C VAL A 135 -17.85 -21.55 23.99
N GLN A 136 -18.58 -22.20 23.09
CA GLN A 136 -18.39 -23.58 22.68
C GLN A 136 -16.98 -23.70 22.08
N GLY A 137 -16.43 -22.56 21.51
CA GLY A 137 -15.06 -22.76 21.04
C GLY A 137 -13.98 -23.06 22.07
N TYR A 138 -14.27 -22.75 23.33
CA TYR A 138 -13.25 -23.20 24.38
C TYR A 138 -13.32 -24.74 24.55
N VAL A 139 -14.51 -25.35 24.37
CA VAL A 139 -14.75 -26.77 24.48
C VAL A 139 -13.93 -27.43 23.36
N PHE A 140 -14.00 -26.87 22.11
CA PHE A 140 -13.21 -27.35 21.01
C PHE A 140 -11.74 -27.26 21.36
N GLY A 141 -11.30 -26.11 21.91
CA GLY A 141 -9.94 -25.96 22.39
C GLY A 141 -9.44 -27.07 23.25
N VAL A 142 -10.20 -27.38 24.36
CA VAL A 142 -9.84 -28.41 25.29
C VAL A 142 -9.77 -29.79 24.55
N GLU A 143 -10.76 -30.13 23.71
CA GLU A 143 -10.74 -31.32 22.95
C GLU A 143 -9.52 -31.49 22.05
N ARG A 144 -9.09 -30.41 21.44
CA ARG A 144 -7.92 -30.42 20.61
C ARG A 144 -6.62 -30.58 21.38
N ILE A 145 -6.57 -30.04 22.58
CA ILE A 145 -5.39 -30.23 23.47
C ILE A 145 -5.33 -31.72 23.84
N ALA A 146 -6.49 -32.25 24.11
CA ALA A 146 -6.61 -33.66 24.51
C ALA A 146 -6.04 -34.56 23.43
N ALA A 147 -6.46 -34.33 22.18
CA ALA A 147 -5.97 -35.10 21.06
C ALA A 147 -4.47 -34.94 20.86
N LEU A 148 -3.96 -33.74 20.97
CA LEU A 148 -2.56 -33.47 20.75
C LEU A 148 -1.67 -33.93 21.90
N ALA A 149 -2.17 -33.96 23.12
CA ALA A 149 -1.33 -34.27 24.28
C ALA A 149 -1.05 -35.76 24.29
N GLY A 150 -1.81 -36.49 23.50
CA GLY A 150 -1.69 -37.91 23.25
C GLY A 150 -0.72 -38.09 22.06
N ARG B 2 -26.05 7.88 34.69
CA ARG B 2 -25.78 8.69 35.93
C ARG B 2 -25.46 10.16 35.71
N SER B 3 -25.99 11.09 36.50
CA SER B 3 -25.80 12.52 36.37
C SER B 3 -24.51 13.00 37.04
N LEU B 4 -24.04 14.23 36.75
CA LEU B 4 -22.94 14.80 37.49
C LEU B 4 -23.21 15.03 38.97
N ALA B 5 -24.47 15.20 39.40
CA ALA B 5 -24.75 15.39 40.82
C ALA B 5 -24.61 14.14 41.61
N ASN B 6 -24.79 12.97 40.95
CA ASN B 6 -24.73 11.72 41.66
C ASN B 6 -23.41 10.95 41.61
N ALA B 7 -22.54 11.27 40.64
CA ALA B 7 -21.27 10.52 40.56
C ALA B 7 -20.19 11.34 39.88
N PRO B 8 -18.93 11.12 40.22
CA PRO B 8 -17.86 11.89 39.66
C PRO B 8 -17.58 11.53 38.21
N ILE B 9 -16.90 12.48 37.59
CA ILE B 9 -16.31 12.30 36.26
C ILE B 9 -14.96 11.61 36.47
N MET B 10 -14.74 10.46 35.76
CA MET B 10 -13.39 9.89 35.86
C MET B 10 -12.47 10.58 34.85
N ILE B 11 -11.27 10.96 35.24
CA ILE B 11 -10.26 11.61 34.45
C ILE B 11 -9.00 10.76 34.46
N LEU B 12 -8.80 10.06 33.35
CA LEU B 12 -7.67 9.16 33.20
C LEU B 12 -6.59 9.69 32.32
N ASN B 13 -5.31 9.41 32.77
CA ASN B 13 -4.09 9.85 32.18
C ASN B 13 -3.15 8.68 31.89
N GLY B 14 -2.67 8.51 30.67
CA GLY B 14 -1.83 7.41 30.28
C GLY B 14 -0.34 7.59 30.65
N PRO B 15 0.49 6.79 30.02
CA PRO B 15 1.92 6.65 30.36
C PRO B 15 2.72 7.88 30.09
N ASN B 16 3.77 8.22 30.96
CA ASN B 16 4.66 9.34 30.87
C ASN B 16 4.00 10.62 31.30
N LEU B 17 2.66 10.72 31.49
CA LEU B 17 2.01 11.97 31.93
C LEU B 17 2.36 12.40 33.34
N ASN B 18 2.85 11.40 34.17
CA ASN B 18 3.34 11.80 35.49
C ASN B 18 4.41 12.88 35.30
N LEU B 19 5.21 12.91 34.27
CA LEU B 19 6.20 13.95 34.02
C LEU B 19 5.81 15.22 33.36
N LEU B 20 4.49 15.46 33.13
CA LEU B 20 3.97 16.68 32.53
C LEU B 20 4.39 17.95 33.32
N GLY B 21 4.99 18.82 32.55
CA GLY B 21 5.44 20.10 33.05
C GLY B 21 6.93 20.03 33.33
N GLN B 22 7.51 18.87 33.40
CA GLN B 22 8.89 18.66 33.69
C GLN B 22 9.62 18.19 32.44
N ALA B 23 9.02 17.39 31.58
CA ALA B 23 9.69 16.93 30.38
C ALA B 23 9.07 17.54 29.13
N GLN B 24 9.90 17.72 28.11
CA GLN B 24 9.50 18.29 26.82
C GLN B 24 8.47 19.39 26.94
N PRO B 25 8.82 20.49 27.62
CA PRO B 25 7.96 21.60 27.83
C PRO B 25 7.60 22.37 26.57
N GLU B 26 8.48 22.25 25.57
CA GLU B 26 8.22 22.91 24.31
C GLU B 26 7.11 22.21 23.53
N ILE B 27 6.81 20.95 23.86
CA ILE B 27 5.74 20.23 23.19
C ILE B 27 4.50 20.18 24.09
N TYR B 28 4.65 19.92 25.40
CA TYR B 28 3.45 19.69 26.19
C TYR B 28 3.21 20.78 27.26
N GLY B 29 3.94 21.83 27.31
CA GLY B 29 3.74 22.93 28.24
C GLY B 29 4.44 22.80 29.58
N SER B 30 4.30 23.80 30.46
CA SER B 30 4.96 23.84 31.73
C SER B 30 4.01 23.62 32.89
N ASP B 31 2.73 23.40 32.63
CA ASP B 31 1.79 23.05 33.66
C ASP B 31 1.94 21.59 34.07
N THR B 32 1.78 21.32 35.34
CA THR B 32 1.92 19.92 35.80
C THR B 32 0.63 19.17 35.86
N LEU B 33 0.73 17.86 36.07
CA LEU B 33 -0.48 17.07 36.23
C LEU B 33 -1.33 17.57 37.38
N ALA B 34 -0.75 17.98 38.50
CA ALA B 34 -1.53 18.60 39.57
C ALA B 34 -2.23 19.86 39.15
N ASP B 35 -1.65 20.75 38.36
CA ASP B 35 -2.26 21.92 37.82
C ASP B 35 -3.48 21.53 36.97
N VAL B 36 -3.28 20.51 36.16
CA VAL B 36 -4.43 20.00 35.36
C VAL B 36 -5.53 19.45 36.25
N GLU B 37 -5.20 18.74 37.34
CA GLU B 37 -6.28 18.24 38.19
C GLU B 37 -7.09 19.39 38.79
N ALA B 38 -6.41 20.43 39.27
CA ALA B 38 -7.06 21.66 39.77
C ALA B 38 -7.96 22.29 38.72
N LEU B 39 -7.57 22.47 37.46
CA LEU B 39 -8.46 22.98 36.44
C LEU B 39 -9.75 22.15 36.38
N CYS B 40 -9.66 20.84 36.23
CA CYS B 40 -10.74 19.89 36.18
C CYS B 40 -11.72 19.98 37.31
N VAL B 41 -11.16 20.05 38.52
CA VAL B 41 -12.01 20.21 39.74
C VAL B 41 -12.83 21.46 39.71
N LYS B 42 -12.25 22.56 39.24
CA LYS B 42 -12.89 23.86 39.18
C LYS B 42 -13.94 23.88 38.08
N ALA B 43 -13.66 23.29 36.95
CA ALA B 43 -14.66 23.22 35.86
C ALA B 43 -15.82 22.35 36.33
N ALA B 44 -15.58 21.17 36.90
CA ALA B 44 -16.72 20.35 37.34
C ALA B 44 -17.54 21.05 38.45
N ALA B 45 -16.89 21.71 39.36
CA ALA B 45 -17.64 22.39 40.47
C ALA B 45 -18.62 23.42 39.97
N ALA B 46 -18.37 24.14 38.87
CA ALA B 46 -19.31 25.08 38.28
C ALA B 46 -20.54 24.35 37.76
N HIS B 47 -20.59 23.05 37.54
CA HIS B 47 -21.74 22.32 37.07
C HIS B 47 -22.34 21.50 38.19
N GLY B 48 -21.78 21.60 39.39
CA GLY B 48 -22.25 20.86 40.53
C GLY B 48 -21.70 19.44 40.55
N GLY B 49 -20.55 19.23 39.85
CA GLY B 49 -20.00 17.90 39.79
C GLY B 49 -18.67 17.82 40.56
N THR B 50 -18.09 16.61 40.47
CA THR B 50 -16.77 16.34 41.03
C THR B 50 -15.98 15.44 40.05
N VAL B 51 -14.72 15.25 40.26
CA VAL B 51 -13.80 14.48 39.47
C VAL B 51 -12.99 13.51 40.29
N ASP B 52 -12.67 12.43 39.70
CA ASP B 52 -11.78 11.33 40.13
C ASP B 52 -10.62 11.29 39.11
N PHE B 53 -9.46 11.84 39.40
CA PHE B 53 -8.31 12.08 38.56
C PHE B 53 -7.13 11.18 38.87
N ARG B 54 -6.77 10.36 37.86
CA ARG B 54 -5.73 9.36 38.06
C ARG B 54 -4.76 9.26 36.93
N GLN B 55 -3.53 8.75 37.17
CA GLN B 55 -2.54 8.52 36.13
C GLN B 55 -1.86 7.17 36.26
N SER B 56 -1.63 6.49 35.14
CA SER B 56 -0.94 5.20 35.18
C SER B 56 -0.05 5.00 33.95
N ASN B 57 1.08 4.31 34.14
CA ASN B 57 1.86 3.88 32.96
C ASN B 57 1.47 2.47 32.49
N HIS B 58 0.54 1.78 33.18
CA HIS B 58 0.19 0.41 32.82
C HIS B 58 -1.17 0.26 32.09
N GLU B 59 -1.09 -0.36 30.92
CA GLU B 59 -2.27 -0.57 30.09
C GLU B 59 -3.43 -1.20 30.82
N GLY B 60 -3.13 -2.36 31.49
CA GLY B 60 -4.10 -3.14 32.27
C GLY B 60 -4.69 -2.42 33.46
N GLU B 61 -3.95 -1.47 34.09
CA GLU B 61 -4.52 -0.71 35.20
C GLU B 61 -5.56 0.28 34.72
N LEU B 62 -5.26 0.85 33.52
CA LEU B 62 -6.20 1.72 32.79
C LEU B 62 -7.47 0.96 32.38
N VAL B 63 -7.31 -0.26 31.90
CA VAL B 63 -8.43 -1.14 31.62
C VAL B 63 -9.27 -1.30 32.88
N ASP B 64 -8.57 -1.56 34.00
CA ASP B 64 -9.37 -1.80 35.27
C ASP B 64 -10.14 -0.60 35.75
N TRP B 65 -9.54 0.60 35.62
CA TRP B 65 -10.17 1.87 36.01
C TRP B 65 -11.35 2.17 35.09
N ILE B 66 -11.20 1.79 33.83
CA ILE B 66 -12.38 1.97 32.90
C ILE B 66 -13.56 1.13 33.36
N HIS B 67 -13.30 -0.14 33.72
CA HIS B 67 -14.32 -1.03 34.24
C HIS B 67 -14.97 -0.45 35.51
N GLU B 68 -14.21 0.23 36.34
CA GLU B 68 -14.71 0.85 37.55
C GLU B 68 -15.65 1.99 37.26
N ALA B 69 -15.29 2.79 36.26
CA ALA B 69 -16.05 3.93 35.82
C ALA B 69 -17.37 3.52 35.20
N ARG B 70 -17.35 2.34 34.57
CA ARG B 70 -18.50 1.77 33.92
C ARG B 70 -19.67 1.62 34.91
N LEU B 71 -19.33 1.34 36.15
CA LEU B 71 -20.35 1.15 37.16
C LEU B 71 -20.56 2.32 38.12
N ASN B 72 -19.58 3.16 38.35
CA ASN B 72 -19.52 4.17 39.35
C ASN B 72 -19.41 5.62 38.99
N HIS B 73 -19.16 5.96 37.71
CA HIS B 73 -18.90 7.30 37.32
C HIS B 73 -19.83 7.84 36.27
N CYS B 74 -19.93 9.13 36.07
CA CYS B 74 -20.90 9.63 35.12
C CYS B 74 -20.38 9.85 33.72
N GLY B 75 -19.10 9.68 33.57
CA GLY B 75 -18.46 9.77 32.23
C GLY B 75 -16.95 9.65 32.40
N ILE B 76 -16.24 9.67 31.26
CA ILE B 76 -14.80 9.53 31.28
C ILE B 76 -14.10 10.56 30.39
N VAL B 77 -13.16 11.32 30.92
CA VAL B 77 -12.27 12.13 30.12
C VAL B 77 -10.94 11.38 30.13
N ILE B 78 -10.42 11.03 28.95
CA ILE B 78 -9.15 10.32 28.94
C ILE B 78 -8.13 10.89 27.99
N ASN B 79 -6.91 11.01 28.46
CA ASN B 79 -5.75 11.26 27.66
C ASN B 79 -4.97 9.98 27.71
N PRO B 80 -5.09 9.10 26.73
CA PRO B 80 -4.42 7.78 26.73
C PRO B 80 -2.94 7.85 26.46
N ALA B 81 -2.37 9.02 26.06
CA ALA B 81 -1.00 9.22 25.80
C ALA B 81 -0.53 8.22 24.77
N ALA B 82 0.65 7.61 24.90
CA ALA B 82 1.07 6.66 23.92
C ALA B 82 0.08 5.56 23.55
N TYR B 83 -0.70 5.06 24.54
CA TYR B 83 -1.61 3.97 24.38
C TYR B 83 -2.75 4.35 23.44
N SER B 84 -2.90 5.61 23.16
CA SER B 84 -3.92 5.96 22.12
C SER B 84 -3.61 5.20 20.83
N HIS B 85 -2.28 5.16 20.51
CA HIS B 85 -1.85 4.64 19.21
C HIS B 85 -1.73 3.13 19.14
N THR B 86 -1.63 2.51 20.40
CA THR B 86 -1.33 1.10 20.41
C THR B 86 -2.37 0.20 21.05
N SER B 87 -3.16 0.71 21.95
CA SER B 87 -4.07 -0.15 22.76
C SER B 87 -5.50 -0.42 22.24
N VAL B 88 -5.64 -1.52 21.59
CA VAL B 88 -7.00 -2.07 21.29
C VAL B 88 -7.61 -2.47 22.65
N ALA B 89 -6.84 -2.84 23.68
CA ALA B 89 -7.42 -3.26 24.95
C ALA B 89 -8.12 -2.11 25.62
N ILE B 90 -7.66 -0.87 25.51
CA ILE B 90 -8.30 0.27 26.15
C ILE B 90 -9.54 0.57 25.33
N LEU B 91 -9.46 0.54 24.02
CA LEU B 91 -10.65 0.72 23.14
C LEU B 91 -11.76 -0.21 23.63
N ASP B 92 -11.44 -1.48 23.67
CA ASP B 92 -12.35 -2.51 24.12
C ASP B 92 -12.93 -2.29 25.49
N ALA B 93 -12.19 -1.86 26.47
CA ALA B 93 -12.69 -1.49 27.75
C ALA B 93 -13.71 -0.38 27.67
N LEU B 94 -13.55 0.63 26.84
CA LEU B 94 -14.47 1.73 26.62
C LEU B 94 -15.72 1.20 25.91
N ASN B 95 -15.55 0.18 25.08
CA ASN B 95 -16.68 -0.40 24.39
C ASN B 95 -17.61 -1.28 25.29
N THR B 96 -17.17 -1.65 26.45
CA THR B 96 -18.04 -2.34 27.39
C THR B 96 -18.95 -1.36 28.15
N CYS B 97 -18.75 -0.09 28.07
CA CYS B 97 -19.39 1.03 28.69
C CYS B 97 -20.49 1.60 27.78
N ASP B 98 -21.57 0.88 27.76
CA ASP B 98 -22.76 1.12 26.94
C ASP B 98 -23.38 2.50 27.27
N GLY B 99 -23.22 3.43 26.31
CA GLY B 99 -23.85 4.73 26.58
C GLY B 99 -23.08 5.66 27.49
N LEU B 100 -22.01 5.30 28.18
CA LEU B 100 -21.30 6.24 29.04
C LEU B 100 -20.58 7.28 28.16
N PRO B 101 -20.76 8.59 28.44
CA PRO B 101 -20.09 9.65 27.68
C PRO B 101 -18.60 9.52 27.86
N VAL B 102 -17.86 9.63 26.76
CA VAL B 102 -16.41 9.56 26.73
C VAL B 102 -15.78 10.65 25.90
N VAL B 103 -14.82 11.41 26.35
CA VAL B 103 -14.10 12.42 25.61
C VAL B 103 -12.61 12.13 25.68
N GLU B 104 -12.01 12.01 24.47
CA GLU B 104 -10.53 11.75 24.45
C GLU B 104 -9.84 13.08 24.35
N VAL B 105 -8.70 13.32 24.97
CA VAL B 105 -7.94 14.55 24.94
C VAL B 105 -6.46 14.30 24.66
N HIS B 106 -5.90 15.06 23.71
CA HIS B 106 -4.44 15.05 23.51
C HIS B 106 -3.93 16.49 23.70
N ILE B 107 -2.92 16.75 24.57
CA ILE B 107 -2.42 18.05 24.79
C ILE B 107 -1.85 18.64 23.50
N SER B 108 -1.03 17.85 22.81
CA SER B 108 -0.42 18.27 21.55
C SER B 108 -1.33 17.99 20.37
N ASN B 109 -1.02 18.70 19.27
CA ASN B 109 -1.79 18.45 18.03
C ASN B 109 -1.14 17.24 17.35
N ILE B 110 -1.63 16.05 17.61
CA ILE B 110 -1.04 14.81 17.09
C ILE B 110 -0.96 14.71 15.57
N HIS B 111 -1.86 15.42 14.87
CA HIS B 111 -1.89 15.52 13.41
C HIS B 111 -0.73 16.32 12.87
N GLN B 112 0.08 17.05 13.59
CA GLN B 112 1.25 17.77 13.15
C GLN B 112 2.52 16.93 13.44
N ARG B 113 2.32 15.81 14.18
CA ARG B 113 3.56 15.13 14.57
C ARG B 113 3.81 13.93 13.68
N GLU B 114 4.73 13.01 14.08
CA GLU B 114 5.00 11.82 13.25
C GLU B 114 3.75 11.07 12.84
N PRO B 115 3.74 10.41 11.70
CA PRO B 115 2.59 9.68 11.18
C PRO B 115 2.13 8.59 12.07
N PHE B 116 3.00 7.99 12.93
CA PHE B 116 2.55 6.96 13.88
C PHE B 116 1.59 7.58 14.91
N ARG B 117 1.61 8.90 15.13
CA ARG B 117 0.74 9.46 16.10
C ARG B 117 -0.58 9.92 15.47
N HIS B 118 -0.75 9.79 14.15
CA HIS B 118 -2.02 10.28 13.61
C HIS B 118 -3.26 9.50 13.88
N HIS B 119 -3.20 8.22 14.16
CA HIS B 119 -4.28 7.35 14.46
C HIS B 119 -4.39 7.03 15.95
N SER B 120 -5.59 7.06 16.41
CA SER B 120 -5.88 6.61 17.78
C SER B 120 -7.01 5.59 17.73
N TYR B 121 -6.87 4.48 18.41
CA TYR B 121 -7.89 3.49 18.60
C TYR B 121 -8.98 4.05 19.45
N VAL B 122 -8.65 4.87 20.45
CA VAL B 122 -9.66 5.43 21.35
C VAL B 122 -10.64 6.23 20.60
N SER B 123 -10.23 7.00 19.57
CA SER B 123 -11.14 7.85 18.84
C SER B 123 -12.34 7.18 18.21
N GLN B 124 -12.21 5.87 17.90
CA GLN B 124 -13.37 5.25 17.27
C GLN B 124 -14.55 5.01 18.26
N ARG B 125 -14.30 5.09 19.53
CA ARG B 125 -15.34 5.02 20.56
C ARG B 125 -15.69 6.36 21.21
N ALA B 126 -14.67 7.17 21.44
CA ALA B 126 -14.88 8.47 22.12
C ALA B 126 -16.06 9.21 21.44
N ASP B 127 -16.93 9.82 22.25
CA ASP B 127 -18.01 10.59 21.63
C ASP B 127 -17.37 11.86 21.00
N GLY B 128 -16.34 12.43 21.68
CA GLY B 128 -15.67 13.64 21.22
C GLY B 128 -14.15 13.51 21.42
N VAL B 129 -13.39 14.24 20.58
CA VAL B 129 -11.95 14.14 20.58
C VAL B 129 -11.37 15.55 20.53
N VAL B 130 -10.56 15.97 21.45
CA VAL B 130 -9.97 17.32 21.45
C VAL B 130 -8.48 17.17 21.27
N ALA B 131 -7.86 17.90 20.35
CA ALA B 131 -6.37 17.73 20.24
C ALA B 131 -5.67 19.08 20.08
N GLY B 132 -4.49 19.30 20.71
CA GLY B 132 -3.73 20.53 20.49
C GLY B 132 -4.36 21.76 21.17
N CYS B 133 -5.21 21.58 22.22
CA CYS B 133 -5.73 22.70 22.89
C CYS B 133 -5.01 22.78 24.26
N GLY B 134 -3.82 22.24 24.35
CA GLY B 134 -3.00 22.32 25.59
C GLY B 134 -3.80 21.71 26.72
N VAL B 135 -3.47 22.00 27.98
CA VAL B 135 -4.21 21.47 29.10
C VAL B 135 -5.63 22.01 29.23
N GLN B 136 -5.97 23.06 28.56
CA GLN B 136 -7.30 23.62 28.39
C GLN B 136 -8.19 22.55 27.79
N GLY B 137 -7.69 21.63 26.99
CA GLY B 137 -8.47 20.57 26.42
C GLY B 137 -9.12 19.69 27.48
N TYR B 138 -8.50 19.49 28.65
CA TYR B 138 -9.16 18.71 29.71
C TYR B 138 -10.43 19.42 30.17
N VAL B 139 -10.40 20.78 30.25
CA VAL B 139 -11.54 21.55 30.68
C VAL B 139 -12.64 21.39 29.62
N PHE B 140 -12.25 21.46 28.37
CA PHE B 140 -13.31 21.22 27.31
C PHE B 140 -13.93 19.83 27.51
N GLY B 141 -13.11 18.83 27.79
CA GLY B 141 -13.60 17.48 28.09
C GLY B 141 -14.60 17.44 29.23
N VAL B 142 -14.35 18.10 30.36
CA VAL B 142 -15.24 18.19 31.52
C VAL B 142 -16.52 18.86 31.08
N GLU B 143 -16.49 19.95 30.33
CA GLU B 143 -17.69 20.64 29.84
C GLU B 143 -18.57 19.88 28.87
N ARG B 144 -17.98 19.01 28.07
CA ARG B 144 -18.67 18.16 27.13
C ARG B 144 -19.36 16.99 27.93
N ILE B 145 -18.72 16.45 28.92
CA ILE B 145 -19.33 15.42 29.76
C ILE B 145 -20.51 16.00 30.50
N ALA B 146 -20.32 17.24 31.03
CA ALA B 146 -21.39 17.90 31.75
C ALA B 146 -22.59 18.04 30.78
N ALA B 147 -22.39 18.36 29.52
CA ALA B 147 -23.51 18.56 28.60
C ALA B 147 -24.15 17.25 28.21
N LEU B 148 -23.44 16.16 28.13
CA LEU B 148 -23.89 14.85 27.76
C LEU B 148 -24.59 14.17 28.94
N ALA B 149 -24.03 14.23 30.11
CA ALA B 149 -24.56 13.55 31.30
C ALA B 149 -25.83 14.34 31.55
N GLY B 150 -25.69 15.62 31.89
CA GLY B 150 -26.91 16.46 31.93
C GLY B 150 -27.43 16.51 30.47
N ARG C 2 25.13 12.44 33.64
CA ARG C 2 26.14 12.23 34.74
C ARG C 2 27.38 11.53 34.21
N SER C 3 28.45 11.31 34.97
CA SER C 3 29.62 10.57 34.44
C SER C 3 29.62 9.12 34.91
N LEU C 4 30.39 8.22 34.27
CA LEU C 4 30.44 6.83 34.71
C LEU C 4 30.97 6.69 36.13
N ALA C 5 31.87 7.59 36.55
CA ALA C 5 32.34 7.51 37.97
C ALA C 5 31.27 7.84 38.96
N ASN C 6 30.34 8.74 38.63
CA ASN C 6 29.33 9.22 39.54
C ASN C 6 28.00 8.50 39.54
N ALA C 7 27.73 7.65 38.53
CA ALA C 7 26.41 6.95 38.53
C ALA C 7 26.45 5.76 37.64
N PRO C 8 25.75 4.70 37.97
CA PRO C 8 25.74 3.49 37.22
C PRO C 8 25.00 3.67 35.87
N ILE C 9 25.39 2.84 34.99
CA ILE C 9 24.80 2.63 33.68
C ILE C 9 23.54 1.77 33.93
N MET C 10 22.30 2.17 33.56
CA MET C 10 21.16 1.30 33.55
C MET C 10 21.08 0.29 32.45
N ILE C 11 20.97 -1.02 32.63
CA ILE C 11 20.94 -2.07 31.67
C ILE C 11 19.55 -2.71 31.80
N LEU C 12 18.66 -2.46 30.78
CA LEU C 12 17.26 -2.87 30.88
C LEU C 12 16.92 -3.95 29.89
N ASN C 13 16.26 -4.99 30.21
CA ASN C 13 15.85 -6.11 29.42
C ASN C 13 14.33 -6.26 29.49
N GLY C 14 13.75 -6.39 28.27
CA GLY C 14 12.31 -6.57 28.14
C GLY C 14 11.85 -8.00 28.29
N PRO C 15 10.62 -8.34 27.79
CA PRO C 15 9.87 -9.49 28.11
C PRO C 15 10.54 -10.75 27.60
N ASN C 16 10.40 -11.89 28.29
CA ASN C 16 10.87 -13.20 27.92
C ASN C 16 12.40 -13.41 28.02
N LEU C 17 13.14 -12.38 28.26
CA LEU C 17 14.61 -12.42 28.36
C LEU C 17 15.06 -13.05 29.68
N ASN C 18 14.18 -13.13 30.64
CA ASN C 18 14.38 -14.00 31.82
C ASN C 18 14.69 -15.45 31.47
N LEU C 19 14.21 -16.00 30.33
CA LEU C 19 14.51 -17.29 29.85
C LEU C 19 15.77 -17.42 28.95
N LEU C 20 16.54 -16.35 28.85
CA LEU C 20 17.73 -16.37 28.00
C LEU C 20 18.64 -17.55 28.38
N GLY C 21 18.98 -18.32 27.43
CA GLY C 21 19.85 -19.45 27.55
C GLY C 21 19.06 -20.74 27.70
N GLN C 22 17.83 -20.70 28.17
CA GLN C 22 17.00 -21.87 28.35
C GLN C 22 16.11 -22.05 27.13
N ALA C 23 15.55 -21.02 26.54
CA ALA C 23 14.66 -21.21 25.39
C ALA C 23 15.24 -20.72 24.09
N GLN C 24 14.90 -21.38 22.99
CA GLN C 24 15.31 -21.07 21.62
C GLN C 24 16.78 -20.75 21.50
N PRO C 25 17.66 -21.61 22.04
CA PRO C 25 19.11 -21.40 22.03
C PRO C 25 19.70 -21.30 20.65
N GLU C 26 19.02 -21.82 19.65
CA GLU C 26 19.49 -21.74 18.28
C GLU C 26 19.35 -20.33 17.72
N ILE C 27 18.45 -19.56 18.31
CA ILE C 27 18.26 -18.17 17.88
C ILE C 27 19.02 -17.23 18.81
N TYR C 28 18.91 -17.44 20.11
CA TYR C 28 19.45 -16.54 21.10
C TYR C 28 20.62 -17.03 21.91
N GLY C 29 21.12 -18.20 21.63
CA GLY C 29 22.34 -18.60 22.38
C GLY C 29 22.08 -19.36 23.65
N SER C 30 23.16 -19.77 24.34
CA SER C 30 23.11 -20.60 25.52
C SER C 30 23.62 -19.92 26.76
N ASP C 31 23.99 -18.66 26.66
CA ASP C 31 24.39 -17.85 27.79
C ASP C 31 23.12 -17.29 28.43
N THR C 32 23.17 -17.25 29.75
CA THR C 32 22.00 -16.78 30.51
C THR C 32 22.07 -15.32 30.76
N LEU C 33 20.91 -14.77 31.24
CA LEU C 33 20.85 -13.38 31.61
C LEU C 33 21.89 -13.04 32.70
N ALA C 34 22.16 -13.84 33.65
CA ALA C 34 23.21 -13.78 34.68
C ALA C 34 24.60 -13.66 34.05
N ASP C 35 24.83 -14.44 33.01
CA ASP C 35 26.06 -14.44 32.21
C ASP C 35 26.22 -13.06 31.59
N VAL C 36 25.10 -12.52 31.01
CA VAL C 36 25.17 -11.22 30.39
C VAL C 36 25.48 -10.17 31.40
N GLU C 37 24.80 -10.25 32.55
CA GLU C 37 25.04 -9.29 33.58
C GLU C 37 26.53 -9.20 33.98
N ALA C 38 27.13 -10.35 34.10
CA ALA C 38 28.57 -10.36 34.46
C ALA C 38 29.42 -9.81 33.35
N LEU C 39 29.16 -9.95 32.08
CA LEU C 39 29.89 -9.36 31.00
C LEU C 39 29.86 -7.87 31.13
N CYS C 40 28.75 -7.24 31.46
CA CYS C 40 28.40 -5.88 31.60
C CYS C 40 29.15 -5.27 32.79
N VAL C 41 29.13 -5.96 33.90
CA VAL C 41 29.86 -5.61 35.12
C VAL C 41 31.34 -5.52 34.86
N LYS C 42 31.86 -6.49 34.10
CA LYS C 42 33.29 -6.45 33.74
C LYS C 42 33.65 -5.35 32.82
N ALA C 43 32.85 -5.13 31.72
CA ALA C 43 33.12 -4.07 30.79
C ALA C 43 33.01 -2.74 31.47
N ALA C 44 32.06 -2.42 32.31
CA ALA C 44 31.89 -1.17 32.98
C ALA C 44 33.09 -0.96 33.95
N ALA C 45 33.57 -2.03 34.54
CA ALA C 45 34.67 -1.92 35.56
C ALA C 45 35.95 -1.45 34.86
N ALA C 46 36.21 -1.92 33.64
CA ALA C 46 37.36 -1.41 32.88
C ALA C 46 37.33 0.09 32.66
N HIS C 47 36.22 0.81 32.60
CA HIS C 47 36.07 2.22 32.44
C HIS C 47 35.87 2.94 33.74
N GLY C 48 35.86 2.25 34.88
CA GLY C 48 35.71 2.83 36.19
C GLY C 48 34.23 3.00 36.54
N GLY C 49 33.38 2.22 35.82
CA GLY C 49 31.96 2.49 36.11
C GLY C 49 31.35 1.27 36.71
N THR C 50 30.03 1.30 36.90
CA THR C 50 29.22 0.23 37.37
C THR C 50 27.88 0.11 36.55
N VAL C 51 27.20 -0.98 36.81
CA VAL C 51 25.91 -1.25 36.17
C VAL C 51 24.79 -1.59 37.09
N ASP C 52 23.53 -1.32 36.67
CA ASP C 52 22.32 -1.54 37.42
C ASP C 52 21.48 -2.35 36.43
N PHE C 53 21.50 -3.65 36.55
CA PHE C 53 20.97 -4.59 35.56
C PHE C 53 19.62 -5.16 35.93
N ARG C 54 18.60 -5.12 35.04
CA ARG C 54 17.26 -5.41 35.41
C ARG C 54 16.44 -5.96 34.20
N GLN C 55 15.50 -6.83 34.54
CA GLN C 55 14.61 -7.38 33.49
C GLN C 55 13.16 -7.24 33.93
N SER C 56 12.23 -7.13 32.94
CA SER C 56 10.80 -7.16 33.26
C SER C 56 9.98 -7.55 32.02
N ASN C 57 8.86 -8.17 32.27
CA ASN C 57 7.87 -8.52 31.31
C ASN C 57 6.78 -7.46 31.21
N HIS C 58 6.84 -6.38 31.94
CA HIS C 58 5.82 -5.36 32.00
C HIS C 58 6.21 -4.04 31.36
N GLU C 59 5.50 -3.60 30.32
CA GLU C 59 5.76 -2.40 29.58
C GLU C 59 5.84 -1.23 30.55
N GLY C 60 4.85 -1.08 31.48
CA GLY C 60 4.81 0.04 32.40
C GLY C 60 5.98 0.07 33.47
N GLU C 61 6.39 -1.07 33.85
CA GLU C 61 7.58 -1.14 34.79
C GLU C 61 8.83 -0.69 34.03
N LEU C 62 9.02 -1.06 32.79
CA LEU C 62 10.11 -0.59 31.97
C LEU C 62 10.06 0.91 31.83
N VAL C 63 8.86 1.56 31.60
CA VAL C 63 8.66 2.96 31.57
C VAL C 63 9.17 3.61 32.88
N ASP C 64 8.67 3.05 34.00
CA ASP C 64 9.07 3.58 35.34
C ASP C 64 10.60 3.53 35.54
N TRP C 65 11.25 2.47 35.09
CA TRP C 65 12.74 2.39 35.28
C TRP C 65 13.52 3.32 34.36
N ILE C 66 12.95 3.65 33.18
CA ILE C 66 13.53 4.71 32.36
C ILE C 66 13.43 6.02 33.04
N HIS C 67 12.27 6.34 33.68
CA HIS C 67 12.08 7.56 34.41
C HIS C 67 13.09 7.69 35.59
N GLU C 68 13.36 6.62 36.20
CA GLU C 68 14.38 6.54 37.30
C GLU C 68 15.77 6.79 36.76
N ALA C 69 16.07 6.29 35.59
CA ALA C 69 17.38 6.48 34.96
C ALA C 69 17.64 7.91 34.66
N ARG C 70 16.57 8.56 34.20
CA ARG C 70 16.48 9.93 33.78
C ARG C 70 17.10 10.86 34.80
N LEU C 71 16.98 10.55 36.07
CA LEU C 71 17.46 11.24 37.21
C LEU C 71 18.72 10.68 37.86
N ASN C 72 19.04 9.42 37.81
CA ASN C 72 20.01 8.76 38.62
C ASN C 72 21.12 7.98 37.96
N HIS C 73 21.08 7.79 36.66
CA HIS C 73 22.04 6.96 35.94
C HIS C 73 22.70 7.73 34.84
N CYS C 74 23.82 7.24 34.31
CA CYS C 74 24.61 7.96 33.36
C CYS C 74 24.30 7.57 31.91
N GLY C 75 23.43 6.61 31.74
CA GLY C 75 23.03 6.20 30.36
C GLY C 75 22.24 4.96 30.41
N ILE C 76 21.56 4.57 29.30
CA ILE C 76 20.87 3.30 29.22
C ILE C 76 21.23 2.37 28.11
N VAL C 77 21.51 1.14 28.37
CA VAL C 77 21.66 0.05 27.41
C VAL C 77 20.33 -0.70 27.56
N ILE C 78 19.52 -0.81 26.44
CA ILE C 78 18.24 -1.45 26.54
C ILE C 78 18.09 -2.47 25.38
N ASN C 79 17.52 -3.61 25.75
CA ASN C 79 17.09 -4.69 24.94
C ASN C 79 15.58 -4.68 25.20
N PRO C 80 14.81 -4.01 24.41
CA PRO C 80 13.34 -4.01 24.58
C PRO C 80 12.65 -5.28 24.26
N ALA C 81 13.30 -6.25 23.60
CA ALA C 81 12.78 -7.52 23.20
C ALA C 81 11.47 -7.27 22.43
N ALA C 82 10.38 -7.91 22.69
CA ALA C 82 9.19 -7.73 21.75
C ALA C 82 8.64 -6.30 21.84
N TYR C 83 8.86 -5.52 22.90
CA TYR C 83 8.33 -4.18 23.03
C TYR C 83 8.97 -3.22 22.00
N SER C 84 10.16 -3.67 21.55
CA SER C 84 10.83 -2.84 20.53
C SER C 84 9.81 -2.55 19.34
N HIS C 85 9.07 -3.56 19.00
CA HIS C 85 8.10 -3.53 17.90
C HIS C 85 6.78 -2.90 18.15
N THR C 86 6.36 -2.90 19.39
CA THR C 86 5.04 -2.49 19.75
C THR C 86 4.94 -1.23 20.57
N SER C 87 5.84 -0.82 21.48
CA SER C 87 5.74 0.15 22.47
C SER C 87 6.18 1.58 22.11
N VAL C 88 5.16 2.36 21.80
CA VAL C 88 5.26 3.78 21.70
C VAL C 88 5.50 4.34 23.12
N ALA C 89 4.96 3.67 24.13
CA ALA C 89 5.15 4.14 25.50
C ALA C 89 6.62 4.15 25.93
N ILE C 90 7.34 3.14 25.59
CA ILE C 90 8.80 3.06 25.96
C ILE C 90 9.51 4.13 25.19
N LEU C 91 9.27 4.30 23.86
CA LEU C 91 9.89 5.32 23.08
C LEU C 91 9.70 6.68 23.72
N ASP C 92 8.43 6.95 24.16
CA ASP C 92 8.11 8.24 24.80
C ASP C 92 8.87 8.43 26.11
N ALA C 93 8.97 7.42 26.90
CA ALA C 93 9.76 7.42 28.15
C ALA C 93 11.22 7.81 27.84
N LEU C 94 11.85 7.19 26.90
CA LEU C 94 13.19 7.55 26.41
C LEU C 94 13.28 8.97 25.91
N ASN C 95 12.16 9.45 25.27
CA ASN C 95 12.14 10.83 24.82
C ASN C 95 12.17 11.84 25.95
N THR C 96 11.78 11.53 27.16
CA THR C 96 11.74 12.49 28.27
C THR C 96 13.17 12.68 28.85
N CYS C 97 14.08 11.88 28.46
CA CYS C 97 15.47 11.82 28.90
C CYS C 97 16.35 12.65 27.96
N ASP C 98 16.22 13.94 28.08
CA ASP C 98 16.95 14.95 27.32
C ASP C 98 18.46 14.76 27.40
N GLY C 99 19.11 14.36 26.31
CA GLY C 99 20.51 14.17 26.25
C GLY C 99 21.16 12.96 26.86
N LEU C 100 20.42 12.08 27.48
CA LEU C 100 20.97 10.93 28.15
C LEU C 100 21.33 9.91 27.07
N PRO C 101 22.55 9.40 27.04
CA PRO C 101 23.00 8.42 26.10
C PRO C 101 22.15 7.17 26.26
N VAL C 102 21.68 6.63 25.12
CA VAL C 102 20.90 5.43 24.99
C VAL C 102 21.42 4.57 23.88
N VAL C 103 21.65 3.29 24.00
CA VAL C 103 22.02 2.26 23.14
C VAL C 103 21.07 1.07 23.19
N GLU C 104 20.40 0.77 22.05
CA GLU C 104 19.55 -0.34 21.87
C GLU C 104 20.35 -1.53 21.41
N VAL C 105 20.02 -2.70 21.92
CA VAL C 105 20.61 -3.97 21.60
C VAL C 105 19.64 -5.06 21.31
N HIS C 106 19.80 -5.78 20.25
CA HIS C 106 19.10 -6.97 19.86
C HIS C 106 20.13 -8.13 19.80
N ILE C 107 19.90 -9.21 20.50
CA ILE C 107 20.78 -10.40 20.38
C ILE C 107 20.80 -10.95 18.98
N SER C 108 19.59 -11.22 18.42
CA SER C 108 19.44 -11.73 17.11
C SER C 108 19.46 -10.57 16.09
N ASN C 109 19.70 -10.99 14.86
CA ASN C 109 19.61 -10.08 13.72
C ASN C 109 18.14 -9.97 13.31
N ILE C 110 17.50 -8.93 13.87
CA ILE C 110 16.03 -8.84 13.54
C ILE C 110 15.75 -8.65 12.08
N HIS C 111 16.65 -8.06 11.30
CA HIS C 111 16.54 -7.85 9.84
C HIS C 111 16.52 -9.11 9.04
N GLN C 112 16.78 -10.32 9.55
CA GLN C 112 16.74 -11.56 8.84
C GLN C 112 15.49 -12.33 9.29
N ARG C 113 14.74 -11.76 10.24
CA ARG C 113 13.57 -12.45 10.80
C ARG C 113 12.26 -11.99 10.18
N GLU C 114 11.11 -12.29 10.82
CA GLU C 114 9.84 -11.92 10.13
C GLU C 114 9.77 -10.40 10.00
N PRO C 115 9.01 -9.92 9.04
CA PRO C 115 8.90 -8.53 8.70
C PRO C 115 8.33 -7.72 9.86
N PHE C 116 7.54 -8.28 10.79
CA PHE C 116 7.03 -7.52 11.92
C PHE C 116 8.19 -7.20 12.87
N ARG C 117 9.28 -7.90 12.79
CA ARG C 117 10.45 -7.57 13.65
C ARG C 117 11.36 -6.54 13.05
N HIS C 118 11.20 -6.13 11.79
CA HIS C 118 12.09 -5.22 11.16
C HIS C 118 12.11 -3.81 11.70
N HIS C 119 11.00 -3.32 12.24
CA HIS C 119 10.90 -1.96 12.77
C HIS C 119 10.87 -1.96 14.27
N SER C 120 11.69 -1.04 14.81
CA SER C 120 11.64 -0.76 16.25
C SER C 120 11.34 0.70 16.54
N TYR C 121 10.37 1.00 17.41
CA TYR C 121 10.08 2.31 17.96
C TYR C 121 11.29 2.90 18.72
N VAL C 122 11.98 2.05 19.50
CA VAL C 122 13.13 2.54 20.24
C VAL C 122 14.24 3.09 19.36
N SER C 123 14.51 2.49 18.19
CA SER C 123 15.57 2.96 17.29
C SER C 123 15.46 4.43 16.86
N GLN C 124 14.27 5.10 16.84
CA GLN C 124 14.23 6.48 16.45
C GLN C 124 14.80 7.36 17.58
N ARG C 125 14.87 6.89 18.80
CA ARG C 125 15.46 7.68 19.85
C ARG C 125 16.87 7.14 20.18
N ALA C 126 17.10 5.89 20.25
CA ALA C 126 18.42 5.42 20.66
C ALA C 126 19.51 6.14 19.88
N ASP C 127 20.66 6.42 20.53
CA ASP C 127 21.77 7.02 19.80
C ASP C 127 22.33 6.06 18.84
N GLY C 128 22.55 4.79 19.24
CA GLY C 128 23.15 3.69 18.56
C GLY C 128 22.29 2.46 18.77
N VAL C 129 22.28 1.57 17.77
CA VAL C 129 21.57 0.35 17.62
C VAL C 129 22.51 -0.76 17.25
N VAL C 130 22.52 -1.86 17.95
CA VAL C 130 23.34 -3.01 17.75
C VAL C 130 22.46 -4.22 17.59
N ALA C 131 22.54 -5.02 16.54
CA ALA C 131 21.76 -6.19 16.30
C ALA C 131 22.54 -7.38 15.86
N GLY C 132 22.25 -8.63 16.26
CA GLY C 132 22.89 -9.79 15.70
C GLY C 132 24.35 -9.95 16.12
N CYS C 133 24.68 -9.27 17.19
CA CYS C 133 26.10 -9.53 17.68
C CYS C 133 26.06 -10.36 18.94
N GLY C 134 25.03 -11.17 19.12
CA GLY C 134 24.81 -11.99 20.30
C GLY C 134 24.86 -11.21 21.56
N VAL C 135 25.14 -11.86 22.71
CA VAL C 135 25.28 -11.24 24.00
C VAL C 135 26.50 -10.30 24.10
N GLN C 136 27.52 -10.37 23.22
CA GLN C 136 28.58 -9.48 22.99
C GLN C 136 28.14 -8.09 22.62
N GLY C 137 26.86 -7.96 22.02
CA GLY C 137 26.29 -6.67 21.79
C GLY C 137 26.04 -5.82 23.00
N TYR C 138 25.79 -6.46 24.17
CA TYR C 138 25.64 -5.73 25.41
C TYR C 138 26.99 -5.12 25.84
N VAL C 139 28.08 -5.81 25.63
CA VAL C 139 29.41 -5.19 25.89
C VAL C 139 29.73 -3.99 25.02
N PHE C 140 29.35 -4.07 23.70
CA PHE C 140 29.38 -2.95 22.79
C PHE C 140 28.60 -1.75 23.27
N GLY C 141 27.40 -2.03 23.80
CA GLY C 141 26.47 -1.08 24.32
C GLY C 141 27.16 -0.31 25.49
N VAL C 142 27.62 -1.05 26.48
CA VAL C 142 28.38 -0.51 27.62
C VAL C 142 29.56 0.36 27.12
N GLU C 143 30.36 -0.13 26.20
CA GLU C 143 31.48 0.60 25.63
C GLU C 143 31.08 1.90 24.97
N ARG C 144 29.94 1.93 24.22
CA ARG C 144 29.46 3.13 23.62
C ARG C 144 28.95 4.11 24.61
N ILE C 145 28.27 3.79 25.75
CA ILE C 145 27.80 4.70 26.71
C ILE C 145 29.04 5.24 27.43
N ALA C 146 30.04 4.37 27.58
CA ALA C 146 31.30 4.91 28.25
C ALA C 146 31.94 6.00 27.42
N ALA C 147 31.85 5.87 26.08
CA ALA C 147 32.36 6.93 25.20
C ALA C 147 31.52 8.17 25.17
N LEU C 148 30.16 8.05 25.18
CA LEU C 148 29.28 9.17 25.13
C LEU C 148 29.26 9.94 26.43
N ALA C 149 29.44 9.24 27.53
CA ALA C 149 29.37 9.92 28.87
C ALA C 149 30.62 10.74 29.03
N GLY C 150 31.79 10.24 28.63
CA GLY C 150 33.04 11.00 28.61
C GLY C 150 33.01 12.31 27.82
N ARG D 2 -34.10 -25.53 9.65
CA ARG D 2 -34.65 -26.82 10.15
C ARG D 2 -33.74 -27.57 11.11
N SER D 3 -34.34 -28.56 11.80
CA SER D 3 -33.64 -29.31 12.83
C SER D 3 -32.73 -30.42 12.31
N LEU D 4 -31.83 -30.86 13.20
CA LEU D 4 -31.03 -32.02 12.87
C LEU D 4 -31.85 -33.27 12.73
N ALA D 5 -32.96 -33.42 13.46
CA ALA D 5 -33.79 -34.62 13.30
C ALA D 5 -34.52 -34.62 11.97
N ASN D 6 -34.83 -33.49 11.37
CA ASN D 6 -35.61 -33.44 10.14
C ASN D 6 -34.81 -33.32 8.88
N ALA D 7 -33.51 -33.00 8.94
CA ALA D 7 -32.75 -32.81 7.69
C ALA D 7 -31.28 -32.97 7.92
N PRO D 8 -30.50 -33.45 6.96
CA PRO D 8 -29.13 -33.69 7.13
C PRO D 8 -28.30 -32.39 7.05
N ILE D 9 -27.17 -32.46 7.73
CA ILE D 9 -26.13 -31.47 7.67
C ILE D 9 -25.34 -31.64 6.38
N MET D 10 -25.20 -30.56 5.59
CA MET D 10 -24.44 -30.65 4.32
C MET D 10 -22.96 -30.53 4.66
N ILE D 11 -22.10 -31.39 4.18
CA ILE D 11 -20.64 -31.27 4.41
C ILE D 11 -20.05 -31.12 3.03
N LEU D 12 -19.50 -29.91 2.76
CA LEU D 12 -18.95 -29.66 1.42
C LEU D 12 -17.46 -29.52 1.41
N ASN D 13 -16.73 -30.13 0.51
CA ASN D 13 -15.30 -30.11 0.38
C ASN D 13 -14.88 -29.67 -1.05
N GLY D 14 -14.06 -28.65 -1.14
CA GLY D 14 -13.53 -28.04 -2.30
C GLY D 14 -12.42 -28.81 -3.02
N PRO D 15 -11.74 -28.14 -3.97
CA PRO D 15 -10.84 -28.78 -4.86
C PRO D 15 -9.63 -29.37 -4.20
N ASN D 16 -9.24 -30.51 -4.82
CA ASN D 16 -8.04 -31.23 -4.37
C ASN D 16 -8.24 -32.11 -3.17
N LEU D 17 -9.28 -31.93 -2.39
CA LEU D 17 -9.57 -32.72 -1.18
C LEU D 17 -9.88 -34.17 -1.45
N ASN D 18 -10.17 -34.56 -2.69
CA ASN D 18 -10.25 -35.94 -3.13
C ASN D 18 -8.96 -36.64 -2.85
N LEU D 19 -7.81 -36.04 -2.87
CA LEU D 19 -6.49 -36.60 -2.58
C LEU D 19 -6.04 -36.51 -1.14
N LEU D 20 -6.98 -36.16 -0.26
CA LEU D 20 -6.65 -36.13 1.17
C LEU D 20 -6.15 -37.49 1.63
N GLY D 21 -5.01 -37.44 2.36
CA GLY D 21 -4.34 -38.60 2.89
C GLY D 21 -3.28 -39.16 1.97
N GLN D 22 -3.38 -38.87 0.67
CA GLN D 22 -2.45 -39.35 -0.33
C GLN D 22 -1.43 -38.30 -0.67
N ALA D 23 -1.80 -37.02 -0.67
CA ALA D 23 -0.89 -35.95 -1.03
C ALA D 23 -0.53 -34.97 0.06
N GLN D 24 0.73 -34.50 0.09
CA GLN D 24 1.22 -33.58 1.11
C GLN D 24 0.76 -33.96 2.50
N PRO D 25 1.12 -35.14 3.01
CA PRO D 25 0.70 -35.69 4.29
C PRO D 25 1.32 -34.96 5.45
N GLU D 26 2.46 -34.31 5.16
CA GLU D 26 3.13 -33.54 6.18
C GLU D 26 2.39 -32.23 6.43
N ILE D 27 1.45 -31.83 5.57
CA ILE D 27 0.67 -30.62 5.82
C ILE D 27 -0.77 -30.97 6.20
N TYR D 28 -1.41 -31.87 5.48
CA TYR D 28 -2.79 -32.20 5.72
C TYR D 28 -3.09 -33.50 6.44
N GLY D 29 -2.05 -34.31 6.74
CA GLY D 29 -2.34 -35.59 7.41
C GLY D 29 -2.47 -36.79 6.52
N SER D 30 -2.61 -37.96 7.15
CA SER D 30 -2.73 -39.25 6.50
C SER D 30 -4.13 -39.83 6.53
N ASP D 31 -5.09 -39.14 7.12
CA ASP D 31 -6.47 -39.64 7.06
C ASP D 31 -7.08 -39.21 5.73
N THR D 32 -7.87 -40.04 5.13
CA THR D 32 -8.50 -39.82 3.84
C THR D 32 -9.81 -39.08 3.97
N LEU D 33 -10.36 -38.72 2.79
CA LEU D 33 -11.66 -38.06 2.77
C LEU D 33 -12.67 -39.01 3.34
N ALA D 34 -12.60 -40.29 3.03
CA ALA D 34 -13.56 -41.30 3.52
C ALA D 34 -13.51 -41.40 5.02
N ASP D 35 -12.35 -41.38 5.63
CA ASP D 35 -12.12 -41.34 7.06
C ASP D 35 -12.82 -40.08 7.67
N VAL D 36 -12.67 -38.92 7.00
CA VAL D 36 -13.35 -37.75 7.50
C VAL D 36 -14.86 -37.94 7.43
N GLU D 37 -15.38 -38.50 6.29
CA GLU D 37 -16.80 -38.72 6.23
C GLU D 37 -17.32 -39.58 7.41
N ALA D 38 -16.64 -40.66 7.77
CA ALA D 38 -16.98 -41.51 8.91
C ALA D 38 -16.96 -40.76 10.22
N LEU D 39 -16.01 -39.87 10.41
CA LEU D 39 -15.96 -39.02 11.63
C LEU D 39 -17.20 -38.17 11.71
N CYS D 40 -17.61 -37.62 10.56
CA CYS D 40 -18.79 -36.76 10.50
C CYS D 40 -20.10 -37.48 10.78
N VAL D 41 -20.27 -38.67 10.19
CA VAL D 41 -21.42 -39.52 10.39
C VAL D 41 -21.61 -39.91 11.85
N LYS D 42 -20.47 -40.20 12.51
CA LYS D 42 -20.47 -40.56 13.93
C LYS D 42 -20.81 -39.40 14.85
N ALA D 43 -20.23 -38.23 14.63
CA ALA D 43 -20.50 -37.04 15.38
C ALA D 43 -21.95 -36.65 15.25
N ALA D 44 -22.52 -36.65 14.03
CA ALA D 44 -23.91 -36.26 13.87
C ALA D 44 -24.88 -37.28 14.50
N ALA D 45 -24.53 -38.56 14.38
CA ALA D 45 -25.43 -39.59 14.96
C ALA D 45 -25.50 -39.42 16.46
N ALA D 46 -24.47 -39.05 17.18
CA ALA D 46 -24.58 -38.75 18.60
C ALA D 46 -25.66 -37.72 18.86
N HIS D 47 -26.02 -36.77 18.02
CA HIS D 47 -27.03 -35.74 18.17
C HIS D 47 -28.33 -36.13 17.45
N GLY D 48 -28.42 -37.36 17.01
CA GLY D 48 -29.62 -37.82 16.29
C GLY D 48 -29.75 -37.25 14.87
N GLY D 49 -28.61 -36.87 14.27
CA GLY D 49 -28.67 -36.24 12.97
C GLY D 49 -27.97 -37.11 11.93
N THR D 50 -27.97 -36.59 10.68
CA THR D 50 -27.32 -37.30 9.61
C THR D 50 -26.53 -36.27 8.74
N VAL D 51 -25.61 -36.80 7.91
CA VAL D 51 -24.83 -35.91 7.09
C VAL D 51 -25.03 -36.22 5.60
N ASP D 52 -24.76 -35.28 4.71
CA ASP D 52 -24.75 -35.46 3.27
C ASP D 52 -23.34 -34.97 2.81
N PHE D 53 -22.40 -35.86 2.66
CA PHE D 53 -21.00 -35.44 2.45
C PHE D 53 -20.57 -35.48 0.99
N ARG D 54 -20.09 -34.37 0.48
CA ARG D 54 -19.76 -34.24 -0.92
C ARG D 54 -18.48 -33.56 -1.20
N GLN D 55 -17.84 -33.76 -2.36
CA GLN D 55 -16.59 -33.06 -2.75
C GLN D 55 -16.63 -32.77 -4.24
N SER D 56 -16.16 -31.57 -4.60
CA SER D 56 -15.97 -31.16 -5.96
C SER D 56 -14.81 -30.22 -6.23
N ASN D 57 -14.18 -30.39 -7.41
CA ASN D 57 -13.16 -29.44 -7.89
C ASN D 57 -13.73 -28.24 -8.59
N HIS D 58 -15.06 -28.21 -8.80
CA HIS D 58 -15.74 -27.18 -9.55
C HIS D 58 -16.56 -26.19 -8.70
N GLU D 59 -16.15 -24.94 -8.92
CA GLU D 59 -16.73 -23.79 -8.23
C GLU D 59 -18.24 -23.70 -8.41
N GLY D 60 -18.73 -23.82 -9.61
CA GLY D 60 -20.16 -23.74 -9.94
C GLY D 60 -20.93 -24.90 -9.32
N GLU D 61 -20.41 -26.08 -9.25
CA GLU D 61 -21.02 -27.22 -8.63
C GLU D 61 -21.09 -27.03 -7.10
N LEU D 62 -20.07 -26.49 -6.47
CA LEU D 62 -20.27 -26.07 -5.07
C LEU D 62 -21.36 -25.03 -4.89
N VAL D 63 -21.48 -24.08 -5.80
CA VAL D 63 -22.52 -23.06 -5.70
C VAL D 63 -23.89 -23.74 -5.86
N ASP D 64 -24.00 -24.70 -6.79
CA ASP D 64 -25.23 -25.45 -6.97
C ASP D 64 -25.67 -26.24 -5.72
N TRP D 65 -24.73 -26.85 -5.06
CA TRP D 65 -24.93 -27.63 -3.80
C TRP D 65 -25.33 -26.78 -2.61
N ILE D 66 -24.74 -25.60 -2.55
CA ILE D 66 -25.13 -24.59 -1.54
C ILE D 66 -26.59 -24.20 -1.78
N HIS D 67 -26.97 -23.98 -3.03
CA HIS D 67 -28.43 -23.67 -3.30
C HIS D 67 -29.38 -24.79 -2.88
N GLU D 68 -28.99 -26.01 -3.09
CA GLU D 68 -29.77 -27.18 -2.65
C GLU D 68 -29.91 -27.25 -1.12
N ALA D 69 -28.86 -26.95 -0.42
CA ALA D 69 -28.85 -27.04 1.03
C ALA D 69 -29.80 -25.99 1.60
N ARG D 70 -29.90 -24.86 0.90
CA ARG D 70 -30.67 -23.70 1.31
C ARG D 70 -32.07 -24.22 1.54
N LEU D 71 -32.55 -25.16 0.73
CA LEU D 71 -33.88 -25.69 0.83
C LEU D 71 -34.00 -26.96 1.60
N ASN D 72 -32.99 -27.87 1.64
CA ASN D 72 -33.15 -29.18 2.17
C ASN D 72 -32.32 -29.62 3.39
N HIS D 73 -31.40 -28.76 3.85
CA HIS D 73 -30.43 -29.17 4.84
C HIS D 73 -30.56 -28.28 6.09
N CYS D 74 -30.06 -28.78 7.24
CA CYS D 74 -30.15 -27.97 8.46
C CYS D 74 -28.98 -27.06 8.72
N GLY D 75 -27.90 -27.22 7.95
CA GLY D 75 -26.71 -26.37 8.11
C GLY D 75 -25.65 -26.86 7.08
N ILE D 76 -24.55 -26.11 7.02
CA ILE D 76 -23.47 -26.44 6.14
C ILE D 76 -22.10 -26.35 6.86
N VAL D 77 -21.38 -27.42 6.81
CA VAL D 77 -19.99 -27.46 7.21
C VAL D 77 -19.17 -27.43 5.90
N ILE D 78 -18.36 -26.40 5.64
CA ILE D 78 -17.58 -26.33 4.43
C ILE D 78 -16.07 -26.18 4.62
N ASN D 79 -15.28 -27.01 3.89
CA ASN D 79 -13.85 -26.68 3.67
C ASN D 79 -13.82 -26.32 2.16
N PRO D 80 -13.78 -25.01 1.85
CA PRO D 80 -13.73 -24.59 0.46
C PRO D 80 -12.39 -24.81 -0.22
N ALA D 81 -11.36 -25.18 0.52
CA ALA D 81 -10.03 -25.42 0.08
C ALA D 81 -9.54 -24.22 -0.68
N ALA D 82 -8.90 -24.33 -1.88
CA ALA D 82 -8.36 -23.14 -2.51
C ALA D 82 -9.38 -22.03 -2.79
N TYR D 83 -10.59 -22.43 -3.08
CA TYR D 83 -11.72 -21.57 -3.30
C TYR D 83 -11.95 -20.64 -2.15
N SER D 84 -11.45 -20.90 -0.91
CA SER D 84 -11.63 -20.02 0.19
C SER D 84 -11.13 -18.65 -0.21
N HIS D 85 -9.90 -18.65 -0.75
CA HIS D 85 -9.12 -17.48 -1.09
C HIS D 85 -9.52 -16.84 -2.40
N THR D 86 -10.34 -17.42 -3.23
CA THR D 86 -10.61 -16.84 -4.52
C THR D 86 -12.10 -16.73 -4.84
N SER D 87 -13.05 -17.36 -4.24
CA SER D 87 -14.40 -17.42 -4.73
C SER D 87 -15.39 -16.52 -4.04
N VAL D 88 -15.61 -15.37 -4.64
CA VAL D 88 -16.69 -14.43 -4.25
C VAL D 88 -17.99 -15.14 -4.62
N ALA D 89 -18.03 -16.01 -5.65
CA ALA D 89 -19.24 -16.71 -6.08
C ALA D 89 -19.74 -17.73 -5.05
N ILE D 90 -18.91 -18.32 -4.21
CA ILE D 90 -19.32 -19.24 -3.14
C ILE D 90 -19.82 -18.45 -1.91
N LEU D 91 -19.14 -17.35 -1.68
CA LEU D 91 -19.48 -16.38 -0.58
C LEU D 91 -20.92 -15.93 -0.93
N ASP D 92 -21.10 -15.47 -2.14
CA ASP D 92 -22.46 -15.07 -2.55
C ASP D 92 -23.50 -16.15 -2.46
N ALA D 93 -23.27 -17.38 -2.86
CA ALA D 93 -24.17 -18.49 -2.71
C ALA D 93 -24.52 -18.67 -1.23
N LEU D 94 -23.55 -18.67 -0.28
CA LEU D 94 -23.82 -18.70 1.13
C LEU D 94 -24.69 -17.55 1.66
N ASN D 95 -24.55 -16.36 1.06
CA ASN D 95 -25.29 -15.20 1.42
C ASN D 95 -26.77 -15.33 1.02
N THR D 96 -27.09 -16.25 0.09
CA THR D 96 -28.53 -16.37 -0.23
C THR D 96 -29.24 -17.19 0.87
N CYS D 97 -28.59 -17.92 1.70
CA CYS D 97 -29.09 -18.82 2.72
C CYS D 97 -29.25 -18.05 4.05
N ASP D 98 -30.30 -17.25 4.07
CA ASP D 98 -30.68 -16.41 5.20
C ASP D 98 -30.88 -17.23 6.47
N GLY D 99 -30.06 -17.00 7.48
CA GLY D 99 -30.28 -17.77 8.72
C GLY D 99 -29.76 -19.19 8.78
N LEU D 100 -29.27 -19.80 7.71
CA LEU D 100 -28.77 -21.18 7.77
C LEU D 100 -27.40 -21.17 8.47
N PRO D 101 -27.17 -22.03 9.41
CA PRO D 101 -25.90 -22.08 10.11
C PRO D 101 -24.83 -22.60 9.18
N VAL D 102 -23.70 -21.95 9.13
CA VAL D 102 -22.54 -22.28 8.32
C VAL D 102 -21.23 -22.32 9.13
N VAL D 103 -20.48 -23.36 9.06
CA VAL D 103 -19.14 -23.40 9.69
C VAL D 103 -18.06 -23.75 8.63
N GLU D 104 -17.08 -22.88 8.49
CA GLU D 104 -15.92 -23.06 7.61
C GLU D 104 -14.76 -23.75 8.31
N VAL D 105 -14.15 -24.76 7.68
CA VAL D 105 -13.12 -25.61 8.18
C VAL D 105 -11.87 -25.61 7.27
N HIS D 106 -10.70 -25.42 7.83
CA HIS D 106 -9.40 -25.53 7.19
C HIS D 106 -8.61 -26.56 8.01
N ILE D 107 -8.19 -27.64 7.43
CA ILE D 107 -7.36 -28.65 8.07
C ILE D 107 -6.04 -28.07 8.51
N SER D 108 -5.39 -27.30 7.61
CA SER D 108 -4.12 -26.72 8.12
C SER D 108 -4.33 -25.35 8.74
N ASN D 109 -3.33 -24.83 9.50
CA ASN D 109 -3.40 -23.47 10.02
C ASN D 109 -2.97 -22.48 8.92
N ILE D 110 -3.90 -22.01 8.08
CA ILE D 110 -3.65 -21.07 7.02
C ILE D 110 -2.91 -19.82 7.45
N HIS D 111 -3.02 -19.42 8.71
CA HIS D 111 -2.35 -18.23 9.22
C HIS D 111 -0.84 -18.42 9.36
N GLN D 112 -0.35 -19.59 9.30
CA GLN D 112 1.08 -19.89 9.37
C GLN D 112 1.62 -20.13 7.95
N ARG D 113 0.81 -20.03 6.91
CA ARG D 113 1.29 -20.32 5.58
C ARG D 113 1.52 -19.11 4.70
N GLU D 114 1.57 -19.28 3.38
CA GLU D 114 1.84 -18.05 2.61
C GLU D 114 0.74 -17.01 2.84
N PRO D 115 1.06 -15.73 2.66
CA PRO D 115 0.15 -14.65 2.83
C PRO D 115 -1.07 -14.78 1.91
N PHE D 116 -1.04 -15.33 0.72
CA PHE D 116 -2.24 -15.44 -0.13
C PHE D 116 -3.28 -16.39 0.45
N ARG D 117 -2.89 -17.17 1.48
CA ARG D 117 -3.80 -18.06 2.16
C ARG D 117 -4.41 -17.46 3.41
N HIS D 118 -3.92 -16.24 3.84
CA HIS D 118 -4.44 -15.65 5.08
C HIS D 118 -5.89 -15.17 5.04
N HIS D 119 -6.39 -14.79 3.91
CA HIS D 119 -7.73 -14.32 3.68
C HIS D 119 -8.66 -15.30 3.03
N SER D 120 -9.89 -15.34 3.57
CA SER D 120 -10.94 -16.14 3.04
C SER D 120 -12.22 -15.37 2.81
N TYR D 121 -12.76 -15.40 1.59
CA TYR D 121 -14.06 -14.86 1.34
C TYR D 121 -15.16 -15.50 2.17
N VAL D 122 -15.08 -16.82 2.36
CA VAL D 122 -16.14 -17.58 3.06
C VAL D 122 -16.25 -17.14 4.49
N SER D 123 -15.08 -16.80 5.08
CA SER D 123 -15.12 -16.35 6.49
C SER D 123 -15.94 -15.13 6.75
N GLN D 124 -16.29 -14.28 5.79
CA GLN D 124 -17.13 -13.14 6.10
C GLN D 124 -18.62 -13.49 6.27
N ARG D 125 -19.04 -14.65 5.83
CA ARG D 125 -20.38 -15.16 6.00
C ARG D 125 -20.45 -16.30 7.02
N ALA D 126 -19.38 -17.14 7.03
CA ALA D 126 -19.54 -18.29 7.96
C ALA D 126 -19.81 -17.82 9.36
N ASP D 127 -20.64 -18.49 10.12
CA ASP D 127 -20.85 -18.11 11.54
C ASP D 127 -19.59 -18.37 12.31
N GLY D 128 -18.99 -19.55 12.10
CA GLY D 128 -17.77 -19.93 12.86
C GLY D 128 -16.70 -20.34 11.82
N VAL D 129 -15.42 -20.38 12.23
CA VAL D 129 -14.32 -20.70 11.37
C VAL D 129 -13.31 -21.46 12.23
N VAL D 130 -12.96 -22.64 11.80
CA VAL D 130 -11.99 -23.48 12.51
C VAL D 130 -10.77 -23.66 11.59
N ALA D 131 -9.54 -23.62 12.05
CA ALA D 131 -8.34 -23.75 11.28
C ALA D 131 -7.17 -24.40 12.06
N GLY D 132 -6.56 -25.41 11.36
CA GLY D 132 -5.40 -25.96 12.02
C GLY D 132 -5.78 -27.02 13.09
N CYS D 133 -7.00 -27.49 13.16
CA CYS D 133 -7.38 -28.55 14.02
C CYS D 133 -7.40 -29.94 13.36
N GLY D 134 -6.71 -30.04 12.21
CA GLY D 134 -6.68 -31.32 11.50
C GLY D 134 -8.06 -31.70 10.95
N VAL D 135 -8.24 -32.98 10.75
CA VAL D 135 -9.59 -33.48 10.39
C VAL D 135 -10.56 -33.47 11.57
N GLN D 136 -10.03 -33.35 12.78
CA GLN D 136 -10.87 -33.12 13.98
C GLN D 136 -11.71 -31.86 13.81
N GLY D 137 -11.21 -30.84 13.03
CA GLY D 137 -11.99 -29.63 12.78
C GLY D 137 -13.34 -29.88 12.11
N TYR D 138 -13.48 -30.96 11.32
CA TYR D 138 -14.83 -31.28 10.80
C TYR D 138 -15.83 -31.69 11.91
N VAL D 139 -15.30 -32.42 12.88
CA VAL D 139 -16.11 -32.91 14.02
C VAL D 139 -16.59 -31.66 14.80
N PHE D 140 -15.74 -30.68 15.03
CA PHE D 140 -16.03 -29.37 15.65
C PHE D 140 -17.17 -28.75 14.84
N GLY D 141 -16.95 -28.65 13.50
CA GLY D 141 -17.98 -28.13 12.63
C GLY D 141 -19.34 -28.74 12.90
N VAL D 142 -19.40 -30.14 12.84
CA VAL D 142 -20.65 -30.79 13.07
C VAL D 142 -21.28 -30.48 14.41
N GLU D 143 -20.44 -30.51 15.46
CA GLU D 143 -20.96 -30.14 16.79
C GLU D 143 -21.49 -28.70 16.90
N ARG D 144 -20.85 -27.75 16.17
CA ARG D 144 -21.32 -26.39 16.18
C ARG D 144 -22.65 -26.32 15.45
N ILE D 145 -22.78 -27.04 14.31
CA ILE D 145 -24.13 -26.92 13.62
C ILE D 145 -25.21 -27.50 14.55
N ALA D 146 -24.97 -28.59 15.20
CA ALA D 146 -25.87 -29.22 16.13
C ALA D 146 -26.34 -28.24 17.18
N ALA D 147 -25.43 -27.44 17.74
CA ALA D 147 -25.77 -26.41 18.72
C ALA D 147 -26.60 -25.36 18.05
N LEU D 148 -26.30 -24.87 16.88
CA LEU D 148 -27.04 -23.77 16.28
C LEU D 148 -28.37 -24.16 15.72
N ALA D 149 -28.55 -25.43 15.32
CA ALA D 149 -29.78 -25.88 14.70
C ALA D 149 -30.76 -26.38 15.74
N GLY D 150 -30.47 -26.22 17.02
CA GLY D 150 -31.33 -26.61 18.14
C GLY D 150 -31.65 -25.36 18.98
N ARG E 2 7.98 -41.53 -14.89
CA ARG E 2 9.27 -40.83 -14.99
C ARG E 2 9.83 -40.76 -16.40
N SER E 3 10.03 -41.89 -17.09
CA SER E 3 10.70 -41.80 -18.39
C SER E 3 9.79 -41.38 -19.52
N LEU E 4 10.32 -40.66 -20.52
CA LEU E 4 9.51 -40.30 -21.70
C LEU E 4 9.07 -41.58 -22.42
N ALA E 5 9.88 -42.62 -22.37
CA ALA E 5 9.54 -43.86 -23.05
C ALA E 5 8.31 -44.54 -22.43
N ASN E 6 8.13 -44.32 -21.11
CA ASN E 6 7.06 -45.02 -20.43
C ASN E 6 5.73 -44.31 -20.41
N ALA E 7 5.71 -42.97 -20.65
CA ALA E 7 4.43 -42.27 -20.48
C ALA E 7 4.51 -40.90 -21.19
N PRO E 8 3.39 -40.43 -21.69
CA PRO E 8 3.35 -39.17 -22.39
C PRO E 8 3.47 -37.97 -21.45
N ILE E 9 3.93 -36.94 -22.08
CA ILE E 9 3.95 -35.56 -21.50
C ILE E 9 2.56 -34.92 -21.60
N MET E 10 1.97 -34.55 -20.43
CA MET E 10 0.65 -33.92 -20.47
C MET E 10 0.89 -32.41 -20.87
N ILE E 11 0.24 -31.97 -21.89
CA ILE E 11 0.25 -30.54 -22.31
C ILE E 11 -1.12 -29.99 -22.10
N LEU E 12 -1.26 -29.07 -21.12
CA LEU E 12 -2.59 -28.53 -20.75
C LEU E 12 -2.70 -27.03 -21.13
N ASN E 13 -3.82 -26.66 -21.72
CA ASN E 13 -4.13 -25.32 -22.12
C ASN E 13 -5.36 -24.77 -21.45
N GLY E 14 -5.32 -23.57 -20.87
CA GLY E 14 -6.36 -22.92 -20.22
C GLY E 14 -7.45 -22.29 -21.10
N PRO E 15 -8.26 -21.41 -20.47
CA PRO E 15 -9.45 -20.82 -21.09
C PRO E 15 -9.09 -19.96 -22.27
N ASN E 16 -9.95 -19.90 -23.34
CA ASN E 16 -9.81 -19.13 -24.47
C ASN E 16 -8.77 -19.57 -25.48
N LEU E 17 -7.82 -20.46 -25.20
CA LEU E 17 -6.81 -21.02 -26.05
C LEU E 17 -7.38 -21.83 -27.21
N ASN E 18 -8.63 -22.28 -27.15
CA ASN E 18 -9.35 -22.87 -28.34
C ASN E 18 -9.37 -21.89 -29.48
N LEU E 19 -9.44 -20.57 -29.28
CA LEU E 19 -9.45 -19.54 -30.31
C LEU E 19 -8.09 -19.07 -30.80
N LEU E 20 -6.99 -19.68 -30.41
CA LEU E 20 -5.66 -19.24 -30.77
C LEU E 20 -5.53 -19.26 -32.32
N GLY E 21 -4.93 -18.18 -32.85
CA GLY E 21 -4.76 -18.02 -34.27
C GLY E 21 -5.97 -17.36 -34.91
N GLN E 22 -7.09 -17.34 -34.23
CA GLN E 22 -8.29 -16.70 -34.80
C GLN E 22 -8.56 -15.42 -34.05
N ALA E 23 -8.18 -15.21 -32.82
CA ALA E 23 -8.49 -14.02 -32.07
C ALA E 23 -7.22 -13.37 -31.54
N GLN E 24 -7.22 -12.02 -31.59
CA GLN E 24 -6.09 -11.20 -31.17
C GLN E 24 -4.74 -11.71 -31.69
N PRO E 25 -4.62 -11.81 -33.00
CA PRO E 25 -3.43 -12.32 -33.64
C PRO E 25 -2.27 -11.44 -33.43
N GLU E 26 -2.48 -10.13 -33.20
CA GLU E 26 -1.37 -9.22 -32.99
C GLU E 26 -0.76 -9.42 -31.61
N ILE E 27 -1.42 -10.09 -30.70
CA ILE E 27 -0.83 -10.39 -29.40
C ILE E 27 -0.33 -11.84 -29.34
N TYR E 28 -1.13 -12.76 -29.83
CA TYR E 28 -0.85 -14.20 -29.69
C TYR E 28 -0.44 -14.94 -30.97
N GLY E 29 -0.42 -14.33 -32.13
CA GLY E 29 0.00 -14.85 -33.40
C GLY E 29 -1.03 -15.51 -34.23
N SER E 30 -0.63 -16.13 -35.36
CA SER E 30 -1.66 -16.70 -36.23
C SER E 30 -1.60 -18.20 -36.29
N ASP E 31 -0.74 -18.87 -35.53
CA ASP E 31 -0.76 -20.31 -35.48
C ASP E 31 -1.93 -20.78 -34.64
N THR E 32 -2.65 -21.83 -35.03
CA THR E 32 -3.76 -22.34 -34.26
C THR E 32 -3.30 -23.34 -33.16
N LEU E 33 -4.31 -23.68 -32.34
CA LEU E 33 -4.01 -24.62 -31.26
C LEU E 33 -3.60 -25.98 -31.87
N ALA E 34 -4.21 -26.30 -32.97
CA ALA E 34 -3.87 -27.59 -33.65
C ALA E 34 -2.43 -27.50 -34.14
N ASP E 35 -2.02 -26.30 -34.61
CA ASP E 35 -0.66 -26.11 -35.06
C ASP E 35 0.32 -26.29 -33.88
N VAL E 36 -0.12 -25.76 -32.74
CA VAL E 36 0.77 -25.99 -31.57
C VAL E 36 0.83 -27.48 -31.21
N GLU E 37 -0.28 -28.17 -31.16
CA GLU E 37 -0.27 -29.62 -30.86
C GLU E 37 0.72 -30.40 -31.77
N ALA E 38 0.67 -30.08 -33.09
CA ALA E 38 1.68 -30.77 -34.01
C ALA E 38 3.11 -30.42 -33.66
N LEU E 39 3.37 -29.14 -33.35
CA LEU E 39 4.72 -28.81 -32.92
C LEU E 39 5.12 -29.66 -31.72
N CYS E 40 4.24 -29.78 -30.74
CA CYS E 40 4.56 -30.52 -29.50
C CYS E 40 4.76 -32.06 -29.73
N VAL E 41 4.00 -32.55 -30.66
CA VAL E 41 4.22 -34.00 -31.10
C VAL E 41 5.60 -34.25 -31.64
N LYS E 42 6.03 -33.30 -32.55
CA LYS E 42 7.36 -33.47 -33.16
C LYS E 42 8.43 -33.20 -32.17
N ALA E 43 8.23 -32.27 -31.22
CA ALA E 43 9.35 -32.01 -30.28
C ALA E 43 9.62 -33.15 -29.34
N ALA E 44 8.51 -33.78 -28.95
CA ALA E 44 8.57 -34.91 -27.98
C ALA E 44 9.14 -36.13 -28.76
N ALA E 45 8.71 -36.23 -30.01
CA ALA E 45 9.28 -37.35 -30.83
C ALA E 45 10.80 -37.34 -30.95
N ALA E 46 11.40 -36.10 -31.05
CA ALA E 46 12.85 -36.00 -31.10
C ALA E 46 13.59 -36.53 -29.89
N HIS E 47 12.91 -36.73 -28.77
CA HIS E 47 13.41 -37.36 -27.59
C HIS E 47 12.88 -38.80 -27.36
N GLY E 48 12.06 -39.30 -28.28
CA GLY E 48 11.51 -40.66 -28.13
C GLY E 48 10.22 -40.68 -27.36
N GLY E 49 9.68 -39.48 -27.07
CA GLY E 49 8.46 -39.38 -26.30
C GLY E 49 7.24 -39.05 -27.10
N THR E 50 6.12 -38.89 -26.38
CA THR E 50 4.83 -38.59 -26.90
C THR E 50 4.13 -37.50 -26.01
N VAL E 51 2.98 -37.03 -26.49
CA VAL E 51 2.29 -36.00 -25.76
C VAL E 51 0.80 -36.33 -25.67
N ASP E 52 0.20 -35.76 -24.61
CA ASP E 52 -1.28 -35.87 -24.47
C ASP E 52 -1.78 -34.42 -24.33
N PHE E 53 -2.30 -33.89 -25.44
CA PHE E 53 -2.52 -32.43 -25.52
C PHE E 53 -3.99 -32.09 -25.37
N ARG E 54 -4.32 -31.17 -24.39
CA ARG E 54 -5.71 -30.94 -24.05
C ARG E 54 -5.99 -29.44 -23.75
N GLN E 55 -7.25 -29.05 -23.92
CA GLN E 55 -7.59 -27.64 -23.66
C GLN E 55 -8.99 -27.65 -22.99
N SER E 56 -9.13 -26.73 -22.02
CA SER E 56 -10.39 -26.55 -21.28
C SER E 56 -10.52 -25.10 -20.82
N ASN E 57 -11.77 -24.62 -20.91
CA ASN E 57 -12.19 -23.34 -20.30
C ASN E 57 -12.58 -23.54 -18.84
N HIS E 58 -12.59 -24.68 -18.27
CA HIS E 58 -13.07 -25.02 -16.90
C HIS E 58 -11.93 -25.23 -15.91
N GLU E 59 -11.91 -24.43 -14.83
CA GLU E 59 -10.86 -24.56 -13.81
C GLU E 59 -10.84 -25.97 -13.24
N GLY E 60 -12.01 -26.45 -12.80
CA GLY E 60 -12.03 -27.78 -12.25
C GLY E 60 -11.62 -28.93 -13.09
N GLU E 61 -11.89 -28.86 -14.39
CA GLU E 61 -11.50 -29.87 -15.33
C GLU E 61 -10.00 -29.92 -15.43
N LEU E 62 -9.33 -28.73 -15.46
CA LEU E 62 -7.89 -28.62 -15.44
C LEU E 62 -7.29 -29.21 -14.17
N VAL E 63 -7.90 -29.04 -13.05
CA VAL E 63 -7.54 -29.69 -11.79
C VAL E 63 -7.61 -31.22 -11.89
N ASP E 64 -8.72 -31.68 -12.48
CA ASP E 64 -8.87 -33.15 -12.63
C ASP E 64 -7.78 -33.70 -13.59
N TRP E 65 -7.38 -33.03 -14.66
CA TRP E 65 -6.35 -33.49 -15.59
C TRP E 65 -5.00 -33.46 -14.90
N ILE E 66 -4.80 -32.50 -13.98
CA ILE E 66 -3.51 -32.49 -13.25
C ILE E 66 -3.44 -33.74 -12.38
N HIS E 67 -4.55 -34.12 -11.74
CA HIS E 67 -4.53 -35.31 -10.83
C HIS E 67 -4.28 -36.58 -11.66
N GLU E 68 -4.84 -36.57 -12.87
CA GLU E 68 -4.59 -37.69 -13.83
C GLU E 68 -3.14 -37.82 -14.13
N ALA E 69 -2.52 -36.65 -14.47
CA ALA E 69 -1.11 -36.56 -14.82
C ALA E 69 -0.19 -37.04 -13.73
N ARG E 70 -0.60 -36.70 -12.49
CA ARG E 70 0.12 -37.09 -11.31
C ARG E 70 0.40 -38.59 -11.33
N LEU E 71 -0.52 -39.39 -11.83
CA LEU E 71 -0.40 -40.82 -11.81
C LEU E 71 0.06 -41.48 -13.10
N ASN E 72 -0.25 -40.89 -14.25
CA ASN E 72 -0.06 -41.48 -15.54
C ASN E 72 0.87 -40.79 -16.53
N HIS E 73 1.44 -39.63 -16.22
CA HIS E 73 2.27 -38.89 -17.20
C HIS E 73 3.65 -38.60 -16.70
N CYS E 74 4.65 -38.35 -17.56
CA CYS E 74 6.00 -38.10 -17.11
C CYS E 74 6.33 -36.66 -16.75
N GLY E 75 5.47 -35.78 -16.98
CA GLY E 75 5.54 -34.34 -16.66
C GLY E 75 4.39 -33.54 -17.18
N ILE E 76 4.40 -32.19 -16.87
CA ILE E 76 3.35 -31.35 -17.37
C ILE E 76 3.93 -30.03 -17.94
N VAL E 77 3.54 -29.68 -19.13
CA VAL E 77 3.72 -28.37 -19.71
C VAL E 77 2.31 -27.75 -19.61
N ILE E 78 2.26 -26.55 -19.05
CA ILE E 78 0.94 -25.93 -18.91
C ILE E 78 0.99 -24.44 -19.26
N ASN E 79 -0.04 -24.06 -20.05
CA ASN E 79 -0.34 -22.68 -20.34
C ASN E 79 -1.72 -22.42 -19.69
N PRO E 80 -1.77 -21.90 -18.45
CA PRO E 80 -2.99 -21.73 -17.70
C PRO E 80 -3.93 -20.62 -18.19
N ALA E 81 -3.41 -19.82 -19.10
CA ALA E 81 -4.00 -18.66 -19.71
C ALA E 81 -4.50 -17.76 -18.58
N ALA E 82 -5.77 -17.29 -18.62
CA ALA E 82 -6.22 -16.38 -17.52
C ALA E 82 -6.23 -16.95 -16.13
N TYR E 83 -6.27 -18.29 -15.96
CA TYR E 83 -6.26 -18.95 -14.67
C TYR E 83 -4.85 -18.85 -14.03
N SER E 84 -3.82 -18.49 -14.76
CA SER E 84 -2.48 -18.28 -14.15
C SER E 84 -2.58 -17.21 -13.03
N HIS E 85 -3.36 -16.21 -13.37
CA HIS E 85 -3.50 -15.01 -12.46
C HIS E 85 -4.51 -15.16 -11.38
N THR E 86 -5.45 -16.11 -11.44
CA THR E 86 -6.55 -16.24 -10.50
C THR E 86 -6.66 -17.58 -9.76
N SER E 87 -6.09 -18.66 -10.31
CA SER E 87 -6.31 -20.02 -9.72
C SER E 87 -5.31 -20.51 -8.73
N VAL E 88 -5.71 -20.42 -7.47
CA VAL E 88 -5.04 -21.05 -6.35
C VAL E 88 -5.31 -22.57 -6.43
N ALA E 89 -6.52 -22.93 -7.00
CA ALA E 89 -6.92 -24.30 -7.16
C ALA E 89 -5.96 -25.13 -8.05
N ILE E 90 -5.51 -24.54 -9.15
CA ILE E 90 -4.57 -25.24 -10.11
C ILE E 90 -3.21 -25.28 -9.42
N LEU E 91 -2.77 -24.22 -8.79
CA LEU E 91 -1.53 -24.26 -7.99
C LEU E 91 -1.58 -25.46 -7.01
N ASP E 92 -2.58 -25.63 -6.24
CA ASP E 92 -2.76 -26.64 -5.25
C ASP E 92 -2.75 -27.98 -5.97
N ALA E 93 -3.38 -28.16 -7.11
CA ALA E 93 -3.38 -29.46 -7.85
C ALA E 93 -1.95 -29.77 -8.25
N LEU E 94 -1.18 -28.86 -8.82
CA LEU E 94 0.22 -29.09 -9.11
C LEU E 94 1.06 -29.36 -7.85
N ASN E 95 0.73 -28.84 -6.67
CA ASN E 95 1.48 -29.14 -5.47
C ASN E 95 1.21 -30.59 -4.96
N THR E 96 0.21 -31.26 -5.43
CA THR E 96 -0.04 -32.67 -5.03
C THR E 96 0.90 -33.58 -5.78
N CYS E 97 1.61 -33.15 -6.81
CA CYS E 97 2.43 -33.80 -7.77
C CYS E 97 3.89 -33.74 -7.28
N ASP E 98 4.10 -34.47 -6.22
CA ASP E 98 5.42 -34.60 -5.61
C ASP E 98 6.53 -34.95 -6.60
N GLY E 99 7.40 -33.99 -6.88
CA GLY E 99 8.49 -34.28 -7.79
C GLY E 99 8.25 -34.37 -9.27
N LEU E 100 7.05 -34.24 -9.75
CA LEU E 100 6.75 -34.29 -11.16
C LEU E 100 7.26 -33.02 -11.80
N PRO E 101 7.98 -33.11 -12.94
CA PRO E 101 8.48 -31.93 -13.63
C PRO E 101 7.31 -31.13 -14.18
N VAL E 102 7.37 -29.78 -14.01
CA VAL E 102 6.26 -28.91 -14.46
C VAL E 102 6.91 -27.68 -15.10
N VAL E 103 6.47 -27.27 -16.26
CA VAL E 103 6.92 -26.08 -16.97
C VAL E 103 5.70 -25.24 -17.36
N GLU E 104 5.70 -23.94 -16.94
CA GLU E 104 4.55 -23.11 -17.34
C GLU E 104 4.98 -22.28 -18.55
N VAL E 105 4.09 -22.10 -19.49
CA VAL E 105 4.33 -21.36 -20.71
C VAL E 105 3.23 -20.30 -20.92
N HIS E 106 3.68 -19.06 -21.18
CA HIS E 106 2.82 -17.98 -21.66
C HIS E 106 3.29 -17.61 -23.08
N ILE E 107 2.41 -17.52 -24.10
CA ILE E 107 2.73 -17.12 -25.42
C ILE E 107 3.24 -15.68 -25.47
N SER E 108 2.49 -14.79 -24.89
CA SER E 108 2.80 -13.37 -24.78
C SER E 108 3.75 -13.13 -23.63
N ASN E 109 4.45 -12.02 -23.66
CA ASN E 109 5.27 -11.56 -22.53
C ASN E 109 4.32 -10.82 -21.57
N ILE E 110 3.80 -11.53 -20.55
CA ILE E 110 2.91 -11.01 -19.54
C ILE E 110 3.50 -9.81 -18.84
N HIS E 111 4.83 -9.72 -18.61
CA HIS E 111 5.47 -8.59 -17.95
C HIS E 111 5.42 -7.28 -18.67
N GLN E 112 4.98 -7.24 -19.91
CA GLN E 112 4.80 -6.03 -20.68
C GLN E 112 3.32 -5.59 -20.66
N ARG E 113 2.45 -6.42 -20.14
CA ARG E 113 1.00 -6.14 -20.26
C ARG E 113 0.45 -5.51 -18.98
N GLU E 114 -0.90 -5.54 -18.81
CA GLU E 114 -1.45 -4.88 -17.62
C GLU E 114 -0.88 -5.47 -16.35
N PRO E 115 -0.78 -4.69 -15.29
CA PRO E 115 -0.27 -5.18 -14.02
C PRO E 115 -1.00 -6.41 -13.48
N PHE E 116 -2.31 -6.63 -13.74
CA PHE E 116 -2.95 -7.85 -13.20
C PHE E 116 -2.40 -9.12 -13.87
N ARG E 117 -1.70 -9.02 -14.99
CA ARG E 117 -1.12 -10.15 -15.65
C ARG E 117 0.32 -10.41 -15.11
N HIS E 118 0.86 -9.59 -14.23
CA HIS E 118 2.28 -9.83 -13.90
C HIS E 118 2.53 -10.97 -12.95
N HIS E 119 1.57 -11.38 -12.17
CA HIS E 119 1.62 -12.42 -11.22
C HIS E 119 0.87 -13.68 -11.70
N SER E 120 1.56 -14.76 -11.49
CA SER E 120 1.05 -16.13 -11.74
C SER E 120 1.15 -16.97 -10.48
N TYR E 121 0.10 -17.58 -10.03
CA TYR E 121 0.05 -18.57 -8.95
C TYR E 121 0.79 -19.90 -9.30
N VAL E 122 0.79 -20.21 -10.57
CA VAL E 122 1.41 -21.45 -11.08
C VAL E 122 2.92 -21.33 -11.01
N SER E 123 3.47 -20.11 -11.20
CA SER E 123 4.91 -19.94 -11.13
C SER E 123 5.59 -20.18 -9.82
N GLN E 124 4.90 -20.29 -8.73
CA GLN E 124 5.53 -20.63 -7.46
C GLN E 124 5.68 -22.20 -7.41
N ARG E 125 5.00 -22.94 -8.23
CA ARG E 125 5.23 -24.40 -8.21
C ARG E 125 6.05 -24.82 -9.41
N ALA E 126 5.84 -24.25 -10.60
CA ALA E 126 6.50 -24.68 -11.83
C ALA E 126 8.00 -24.72 -11.57
N ASP E 127 8.65 -25.73 -12.11
CA ASP E 127 10.14 -25.72 -12.04
C ASP E 127 10.63 -24.60 -12.94
N GLY E 128 10.12 -24.46 -14.15
CA GLY E 128 10.54 -23.43 -15.08
C GLY E 128 9.34 -22.71 -15.66
N VAL E 129 9.57 -21.46 -16.10
CA VAL E 129 8.51 -20.59 -16.60
C VAL E 129 9.08 -19.97 -17.88
N VAL E 130 8.31 -19.96 -18.97
CA VAL E 130 8.80 -19.38 -20.24
C VAL E 130 7.71 -18.40 -20.68
N ALA E 131 8.07 -17.16 -21.01
CA ALA E 131 7.04 -16.21 -21.38
C ALA E 131 7.42 -15.37 -22.61
N GLY E 132 6.51 -15.09 -23.52
CA GLY E 132 6.88 -14.21 -24.60
C GLY E 132 7.77 -14.84 -25.64
N CYS E 133 7.92 -16.16 -25.76
CA CYS E 133 8.64 -16.79 -26.78
C CYS E 133 7.68 -17.35 -27.81
N GLY E 134 6.45 -16.85 -27.89
CA GLY E 134 5.48 -17.33 -28.86
C GLY E 134 5.12 -18.82 -28.63
N VAL E 135 4.70 -19.46 -29.66
CA VAL E 135 4.30 -20.87 -29.65
C VAL E 135 5.53 -21.75 -29.54
N GLN E 136 6.70 -21.18 -29.85
CA GLN E 136 8.01 -21.82 -29.66
C GLN E 136 8.30 -22.08 -28.17
N GLY E 137 7.63 -21.29 -27.28
CA GLY E 137 7.75 -21.63 -25.88
C GLY E 137 7.23 -23.02 -25.49
N TYR E 138 6.20 -23.52 -26.16
CA TYR E 138 5.77 -24.89 -25.93
C TYR E 138 6.83 -25.91 -26.28
N VAL E 139 7.63 -25.72 -27.31
CA VAL E 139 8.73 -26.61 -27.70
C VAL E 139 9.78 -26.53 -26.59
N PHE E 140 10.06 -25.33 -26.10
CA PHE E 140 10.99 -25.19 -25.01
C PHE E 140 10.53 -25.98 -23.83
N GLY E 141 9.24 -25.91 -23.48
CA GLY E 141 8.70 -26.61 -22.33
C GLY E 141 8.96 -28.17 -22.53
N VAL E 142 8.62 -28.72 -23.65
CA VAL E 142 8.78 -30.13 -23.95
C VAL E 142 10.28 -30.47 -23.82
N GLU E 143 11.20 -29.69 -24.32
CA GLU E 143 12.63 -29.93 -24.13
C GLU E 143 13.11 -29.90 -22.70
N ARG E 144 12.54 -29.04 -21.85
CA ARG E 144 12.89 -28.95 -20.47
C ARG E 144 12.37 -30.20 -19.73
N ILE E 145 11.14 -30.61 -20.02
CA ILE E 145 10.61 -31.86 -19.40
C ILE E 145 11.50 -33.01 -19.85
N ALA E 146 11.87 -33.08 -21.10
CA ALA E 146 12.74 -34.17 -21.58
C ALA E 146 14.04 -34.21 -20.77
N ALA E 147 14.60 -33.06 -20.46
CA ALA E 147 15.86 -32.93 -19.73
C ALA E 147 15.67 -33.29 -18.29
N LEU E 148 14.58 -33.03 -17.62
CA LEU E 148 14.27 -33.27 -16.24
C LEU E 148 13.90 -34.75 -16.06
N ALA E 149 13.26 -35.33 -17.06
CA ALA E 149 12.85 -36.75 -16.91
C ALA E 149 14.04 -37.66 -17.07
N GLY E 150 15.05 -37.25 -17.82
CA GLY E 150 16.28 -38.00 -18.06
C GLY E 150 17.47 -37.45 -17.23
N ARG F 2 -22.92 -7.74 -36.49
CA ARG F 2 -24.20 -8.11 -37.14
C ARG F 2 -25.28 -7.10 -36.81
N SER F 3 -26.47 -7.30 -37.35
CA SER F 3 -27.57 -6.40 -37.00
C SER F 3 -28.62 -7.09 -36.15
N LEU F 4 -29.44 -6.29 -35.48
CA LEU F 4 -30.55 -6.80 -34.67
C LEU F 4 -31.55 -7.56 -35.47
N ALA F 5 -31.79 -7.12 -36.72
CA ALA F 5 -32.74 -7.91 -37.57
C ALA F 5 -32.13 -9.24 -37.95
N ASN F 6 -30.80 -9.36 -38.04
CA ASN F 6 -30.22 -10.62 -38.47
C ASN F 6 -29.75 -11.58 -37.38
N ALA F 7 -29.62 -11.11 -36.15
CA ALA F 7 -29.19 -12.02 -35.08
C ALA F 7 -29.61 -11.52 -33.70
N PRO F 8 -29.80 -12.42 -32.81
CA PRO F 8 -30.29 -12.08 -31.48
C PRO F 8 -29.17 -11.42 -30.65
N ILE F 9 -29.69 -10.70 -29.66
CA ILE F 9 -28.83 -10.17 -28.59
C ILE F 9 -28.57 -11.27 -27.59
N MET F 10 -27.30 -11.58 -27.22
CA MET F 10 -27.03 -12.56 -26.20
C MET F 10 -27.17 -11.85 -24.84
N ILE F 11 -27.97 -12.36 -23.92
CA ILE F 11 -28.11 -11.81 -22.58
C ILE F 11 -27.65 -12.94 -21.65
N LEU F 12 -26.53 -12.58 -20.90
CA LEU F 12 -25.97 -13.60 -20.04
C LEU F 12 -25.95 -13.22 -18.56
N ASN F 13 -26.29 -14.11 -17.71
CA ASN F 13 -26.36 -13.97 -16.25
C ASN F 13 -25.44 -14.97 -15.56
N GLY F 14 -24.66 -14.41 -14.63
CA GLY F 14 -23.69 -15.18 -13.86
C GLY F 14 -24.27 -15.84 -12.63
N PRO F 15 -23.40 -16.30 -11.73
CA PRO F 15 -23.72 -17.20 -10.65
C PRO F 15 -24.72 -16.59 -9.65
N ASN F 16 -25.64 -17.40 -9.11
CA ASN F 16 -26.60 -17.06 -8.12
C ASN F 16 -27.81 -16.24 -8.57
N LEU F 17 -27.83 -15.81 -9.82
CA LEU F 17 -28.85 -15.04 -10.47
C LEU F 17 -30.08 -15.89 -10.71
N ASN F 18 -29.97 -17.19 -10.75
CA ASN F 18 -31.06 -18.14 -10.78
C ASN F 18 -31.97 -17.90 -9.60
N LEU F 19 -31.50 -17.42 -8.43
CA LEU F 19 -32.36 -17.08 -7.30
C LEU F 19 -32.92 -15.70 -7.19
N LEU F 20 -32.79 -14.90 -8.28
CA LEU F 20 -33.25 -13.54 -8.28
C LEU F 20 -34.74 -13.48 -8.00
N GLY F 21 -35.15 -12.60 -7.09
CA GLY F 21 -36.53 -12.46 -6.73
C GLY F 21 -36.78 -13.27 -5.47
N GLN F 22 -36.05 -14.31 -5.17
CA GLN F 22 -36.24 -15.16 -4.03
C GLN F 22 -35.21 -14.79 -2.94
N ALA F 23 -33.97 -14.50 -3.24
CA ALA F 23 -32.98 -14.25 -2.17
C ALA F 23 -32.54 -12.78 -2.12
N GLN F 24 -32.20 -12.30 -0.92
CA GLN F 24 -31.86 -10.93 -0.65
C GLN F 24 -32.65 -9.91 -1.44
N PRO F 25 -33.97 -9.89 -1.26
CA PRO F 25 -34.84 -9.03 -2.01
C PRO F 25 -34.62 -7.58 -1.65
N GLU F 26 -34.15 -7.28 -0.42
CA GLU F 26 -33.85 -5.91 -0.06
C GLU F 26 -32.65 -5.36 -0.84
N ILE F 27 -31.81 -6.18 -1.47
CA ILE F 27 -30.67 -5.78 -2.25
C ILE F 27 -30.97 -5.88 -3.73
N TYR F 28 -31.53 -7.03 -4.17
CA TYR F 28 -31.73 -7.21 -5.62
C TYR F 28 -33.15 -7.14 -6.12
N GLY F 29 -34.14 -6.87 -5.29
CA GLY F 29 -35.51 -6.77 -5.81
C GLY F 29 -36.30 -8.05 -5.71
N SER F 30 -37.59 -7.97 -6.04
CA SER F 30 -38.48 -9.11 -6.00
C SER F 30 -38.93 -9.53 -7.38
N ASP F 31 -38.42 -9.03 -8.45
CA ASP F 31 -38.65 -9.52 -9.80
C ASP F 31 -37.74 -10.76 -10.02
N THR F 32 -38.27 -11.75 -10.77
CA THR F 32 -37.48 -12.96 -10.97
C THR F 32 -36.65 -12.89 -12.23
N LEU F 33 -35.79 -13.93 -12.45
CA LEU F 33 -35.04 -13.97 -13.71
C LEU F 33 -35.96 -14.13 -14.92
N ALA F 34 -37.09 -14.83 -14.79
CA ALA F 34 -38.10 -14.92 -15.85
C ALA F 34 -38.73 -13.58 -16.15
N ASP F 35 -39.01 -12.76 -15.14
CA ASP F 35 -39.51 -11.38 -15.31
C ASP F 35 -38.50 -10.54 -16.08
N VAL F 36 -37.21 -10.69 -15.75
CA VAL F 36 -36.14 -9.97 -16.46
C VAL F 36 -36.15 -10.37 -17.94
N GLU F 37 -36.11 -11.70 -18.22
CA GLU F 37 -36.18 -12.13 -19.59
C GLU F 37 -37.33 -11.48 -20.34
N ALA F 38 -38.54 -11.45 -19.84
CA ALA F 38 -39.67 -10.80 -20.52
C ALA F 38 -39.51 -9.31 -20.75
N LEU F 39 -38.86 -8.56 -19.82
CA LEU F 39 -38.47 -7.20 -20.06
C LEU F 39 -37.59 -7.04 -21.26
N CYS F 40 -36.60 -7.95 -21.44
CA CYS F 40 -35.61 -7.93 -22.46
C CYS F 40 -36.25 -8.24 -23.82
N VAL F 41 -37.11 -9.23 -23.80
CA VAL F 41 -37.82 -9.63 -25.05
C VAL F 41 -38.58 -8.42 -25.55
N LYS F 42 -39.30 -7.74 -24.69
CA LYS F 42 -40.13 -6.62 -25.05
C LYS F 42 -39.33 -5.46 -25.59
N ALA F 43 -38.21 -5.14 -24.91
CA ALA F 43 -37.37 -4.05 -25.40
C ALA F 43 -36.76 -4.36 -26.73
N ALA F 44 -36.33 -5.58 -27.01
CA ALA F 44 -35.66 -5.95 -28.23
C ALA F 44 -36.72 -5.89 -29.36
N ALA F 45 -37.87 -6.37 -29.00
CA ALA F 45 -38.92 -6.32 -30.07
C ALA F 45 -39.28 -4.94 -30.49
N ALA F 46 -39.27 -3.95 -29.62
CA ALA F 46 -39.52 -2.59 -30.03
C ALA F 46 -38.49 -2.15 -31.04
N HIS F 47 -37.28 -2.76 -31.20
CA HIS F 47 -36.31 -2.39 -32.24
C HIS F 47 -36.20 -3.38 -33.38
N GLY F 48 -37.13 -4.32 -33.47
CA GLY F 48 -37.16 -5.38 -34.44
C GLY F 48 -36.16 -6.49 -34.14
N GLY F 49 -35.76 -6.64 -32.87
CA GLY F 49 -34.75 -7.63 -32.55
C GLY F 49 -35.27 -8.69 -31.61
N THR F 50 -34.42 -9.63 -31.22
CA THR F 50 -34.77 -10.80 -30.44
C THR F 50 -33.58 -11.04 -29.46
N VAL F 51 -33.88 -11.72 -28.40
CA VAL F 51 -32.84 -12.05 -27.41
C VAL F 51 -32.62 -13.52 -27.29
N ASP F 52 -31.49 -13.95 -26.66
CA ASP F 52 -31.08 -15.27 -26.37
C ASP F 52 -30.61 -15.21 -24.87
N PHE F 53 -31.48 -15.51 -23.97
CA PHE F 53 -31.34 -15.30 -22.52
C PHE F 53 -30.91 -16.53 -21.81
N ARG F 54 -29.77 -16.47 -21.06
CA ARG F 54 -29.19 -17.58 -20.42
C ARG F 54 -28.57 -17.24 -19.06
N GLN F 55 -28.50 -18.29 -18.24
CA GLN F 55 -27.87 -18.12 -16.90
C GLN F 55 -27.00 -19.26 -16.54
N SER F 56 -25.92 -19.07 -15.80
CA SER F 56 -25.03 -20.12 -15.37
C SER F 56 -24.15 -19.76 -14.15
N ASN F 57 -23.93 -20.82 -13.39
CA ASN F 57 -23.07 -20.69 -12.17
C ASN F 57 -21.63 -20.98 -12.52
N HIS F 58 -21.37 -21.48 -13.73
CA HIS F 58 -20.06 -21.99 -14.12
C HIS F 58 -19.28 -21.00 -14.96
N GLU F 59 -18.07 -20.57 -14.52
CA GLU F 59 -17.25 -19.63 -15.25
C GLU F 59 -16.93 -20.08 -16.66
N GLY F 60 -16.56 -21.35 -16.80
CA GLY F 60 -16.23 -21.95 -18.11
C GLY F 60 -17.39 -21.97 -19.07
N GLU F 61 -18.56 -22.21 -18.51
CA GLU F 61 -19.75 -22.18 -19.43
C GLU F 61 -19.97 -20.80 -20.00
N LEU F 62 -19.89 -19.78 -19.09
CA LEU F 62 -19.98 -18.43 -19.54
C LEU F 62 -18.97 -18.10 -20.60
N VAL F 63 -17.74 -18.59 -20.42
CA VAL F 63 -16.72 -18.35 -21.45
C VAL F 63 -17.21 -18.99 -22.80
N ASP F 64 -17.77 -20.17 -22.73
CA ASP F 64 -18.15 -20.90 -23.95
C ASP F 64 -19.26 -20.17 -24.67
N TRP F 65 -20.18 -19.59 -23.89
CA TRP F 65 -21.31 -18.85 -24.44
C TRP F 65 -20.91 -17.53 -25.09
N ILE F 66 -19.88 -16.94 -24.54
CA ILE F 66 -19.29 -15.72 -25.11
C ILE F 66 -18.69 -16.05 -26.46
N HIS F 67 -18.02 -17.18 -26.58
CA HIS F 67 -17.40 -17.68 -27.82
C HIS F 67 -18.52 -17.91 -28.90
N GLU F 68 -19.67 -18.41 -28.45
CA GLU F 68 -20.81 -18.63 -29.35
C GLU F 68 -21.35 -17.35 -29.94
N ALA F 69 -21.52 -16.35 -29.05
CA ALA F 69 -22.00 -15.03 -29.41
C ALA F 69 -21.15 -14.34 -30.43
N ARG F 70 -19.81 -14.58 -30.27
CA ARG F 70 -18.78 -14.01 -31.09
C ARG F 70 -19.10 -14.29 -32.53
N LEU F 71 -19.61 -15.51 -32.74
CA LEU F 71 -19.94 -15.83 -34.12
C LEU F 71 -21.38 -15.65 -34.52
N ASN F 72 -22.35 -15.70 -33.60
CA ASN F 72 -23.78 -15.78 -33.91
C ASN F 72 -24.73 -14.70 -33.47
N HIS F 73 -24.35 -13.73 -32.65
CA HIS F 73 -25.18 -12.77 -32.01
C HIS F 73 -24.77 -11.37 -32.34
N CYS F 74 -25.72 -10.40 -32.18
CA CYS F 74 -25.37 -9.01 -32.56
C CYS F 74 -24.75 -8.18 -31.45
N GLY F 75 -24.73 -8.70 -30.25
CA GLY F 75 -24.06 -8.09 -29.10
C GLY F 75 -24.32 -8.85 -27.83
N ILE F 76 -23.80 -8.38 -26.67
CA ILE F 76 -23.92 -9.09 -25.46
C ILE F 76 -24.27 -8.11 -24.31
N VAL F 77 -25.31 -8.43 -23.56
CA VAL F 77 -25.63 -7.72 -22.36
C VAL F 77 -25.27 -8.80 -21.34
N ILE F 78 -24.38 -8.50 -20.38
CA ILE F 78 -23.93 -9.41 -19.40
C ILE F 78 -23.92 -8.82 -17.96
N ASN F 79 -24.49 -9.56 -17.06
CA ASN F 79 -24.44 -9.43 -15.62
C ASN F 79 -23.57 -10.59 -15.16
N PRO F 80 -22.29 -10.33 -14.94
CA PRO F 80 -21.37 -11.38 -14.55
C PRO F 80 -21.45 -11.80 -13.08
N ALA F 81 -22.23 -11.00 -12.27
CA ALA F 81 -22.49 -11.30 -10.90
C ALA F 81 -21.11 -11.49 -10.16
N ALA F 82 -20.94 -12.39 -9.27
CA ALA F 82 -19.65 -12.48 -8.55
C ALA F 82 -18.48 -12.55 -9.49
N TYR F 83 -18.58 -13.18 -10.70
CA TYR F 83 -17.43 -13.32 -11.57
C TYR F 83 -17.03 -11.98 -12.17
N SER F 84 -17.75 -10.89 -12.00
CA SER F 84 -17.27 -9.53 -12.39
C SER F 84 -15.96 -9.22 -11.62
N HIS F 85 -15.96 -9.64 -10.36
CA HIS F 85 -14.79 -9.30 -9.55
C HIS F 85 -13.59 -10.21 -9.66
N THR F 86 -13.78 -11.46 -10.03
CA THR F 86 -12.79 -12.48 -10.01
C THR F 86 -12.36 -13.03 -11.37
N SER F 87 -13.20 -12.96 -12.44
CA SER F 87 -12.86 -13.68 -13.64
C SER F 87 -12.10 -12.90 -14.73
N VAL F 88 -10.78 -13.10 -14.74
CA VAL F 88 -9.92 -12.68 -15.85
C VAL F 88 -10.28 -13.51 -17.07
N ALA F 89 -10.80 -14.72 -16.87
CA ALA F 89 -11.15 -15.61 -18.00
C ALA F 89 -12.36 -15.05 -18.76
N ILE F 90 -13.36 -14.51 -18.08
CA ILE F 90 -14.51 -13.94 -18.83
C ILE F 90 -14.14 -12.67 -19.53
N LEU F 91 -13.31 -11.85 -18.89
CA LEU F 91 -12.70 -10.66 -19.53
C LEU F 91 -12.06 -11.01 -20.85
N ASP F 92 -11.13 -12.01 -20.84
CA ASP F 92 -10.40 -12.49 -21.97
C ASP F 92 -11.36 -13.08 -23.00
N ALA F 93 -12.40 -13.78 -22.66
CA ALA F 93 -13.40 -14.22 -23.64
C ALA F 93 -13.97 -13.04 -24.39
N LEU F 94 -14.41 -11.99 -23.68
CA LEU F 94 -14.94 -10.77 -24.25
C LEU F 94 -13.93 -10.09 -25.15
N ASN F 95 -12.61 -10.16 -24.83
CA ASN F 95 -11.60 -9.56 -25.59
C ASN F 95 -11.38 -10.30 -26.93
N THR F 96 -11.87 -11.52 -27.10
CA THR F 96 -11.71 -12.23 -28.38
C THR F 96 -12.74 -11.70 -29.36
N CYS F 97 -13.76 -11.01 -28.92
CA CYS F 97 -14.88 -10.50 -29.69
C CYS F 97 -14.64 -9.07 -30.21
N ASP F 98 -13.77 -9.03 -31.18
CA ASP F 98 -13.38 -7.85 -31.91
C ASP F 98 -14.57 -7.04 -32.39
N GLY F 99 -14.77 -5.86 -31.74
CA GLY F 99 -15.84 -5.01 -32.23
C GLY F 99 -17.24 -5.30 -31.76
N LEU F 100 -17.53 -6.44 -31.18
CA LEU F 100 -18.88 -6.77 -30.76
C LEU F 100 -19.27 -5.83 -29.62
N PRO F 101 -20.46 -5.23 -29.74
CA PRO F 101 -20.95 -4.37 -28.65
C PRO F 101 -21.23 -5.20 -27.40
N VAL F 102 -20.75 -4.72 -26.25
CA VAL F 102 -20.91 -5.35 -24.96
C VAL F 102 -21.34 -4.32 -23.88
N VAL F 103 -22.36 -4.66 -23.15
CA VAL F 103 -22.85 -3.80 -22.04
C VAL F 103 -22.89 -4.62 -20.76
N GLU F 104 -22.22 -4.24 -19.68
CA GLU F 104 -22.21 -4.89 -18.39
C GLU F 104 -23.27 -4.27 -17.49
N VAL F 105 -24.09 -5.07 -16.84
CA VAL F 105 -25.16 -4.63 -15.96
C VAL F 105 -25.01 -5.27 -14.60
N HIS F 106 -25.16 -4.38 -13.57
CA HIS F 106 -25.23 -4.85 -12.21
C HIS F 106 -26.57 -4.32 -11.71
N ILE F 107 -27.34 -5.17 -11.07
CA ILE F 107 -28.63 -4.77 -10.49
C ILE F 107 -28.36 -3.82 -9.34
N SER F 108 -27.45 -4.16 -8.44
CA SER F 108 -27.17 -3.31 -7.29
C SER F 108 -26.13 -2.27 -7.60
N ASN F 109 -26.07 -1.24 -6.76
CA ASN F 109 -25.00 -0.26 -6.95
C ASN F 109 -23.74 -0.75 -6.24
N ILE F 110 -22.91 -1.53 -6.97
CA ILE F 110 -21.71 -2.10 -6.44
C ILE F 110 -20.81 -1.09 -5.69
N HIS F 111 -20.69 0.16 -6.12
CA HIS F 111 -19.93 1.21 -5.50
C HIS F 111 -20.36 1.54 -4.08
N GLN F 112 -21.51 1.21 -3.58
CA GLN F 112 -21.94 1.42 -2.22
C GLN F 112 -21.70 0.20 -1.34
N ARG F 113 -21.17 -0.90 -1.93
CA ARG F 113 -21.07 -2.12 -1.14
C ARG F 113 -19.63 -2.38 -0.68
N GLU F 114 -19.29 -3.56 -0.31
CA GLU F 114 -17.95 -3.87 0.16
C GLU F 114 -16.88 -3.49 -0.85
N PRO F 115 -15.70 -3.12 -0.39
CA PRO F 115 -14.63 -2.72 -1.30
C PRO F 115 -14.29 -3.79 -2.32
N PHE F 116 -14.40 -5.08 -2.12
CA PHE F 116 -14.06 -6.16 -3.02
C PHE F 116 -15.05 -6.11 -4.21
N ARG F 117 -16.20 -5.54 -4.02
CA ARG F 117 -17.13 -5.39 -5.14
C ARG F 117 -16.84 -4.17 -6.02
N HIS F 118 -15.95 -3.26 -5.69
CA HIS F 118 -15.78 -2.05 -6.41
C HIS F 118 -15.14 -2.17 -7.77
N HIS F 119 -14.38 -3.23 -8.00
CA HIS F 119 -13.65 -3.42 -9.24
C HIS F 119 -14.26 -4.58 -9.99
N SER F 120 -14.51 -4.39 -11.26
CA SER F 120 -14.89 -5.42 -12.18
C SER F 120 -13.87 -5.57 -13.28
N TYR F 121 -13.36 -6.81 -13.53
CA TYR F 121 -12.49 -7.12 -14.64
C TYR F 121 -13.30 -6.89 -15.95
N VAL F 122 -14.57 -7.26 -15.98
CA VAL F 122 -15.36 -7.03 -17.22
C VAL F 122 -15.49 -5.58 -17.67
N SER F 123 -15.56 -4.61 -16.77
CA SER F 123 -15.67 -3.20 -17.07
C SER F 123 -14.53 -2.67 -17.94
N GLN F 124 -13.36 -3.26 -17.93
CA GLN F 124 -12.32 -2.78 -18.85
C GLN F 124 -12.54 -3.10 -20.31
N ARG F 125 -13.36 -4.06 -20.65
CA ARG F 125 -13.71 -4.36 -22.03
C ARG F 125 -15.15 -3.91 -22.34
N ALA F 126 -16.05 -3.94 -21.42
CA ALA F 126 -17.44 -3.57 -21.83
C ALA F 126 -17.42 -2.18 -22.37
N ASP F 127 -18.26 -1.85 -23.38
CA ASP F 127 -18.41 -0.57 -23.97
C ASP F 127 -19.10 0.39 -22.97
N GLY F 128 -20.13 -0.10 -22.29
CA GLY F 128 -20.91 0.66 -21.31
C GLY F 128 -21.15 -0.25 -20.09
N VAL F 129 -21.37 0.34 -18.95
CA VAL F 129 -21.62 -0.36 -17.70
C VAL F 129 -22.74 0.37 -17.01
N VAL F 130 -23.78 -0.35 -16.55
CA VAL F 130 -24.90 0.19 -15.86
C VAL F 130 -24.94 -0.43 -14.47
N ALA F 131 -24.99 0.32 -13.42
CA ALA F 131 -25.10 -0.26 -12.08
C ALA F 131 -26.16 0.46 -11.26
N GLY F 132 -26.83 -0.34 -10.44
CA GLY F 132 -27.78 0.27 -9.54
C GLY F 132 -29.10 0.81 -10.12
N CYS F 133 -29.42 0.41 -11.29
CA CYS F 133 -30.69 0.75 -11.95
C CYS F 133 -31.66 -0.37 -11.86
N GLY F 134 -31.50 -1.31 -10.96
CA GLY F 134 -32.35 -2.48 -10.78
C GLY F 134 -32.39 -3.33 -12.02
N VAL F 135 -33.54 -4.07 -12.17
CA VAL F 135 -33.70 -4.85 -13.39
C VAL F 135 -33.95 -4.00 -14.58
N GLN F 136 -34.25 -2.66 -14.50
CA GLN F 136 -34.45 -1.78 -15.66
C GLN F 136 -33.08 -1.62 -16.31
N GLY F 137 -31.99 -1.81 -15.54
CA GLY F 137 -30.70 -1.73 -16.19
C GLY F 137 -30.50 -2.71 -17.38
N TYR F 138 -31.18 -3.83 -17.37
CA TYR F 138 -31.15 -4.77 -18.45
C TYR F 138 -31.81 -4.20 -19.71
N VAL F 139 -32.89 -3.44 -19.53
CA VAL F 139 -33.56 -2.75 -20.61
C VAL F 139 -32.65 -1.71 -21.18
N PHE F 140 -31.92 -0.93 -20.33
CA PHE F 140 -30.91 0.00 -20.79
C PHE F 140 -29.81 -0.70 -21.59
N GLY F 141 -29.43 -1.90 -21.10
CA GLY F 141 -28.39 -2.62 -21.87
C GLY F 141 -28.93 -2.96 -23.28
N VAL F 142 -30.10 -3.56 -23.39
CA VAL F 142 -30.70 -3.85 -24.73
C VAL F 142 -30.72 -2.61 -25.59
N GLU F 143 -31.23 -1.46 -25.07
CA GLU F 143 -31.32 -0.22 -25.88
C GLU F 143 -29.99 0.24 -26.37
N ARG F 144 -28.94 0.10 -25.54
CA ARG F 144 -27.62 0.51 -25.96
C ARG F 144 -27.09 -0.40 -27.04
N ILE F 145 -27.25 -1.72 -26.99
CA ILE F 145 -26.83 -2.68 -27.97
C ILE F 145 -27.57 -2.28 -29.29
N ALA F 146 -28.80 -1.92 -29.18
CA ALA F 146 -29.59 -1.52 -30.35
C ALA F 146 -29.06 -0.23 -30.98
N ALA F 147 -28.65 0.75 -30.22
CA ALA F 147 -28.00 1.92 -30.84
C ALA F 147 -26.62 1.54 -31.42
N LEU F 148 -25.78 0.70 -30.81
CA LEU F 148 -24.45 0.39 -31.32
C LEU F 148 -24.45 -0.59 -32.51
N ALA F 149 -25.37 -1.50 -32.61
CA ALA F 149 -25.52 -2.44 -33.73
C ALA F 149 -25.96 -1.64 -34.94
N GLY F 150 -26.82 -0.64 -34.68
CA GLY F 150 -27.30 0.28 -35.69
C GLY F 150 -26.28 1.47 -35.83
N ARG G 2 -3.02 39.40 18.46
CA ARG G 2 -4.00 40.55 18.37
C ARG G 2 -5.06 40.41 19.44
N SER G 3 -5.61 41.56 19.95
CA SER G 3 -6.54 41.35 21.06
C SER G 3 -8.00 41.10 20.71
N LEU G 4 -8.78 40.46 21.62
CA LEU G 4 -10.20 40.30 21.34
C LEU G 4 -10.93 41.65 21.33
N ALA G 5 -10.38 42.58 22.09
CA ALA G 5 -10.93 43.92 22.19
C ALA G 5 -10.78 44.68 20.89
N ASN G 6 -9.68 44.39 20.19
CA ASN G 6 -9.41 45.18 18.99
C ASN G 6 -10.01 44.73 17.70
N ALA G 7 -10.39 43.42 17.64
CA ALA G 7 -10.91 42.91 16.37
C ALA G 7 -11.70 41.61 16.63
N PRO G 8 -12.67 41.33 15.77
CA PRO G 8 -13.49 40.14 15.91
C PRO G 8 -12.78 38.85 15.57
N ILE G 9 -13.31 37.81 16.10
CA ILE G 9 -12.90 36.42 15.78
C ILE G 9 -13.61 36.04 14.49
N MET G 10 -12.86 35.55 13.51
CA MET G 10 -13.55 35.15 12.24
C MET G 10 -14.05 33.68 12.42
N ILE G 11 -15.33 33.44 12.18
CA ILE G 11 -15.90 32.06 12.32
C ILE G 11 -16.29 31.66 10.92
N LEU G 12 -15.57 30.70 10.30
CA LEU G 12 -15.79 30.33 8.92
C LEU G 12 -16.37 28.92 8.84
N ASN G 13 -17.45 28.76 8.01
CA ASN G 13 -18.12 27.53 7.82
C ASN G 13 -18.13 27.14 6.34
N GLY G 14 -17.75 25.97 6.00
CA GLY G 14 -17.69 25.36 4.70
C GLY G 14 -19.01 24.88 4.08
N PRO G 15 -18.87 24.13 2.98
CA PRO G 15 -20.00 23.77 2.10
C PRO G 15 -21.05 22.99 2.84
N ASN G 16 -22.35 23.13 2.53
CA ASN G 16 -23.44 22.42 3.02
C ASN G 16 -23.88 22.81 4.42
N LEU G 17 -23.15 23.58 5.21
CA LEU G 17 -23.44 23.97 6.58
C LEU G 17 -24.60 24.97 6.63
N ASN G 18 -24.97 25.54 5.51
CA ASN G 18 -26.17 26.34 5.34
C ASN G 18 -27.41 25.57 5.73
N LEU G 19 -27.49 24.27 5.51
CA LEU G 19 -28.57 23.36 5.81
C LEU G 19 -28.51 22.72 7.18
N LEU G 20 -27.59 23.20 8.03
CA LEU G 20 -27.46 22.59 9.36
C LEU G 20 -28.79 22.70 10.14
N GLY G 21 -29.14 21.57 10.71
CA GLY G 21 -30.37 21.47 11.50
C GLY G 21 -31.55 21.08 10.59
N GLN G 22 -31.44 21.18 9.28
CA GLN G 22 -32.52 20.82 8.41
C GLN G 22 -32.18 19.47 7.73
N ALA G 23 -30.94 19.13 7.51
CA ALA G 23 -30.55 17.90 6.84
C ALA G 23 -29.66 17.02 7.70
N GLN G 24 -29.87 15.71 7.59
CA GLN G 24 -29.14 14.69 8.38
C GLN G 24 -29.01 15.03 9.86
N PRO G 25 -30.13 15.26 10.54
CA PRO G 25 -30.20 15.62 11.94
C PRO G 25 -29.67 14.56 12.86
N GLU G 26 -29.71 13.30 12.48
CA GLU G 26 -29.18 12.21 13.24
C GLU G 26 -27.64 12.22 13.23
N ILE G 27 -27.00 12.94 12.31
CA ILE G 27 -25.52 13.01 12.33
C ILE G 27 -25.11 14.39 12.81
N TYR G 28 -25.80 15.43 12.39
CA TYR G 28 -25.31 16.77 12.76
C TYR G 28 -26.16 17.59 13.74
N GLY G 29 -27.21 17.01 14.24
CA GLY G 29 -28.11 17.65 15.22
C GLY G 29 -29.23 18.45 14.61
N SER G 30 -30.06 19.11 15.46
CA SER G 30 -31.19 19.88 15.00
C SER G 30 -31.03 21.37 15.26
N ASP G 31 -29.89 21.83 15.76
CA ASP G 31 -29.62 23.25 15.89
C ASP G 31 -29.30 23.79 14.51
N THR G 32 -29.70 24.96 14.13
CA THR G 32 -29.42 25.61 12.91
C THR G 32 -28.09 26.38 12.87
N LEU G 33 -27.72 26.81 11.66
CA LEU G 33 -26.47 27.58 11.56
C LEU G 33 -26.65 28.95 12.29
N ALA G 34 -27.86 29.49 12.22
CA ALA G 34 -28.17 30.72 12.95
C ALA G 34 -28.04 30.47 14.44
N ASP G 35 -28.52 29.34 14.94
CA ASP G 35 -28.36 29.00 16.33
C ASP G 35 -26.87 28.96 16.70
N VAL G 36 -26.08 28.33 15.81
CA VAL G 36 -24.61 28.27 16.14
C VAL G 36 -24.02 29.70 16.22
N GLU G 37 -24.36 30.50 15.29
CA GLU G 37 -23.94 31.93 15.29
C GLU G 37 -24.31 32.63 16.62
N ALA G 38 -25.54 32.53 17.06
CA ALA G 38 -25.85 33.10 18.44
C ALA G 38 -25.03 32.47 19.54
N LEU G 39 -24.67 31.22 19.61
CA LEU G 39 -23.81 30.63 20.60
C LEU G 39 -22.43 31.26 20.60
N CYS G 40 -21.92 31.50 19.40
CA CYS G 40 -20.60 32.07 19.18
C CYS G 40 -20.54 33.54 19.68
N VAL G 41 -21.59 34.26 19.34
CA VAL G 41 -21.67 35.68 19.81
C VAL G 41 -21.67 35.71 21.34
N LYS G 42 -22.46 34.88 22.02
CA LYS G 42 -22.41 34.86 23.48
C LYS G 42 -21.09 34.35 24.03
N ALA G 43 -20.48 33.27 23.44
CA ALA G 43 -19.19 32.81 23.92
C ALA G 43 -18.08 33.87 23.87
N ALA G 44 -18.03 34.63 22.75
CA ALA G 44 -17.01 35.64 22.58
C ALA G 44 -17.29 36.82 23.59
N ALA G 45 -18.56 37.12 23.70
CA ALA G 45 -18.94 38.21 24.65
C ALA G 45 -18.47 37.97 26.07
N ALA G 46 -18.48 36.67 26.48
CA ALA G 46 -17.98 36.37 27.83
C ALA G 46 -16.53 36.67 28.02
N HIS G 47 -15.75 36.88 26.98
CA HIS G 47 -14.38 37.33 27.02
C HIS G 47 -14.16 38.79 26.55
N GLY G 48 -15.25 39.50 26.35
CA GLY G 48 -15.18 40.90 25.91
C GLY G 48 -14.99 41.04 24.39
N GLY G 49 -15.13 39.88 23.66
CA GLY G 49 -14.91 39.83 22.24
C GLY G 49 -16.14 39.77 21.36
N THR G 50 -15.92 39.69 20.07
CA THR G 50 -16.98 39.71 19.07
C THR G 50 -16.63 38.69 17.93
N VAL G 51 -17.61 38.38 17.09
CA VAL G 51 -17.38 37.41 16.04
C VAL G 51 -17.88 37.97 14.70
N ASP G 52 -17.29 37.45 13.65
CA ASP G 52 -17.59 37.71 12.26
C ASP G 52 -17.91 36.31 11.66
N PHE G 53 -19.18 35.99 11.67
CA PHE G 53 -19.65 34.63 11.29
C PHE G 53 -20.10 34.52 9.85
N ARG G 54 -19.47 33.55 9.05
CA ARG G 54 -19.76 33.45 7.65
C ARG G 54 -19.84 31.99 7.14
N GLN G 55 -20.53 31.81 6.01
CA GLN G 55 -20.56 30.41 5.50
C GLN G 55 -20.50 30.55 3.97
N SER G 56 -19.90 29.54 3.34
CA SER G 56 -19.82 29.49 1.91
C SER G 56 -19.66 28.09 1.37
N ASN G 57 -20.26 27.87 0.18
CA ASN G 57 -19.99 26.60 -0.52
C ASN G 57 -18.78 26.62 -1.43
N HIS G 58 -18.18 27.75 -1.65
CA HIS G 58 -17.05 28.03 -2.53
C HIS G 58 -15.67 28.01 -1.85
N GLU G 59 -14.85 27.07 -2.32
CA GLU G 59 -13.45 27.01 -1.82
C GLU G 59 -12.64 28.28 -1.96
N GLY G 60 -12.66 28.98 -3.09
CA GLY G 60 -11.95 30.21 -3.30
C GLY G 60 -12.44 31.38 -2.45
N GLU G 61 -13.75 31.42 -2.17
CA GLU G 61 -14.31 32.45 -1.31
C GLU G 61 -13.79 32.25 0.15
N LEU G 62 -13.74 31.04 0.67
CA LEU G 62 -13.15 30.73 1.98
C LEU G 62 -11.67 31.12 2.01
N VAL G 63 -10.93 30.89 0.91
CA VAL G 63 -9.54 31.38 0.77
C VAL G 63 -9.48 32.92 0.92
N ASP G 64 -10.35 33.57 0.22
CA ASP G 64 -10.39 35.08 0.27
C ASP G 64 -10.72 35.54 1.70
N TRP G 65 -11.63 34.92 2.39
CA TRP G 65 -12.01 35.29 3.77
C TRP G 65 -10.85 35.00 4.68
N ILE G 66 -10.08 33.98 4.47
CA ILE G 66 -8.86 33.71 5.32
C ILE G 66 -7.86 34.82 5.13
N HIS G 67 -7.64 35.33 3.89
CA HIS G 67 -6.69 36.45 3.65
C HIS G 67 -7.19 37.70 4.39
N GLU G 68 -8.51 37.86 4.34
CA GLU G 68 -9.08 39.04 5.03
C GLU G 68 -8.79 39.02 6.52
N ALA G 69 -8.97 37.84 7.12
CA ALA G 69 -8.70 37.57 8.52
C ALA G 69 -7.29 37.79 8.98
N ARG G 70 -6.40 37.48 8.06
CA ARG G 70 -4.99 37.56 8.22
C ARG G 70 -4.68 38.99 8.59
N LEU G 71 -5.38 39.95 8.01
CA LEU G 71 -5.13 41.35 8.32
C LEU G 71 -6.02 42.04 9.34
N ASN G 72 -7.27 41.61 9.49
CA ASN G 72 -8.28 42.27 10.25
C ASN G 72 -8.87 41.56 11.47
N HIS G 73 -8.56 40.28 11.73
CA HIS G 73 -9.20 39.53 12.79
C HIS G 73 -8.23 39.05 13.83
N CYS G 74 -8.67 38.63 15.04
CA CYS G 74 -7.71 38.25 16.06
C CYS G 74 -7.50 36.72 16.07
N GLY G 75 -8.29 36.04 15.27
CA GLY G 75 -8.07 34.55 15.14
C GLY G 75 -9.15 33.99 14.22
N ILE G 76 -9.08 32.64 13.97
CA ILE G 76 -10.03 31.98 13.12
C ILE G 76 -10.48 30.63 13.75
N VAL G 77 -11.77 30.45 13.81
CA VAL G 77 -12.41 29.20 14.15
C VAL G 77 -12.95 28.79 12.75
N ILE G 78 -12.63 27.57 12.31
CA ILE G 78 -13.12 27.11 11.04
C ILE G 78 -13.63 25.67 11.11
N ASN G 79 -14.83 25.50 10.49
CA ASN G 79 -15.41 24.21 10.21
C ASN G 79 -15.36 24.16 8.67
N PRO G 80 -14.35 23.48 8.11
CA PRO G 80 -14.14 23.41 6.65
C PRO G 80 -15.15 22.46 5.98
N ALA G 81 -15.91 21.69 6.80
CA ALA G 81 -16.84 20.74 6.25
C ALA G 81 -16.10 19.87 5.25
N ALA G 82 -16.67 19.58 4.09
CA ALA G 82 -16.07 18.65 3.16
C ALA G 82 -14.68 19.00 2.70
N TYR G 83 -14.39 20.32 2.64
CA TYR G 83 -13.17 20.91 2.17
C TYR G 83 -12.06 20.54 3.10
N SER G 84 -12.35 20.13 4.33
CA SER G 84 -11.31 19.63 5.24
C SER G 84 -10.50 18.50 4.60
N HIS G 85 -11.23 17.63 3.90
CA HIS G 85 -10.68 16.44 3.27
C HIS G 85 -9.98 16.64 1.93
N THR G 86 -10.29 17.73 1.26
CA THR G 86 -9.88 17.91 -0.12
C THR G 86 -9.05 19.14 -0.39
N SER G 87 -9.11 20.18 0.51
CA SER G 87 -8.51 21.48 0.14
C SER G 87 -7.13 21.84 0.59
N VAL G 88 -6.18 21.54 -0.27
CA VAL G 88 -4.81 21.98 -0.05
C VAL G 88 -4.83 23.52 -0.08
N ALA G 89 -5.69 24.14 -0.89
CA ALA G 89 -5.76 25.58 -1.06
C ALA G 89 -6.15 26.32 0.25
N ILE G 90 -7.02 25.83 1.08
CA ILE G 90 -7.47 26.31 2.32
C ILE G 90 -6.33 26.07 3.38
N LEU G 91 -5.65 24.97 3.29
CA LEU G 91 -4.46 24.75 4.16
C LEU G 91 -3.44 25.88 3.89
N ASP G 92 -3.09 26.16 2.65
CA ASP G 92 -2.14 27.12 2.20
C ASP G 92 -2.61 28.52 2.58
N ALA G 93 -3.91 28.81 2.43
CA ALA G 93 -4.34 30.16 2.90
C ALA G 93 -4.04 30.33 4.38
N LEU G 94 -4.36 29.32 5.21
CA LEU G 94 -4.06 29.38 6.65
C LEU G 94 -2.58 29.46 6.89
N ASN G 95 -1.74 28.85 6.11
CA ASN G 95 -0.27 28.95 6.20
C ASN G 95 0.25 30.39 5.94
N THR G 96 -0.48 31.21 5.21
CA THR G 96 -0.06 32.60 5.02
C THR G 96 -0.18 33.41 6.28
N CYS G 97 -0.92 33.04 7.26
CA CYS G 97 -1.32 33.72 8.49
C CYS G 97 -0.34 33.37 9.60
N ASP G 98 0.79 34.00 9.52
CA ASP G 98 1.92 33.84 10.44
C ASP G 98 1.54 34.10 11.89
N GLY G 99 1.46 33.06 12.69
CA GLY G 99 1.12 33.18 14.07
C GLY G 99 -0.33 33.46 14.46
N LEU G 100 -1.25 33.64 13.53
CA LEU G 100 -2.65 33.86 13.89
C LEU G 100 -3.27 32.57 14.46
N PRO G 101 -3.85 32.63 15.64
CA PRO G 101 -4.52 31.46 16.23
C PRO G 101 -5.59 30.91 15.32
N VAL G 102 -5.54 29.57 15.17
CA VAL G 102 -6.55 28.93 14.34
C VAL G 102 -7.09 27.71 15.04
N VAL G 103 -8.38 27.41 15.07
CA VAL G 103 -8.94 26.20 15.72
C VAL G 103 -9.92 25.60 14.68
N GLU G 104 -9.79 24.31 14.39
CA GLU G 104 -10.65 23.68 13.41
C GLU G 104 -11.69 22.90 14.20
N VAL G 105 -12.94 22.92 13.77
CA VAL G 105 -14.05 22.29 14.43
C VAL G 105 -14.84 21.40 13.43
N HIS G 106 -15.12 20.16 13.87
CA HIS G 106 -16.02 19.27 13.08
C HIS G 106 -17.15 18.87 14.10
N ILE G 107 -18.40 19.08 13.76
CA ILE G 107 -19.56 18.77 14.56
C ILE G 107 -19.56 17.27 14.91
N SER G 108 -19.43 16.50 13.86
CA SER G 108 -19.47 15.05 13.94
C SER G 108 -18.10 14.46 14.27
N ASN G 109 -18.03 13.24 14.79
CA ASN G 109 -16.69 12.64 15.10
C ASN G 109 -16.27 11.89 13.83
N ILE G 110 -15.48 12.60 13.00
CA ILE G 110 -15.03 12.15 11.73
C ILE G 110 -14.30 10.82 11.82
N HIS G 111 -13.63 10.51 12.95
CA HIS G 111 -12.85 9.29 13.10
C HIS G 111 -13.72 8.06 13.22
N GLN G 112 -15.03 8.17 13.40
CA GLN G 112 -15.95 7.07 13.43
C GLN G 112 -16.62 6.91 12.04
N ARG G 113 -16.29 7.86 11.14
CA ARG G 113 -17.06 7.75 9.89
C ARG G 113 -16.25 7.11 8.78
N GLU G 114 -16.67 7.31 7.50
CA GLU G 114 -15.87 6.67 6.41
C GLU G 114 -14.40 7.01 6.46
N PRO G 115 -13.51 6.13 5.99
CA PRO G 115 -12.08 6.41 6.01
C PRO G 115 -11.71 7.65 5.20
N PHE G 116 -12.35 8.09 4.16
CA PHE G 116 -12.02 9.32 3.46
C PHE G 116 -12.25 10.58 4.33
N ARG G 117 -13.02 10.44 5.40
CA ARG G 117 -13.21 11.57 6.31
C ARG G 117 -12.16 11.56 7.44
N HIS G 118 -11.30 10.61 7.57
CA HIS G 118 -10.37 10.56 8.68
C HIS G 118 -9.25 11.60 8.67
N HIS G 119 -8.83 12.03 7.52
CA HIS G 119 -7.75 12.97 7.32
C HIS G 119 -8.30 14.36 6.91
N SER G 120 -7.73 15.34 7.51
CA SER G 120 -7.94 16.77 7.26
C SER G 120 -6.64 17.50 6.96
N TYR G 121 -6.59 18.24 5.88
CA TYR G 121 -5.41 19.01 5.47
C TYR G 121 -5.27 20.22 6.41
N VAL G 122 -6.41 20.69 6.90
CA VAL G 122 -6.47 21.84 7.82
C VAL G 122 -5.86 21.56 9.16
N SER G 123 -5.98 20.29 9.64
CA SER G 123 -5.36 19.93 10.92
C SER G 123 -3.85 20.06 11.01
N GLN G 124 -3.15 20.08 9.91
CA GLN G 124 -1.70 20.20 9.93
C GLN G 124 -1.30 21.64 10.29
N ARG G 125 -2.10 22.64 10.13
CA ARG G 125 -1.87 24.02 10.44
C ARG G 125 -2.65 24.48 11.65
N ALA G 126 -3.89 24.04 11.85
CA ALA G 126 -4.63 24.45 13.01
C ALA G 126 -3.84 24.22 14.29
N ASP G 127 -3.96 25.20 15.19
CA ASP G 127 -3.33 25.05 16.48
C ASP G 127 -4.04 23.92 17.26
N GLY G 128 -5.35 23.87 17.22
CA GLY G 128 -6.16 22.92 17.94
C GLY G 128 -7.28 22.41 17.06
N VAL G 129 -7.77 21.21 17.29
CA VAL G 129 -8.77 20.54 16.53
C VAL G 129 -9.75 19.89 17.47
N VAL G 130 -11.02 20.18 17.35
CA VAL G 130 -12.13 19.64 18.12
C VAL G 130 -13.09 18.90 17.21
N ALA G 131 -13.42 17.64 17.48
CA ALA G 131 -14.30 16.85 16.62
C ALA G 131 -15.35 16.14 17.49
N GLY G 132 -16.58 15.99 16.95
CA GLY G 132 -17.55 15.20 17.69
C GLY G 132 -18.11 15.78 18.98
N CYS G 133 -17.90 17.06 19.26
CA CYS G 133 -18.50 17.74 20.35
C CYS G 133 -19.78 18.46 19.97
N GLY G 134 -20.42 18.17 18.89
CA GLY G 134 -21.57 18.81 18.33
C GLY G 134 -21.29 20.33 18.12
N VAL G 135 -22.42 21.12 18.16
CA VAL G 135 -22.24 22.59 18.02
C VAL G 135 -21.51 23.23 19.20
N GLN G 136 -21.49 22.63 20.35
CA GLN G 136 -20.66 23.03 21.49
C GLN G 136 -19.19 23.11 21.05
N GLY G 137 -18.74 22.37 20.04
CA GLY G 137 -17.33 22.52 19.64
C GLY G 137 -16.96 23.97 19.26
N TYR G 138 -17.83 24.68 18.64
CA TYR G 138 -17.69 26.06 18.23
C TYR G 138 -17.40 26.93 19.46
N VAL G 139 -18.11 26.65 20.56
CA VAL G 139 -17.91 27.38 21.78
C VAL G 139 -16.50 27.12 22.33
N PHE G 140 -16.07 25.85 22.21
CA PHE G 140 -14.71 25.49 22.63
C PHE G 140 -13.71 26.25 21.77
N GLY G 141 -14.00 26.31 20.48
CA GLY G 141 -13.17 26.98 19.48
C GLY G 141 -12.97 28.46 19.90
N VAL G 142 -14.05 29.12 20.18
CA VAL G 142 -14.03 30.50 20.65
C VAL G 142 -13.19 30.62 21.94
N GLU G 143 -13.47 29.81 22.93
CA GLU G 143 -12.63 29.82 24.13
C GLU G 143 -11.14 29.65 23.95
N ARG G 144 -10.70 28.76 23.08
CA ARG G 144 -9.29 28.54 22.80
C ARG G 144 -8.69 29.75 22.12
N ILE G 145 -9.33 30.40 21.15
CA ILE G 145 -8.88 31.64 20.54
C ILE G 145 -8.76 32.70 21.64
N ALA G 146 -9.72 32.86 22.53
CA ALA G 146 -9.62 33.89 23.57
C ALA G 146 -8.40 33.60 24.41
N ALA G 147 -8.08 32.35 24.74
CA ALA G 147 -6.93 32.05 25.58
C ALA G 147 -5.59 32.25 24.85
N LEU G 148 -5.53 32.01 23.54
CA LEU G 148 -4.38 32.17 22.71
C LEU G 148 -4.17 33.67 22.38
N ALA G 149 -5.25 34.40 22.27
CA ALA G 149 -5.11 35.83 21.96
C ALA G 149 -4.69 36.57 23.22
N GLY G 150 -5.08 36.13 24.39
CA GLY G 150 -4.76 36.71 25.70
C GLY G 150 -3.25 36.75 25.89
N ARG H 2 -41.53 14.41 -5.12
CA ARG H 2 -42.45 14.99 -6.15
C ARG H 2 -42.64 14.12 -7.37
N SER H 3 -43.77 14.17 -8.07
CA SER H 3 -44.00 13.41 -9.26
C SER H 3 -43.34 14.20 -10.39
N LEU H 4 -43.17 13.53 -11.52
CA LEU H 4 -42.70 14.21 -12.72
C LEU H 4 -43.73 15.26 -13.17
N ALA H 5 -45.03 15.01 -12.90
CA ALA H 5 -46.01 16.01 -13.36
C ALA H 5 -45.90 17.30 -12.57
N ASN H 6 -45.54 17.20 -11.30
CA ASN H 6 -45.44 18.36 -10.43
C ASN H 6 -44.16 19.19 -10.50
N ALA H 7 -43.05 18.58 -10.86
CA ALA H 7 -41.82 19.37 -10.88
C ALA H 7 -40.82 18.79 -11.85
N PRO H 8 -39.97 19.64 -12.41
CA PRO H 8 -38.91 19.18 -13.32
C PRO H 8 -37.80 18.36 -12.70
N ILE H 9 -37.24 17.57 -13.61
CA ILE H 9 -36.02 16.80 -13.31
C ILE H 9 -34.85 17.70 -13.42
N MET H 10 -33.96 17.85 -12.41
CA MET H 10 -32.76 18.65 -12.55
C MET H 10 -31.67 17.85 -13.21
N ILE H 11 -31.11 18.35 -14.34
CA ILE H 11 -30.06 17.75 -15.07
C ILE H 11 -28.83 18.58 -14.96
N LEU H 12 -27.84 18.11 -14.12
CA LEU H 12 -26.62 18.90 -13.86
C LEU H 12 -25.31 18.38 -14.49
N ASN H 13 -24.55 19.25 -15.04
CA ASN H 13 -23.30 18.97 -15.77
C ASN H 13 -22.19 19.77 -15.17
N GLY H 14 -21.09 19.09 -14.83
CA GLY H 14 -19.87 19.67 -14.29
C GLY H 14 -18.89 20.27 -15.24
N PRO H 15 -17.62 20.48 -14.85
CA PRO H 15 -16.66 21.34 -15.56
C PRO H 15 -16.34 20.73 -16.89
N ASN H 16 -16.00 21.70 -17.80
CA ASN H 16 -15.57 21.35 -19.13
C ASN H 16 -16.65 20.77 -20.04
N LEU H 17 -17.85 20.46 -19.56
CA LEU H 17 -18.89 19.91 -20.44
C LEU H 17 -19.51 20.97 -21.33
N ASN H 18 -19.23 22.24 -21.06
CA ASN H 18 -19.62 23.28 -21.97
C ASN H 18 -18.98 23.05 -23.35
N LEU H 19 -17.83 22.41 -23.45
CA LEU H 19 -17.16 22.13 -24.71
C LEU H 19 -17.50 20.75 -25.32
N LEU H 20 -18.52 20.10 -24.83
CA LEU H 20 -18.91 18.80 -25.35
C LEU H 20 -19.26 18.86 -26.85
N GLY H 21 -18.67 17.95 -27.62
CA GLY H 21 -18.93 18.00 -29.07
C GLY H 21 -17.85 18.83 -29.79
N GLN H 22 -17.10 19.70 -29.14
CA GLN H 22 -16.08 20.50 -29.75
C GLN H 22 -14.68 19.96 -29.38
N ALA H 23 -14.43 19.47 -28.20
CA ALA H 23 -13.12 19.00 -27.77
C ALA H 23 -13.11 17.49 -27.50
N GLN H 24 -11.97 16.88 -27.74
CA GLN H 24 -11.80 15.44 -27.61
C GLN H 24 -13.00 14.61 -28.05
N PRO H 25 -13.42 14.69 -29.30
CA PRO H 25 -14.54 14.00 -29.86
C PRO H 25 -14.34 12.50 -29.91
N GLU H 26 -13.10 12.06 -30.00
CA GLU H 26 -12.79 10.63 -30.03
C GLU H 26 -13.08 9.99 -28.67
N ILE H 27 -13.15 10.80 -27.61
CA ILE H 27 -13.46 10.31 -26.29
C ILE H 27 -14.93 10.53 -25.98
N TYR H 28 -15.43 11.76 -26.26
CA TYR H 28 -16.77 12.09 -25.81
C TYR H 28 -17.86 12.26 -26.85
N GLY H 29 -17.46 12.15 -28.11
CA GLY H 29 -18.43 12.21 -29.19
C GLY H 29 -18.52 13.60 -29.77
N SER H 30 -19.39 13.75 -30.79
CA SER H 30 -19.65 14.95 -31.50
C SER H 30 -21.01 15.61 -31.26
N ASP H 31 -21.86 15.04 -30.40
CA ASP H 31 -23.08 15.73 -30.01
C ASP H 31 -22.73 16.80 -28.98
N THR H 32 -23.44 17.92 -28.96
CA THR H 32 -23.16 19.05 -28.12
C THR H 32 -24.03 18.93 -26.88
N LEU H 33 -23.80 19.87 -25.97
CA LEU H 33 -24.59 19.95 -24.75
C LEU H 33 -26.02 20.38 -25.07
N ALA H 34 -26.15 21.15 -26.16
CA ALA H 34 -27.51 21.52 -26.63
C ALA H 34 -28.24 20.26 -27.15
N ASP H 35 -27.57 19.41 -27.90
CA ASP H 35 -28.09 18.15 -28.38
C ASP H 35 -28.54 17.32 -27.20
N VAL H 36 -27.72 17.20 -26.11
CA VAL H 36 -28.01 16.44 -24.96
C VAL H 36 -29.28 16.94 -24.30
N GLU H 37 -29.43 18.24 -24.15
CA GLU H 37 -30.64 18.82 -23.50
C GLU H 37 -31.83 18.39 -24.33
N ALA H 38 -31.76 18.52 -25.64
CA ALA H 38 -32.91 18.11 -26.47
C ALA H 38 -33.34 16.70 -26.23
N LEU H 39 -32.43 15.75 -26.20
CA LEU H 39 -32.64 14.32 -25.89
C LEU H 39 -33.37 14.19 -24.57
N CYS H 40 -32.91 14.93 -23.52
CA CYS H 40 -33.51 14.86 -22.22
C CYS H 40 -34.94 15.43 -22.27
N VAL H 41 -35.15 16.56 -22.87
CA VAL H 41 -36.51 17.15 -22.95
C VAL H 41 -37.47 16.14 -23.56
N LYS H 42 -37.06 15.46 -24.60
CA LYS H 42 -37.87 14.50 -25.33
C LYS H 42 -38.17 13.27 -24.53
N ALA H 43 -37.13 12.73 -23.84
CA ALA H 43 -37.38 11.60 -22.97
C ALA H 43 -38.30 11.94 -21.82
N ALA H 44 -38.22 13.12 -21.18
CA ALA H 44 -39.04 13.49 -20.06
C ALA H 44 -40.48 13.67 -20.53
N ALA H 45 -40.58 14.23 -21.72
CA ALA H 45 -41.95 14.51 -22.21
C ALA H 45 -42.76 13.26 -22.43
N ALA H 46 -42.17 12.15 -22.80
CA ALA H 46 -42.83 10.89 -23.02
C ALA H 46 -43.40 10.43 -21.68
N HIS H 47 -42.93 10.87 -20.49
CA HIS H 47 -43.42 10.44 -19.20
C HIS H 47 -44.24 11.52 -18.54
N GLY H 48 -44.63 12.53 -19.30
CA GLY H 48 -45.32 13.71 -18.88
C GLY H 48 -44.54 14.68 -18.00
N GLY H 49 -43.20 14.71 -18.15
CA GLY H 49 -42.36 15.49 -17.21
C GLY H 49 -41.63 16.54 -18.02
N THR H 50 -40.81 17.34 -17.31
CA THR H 50 -39.99 18.37 -17.88
C THR H 50 -38.57 18.29 -17.21
N VAL H 51 -37.69 19.02 -17.88
CA VAL H 51 -36.32 19.10 -17.33
C VAL H 51 -35.85 20.54 -17.14
N ASP H 52 -34.88 20.70 -16.26
CA ASP H 52 -34.18 21.89 -15.87
C ASP H 52 -32.66 21.55 -16.11
N PHE H 53 -32.19 21.95 -17.24
CA PHE H 53 -30.82 21.50 -17.67
C PHE H 53 -29.82 22.61 -17.50
N ARG H 54 -28.69 22.33 -16.74
CA ARG H 54 -27.72 23.34 -16.42
C ARG H 54 -26.26 22.76 -16.48
N GLN H 55 -25.33 23.67 -16.58
CA GLN H 55 -23.91 23.34 -16.61
C GLN H 55 -23.08 24.36 -15.85
N SER H 56 -22.03 23.89 -15.12
CA SER H 56 -21.19 24.82 -14.38
C SER H 56 -19.74 24.29 -14.18
N ASN H 57 -18.80 25.19 -14.23
CA ASN H 57 -17.40 24.84 -13.93
C ASN H 57 -17.09 24.94 -12.48
N HIS H 58 -18.03 25.50 -11.68
CA HIS H 58 -17.74 25.78 -10.27
C HIS H 58 -18.38 24.77 -9.33
N GLU H 59 -17.50 24.22 -8.42
CA GLU H 59 -17.95 23.20 -7.49
C GLU H 59 -19.07 23.70 -6.58
N GLY H 60 -18.94 24.96 -6.06
CA GLY H 60 -19.87 25.56 -5.16
C GLY H 60 -21.27 25.86 -5.75
N GLU H 61 -21.20 26.20 -7.05
CA GLU H 61 -22.44 26.47 -7.79
C GLU H 61 -23.22 25.20 -8.01
N LEU H 62 -22.57 24.11 -8.26
CA LEU H 62 -23.18 22.77 -8.40
C LEU H 62 -23.73 22.36 -7.04
N VAL H 63 -23.03 22.69 -5.94
CA VAL H 63 -23.58 22.42 -4.62
C VAL H 63 -24.86 23.24 -4.39
N ASP H 64 -24.86 24.51 -4.77
CA ASP H 64 -26.05 25.34 -4.56
C ASP H 64 -27.22 24.81 -5.34
N TRP H 65 -27.00 24.28 -6.53
CA TRP H 65 -28.08 23.82 -7.44
C TRP H 65 -28.70 22.56 -6.92
N ILE H 66 -27.88 21.71 -6.29
CA ILE H 66 -28.32 20.52 -5.61
C ILE H 66 -29.27 20.88 -4.45
N HIS H 67 -28.89 21.95 -3.73
CA HIS H 67 -29.75 22.46 -2.64
C HIS H 67 -31.12 22.89 -3.23
N GLU H 68 -31.10 23.52 -4.38
CA GLU H 68 -32.35 24.03 -5.01
C GLU H 68 -33.22 22.85 -5.34
N ALA H 69 -32.61 21.87 -6.04
CA ALA H 69 -33.28 20.63 -6.42
C ALA H 69 -33.92 19.93 -5.25
N ARG H 70 -33.25 19.90 -4.10
CA ARG H 70 -33.70 19.26 -2.90
C ARG H 70 -35.13 19.77 -2.58
N LEU H 71 -35.39 21.03 -2.74
CA LEU H 71 -36.71 21.59 -2.47
C LEU H 71 -37.66 21.65 -3.63
N ASN H 72 -37.24 21.75 -4.87
CA ASN H 72 -38.04 22.14 -6.00
C ASN H 72 -38.13 21.20 -7.19
N HIS H 73 -37.37 20.13 -7.12
CA HIS H 73 -37.26 19.19 -8.26
C HIS H 73 -37.64 17.80 -7.86
N CYS H 74 -38.03 16.97 -8.85
CA CYS H 74 -38.44 15.60 -8.60
C CYS H 74 -37.29 14.55 -8.63
N GLY H 75 -36.13 15.03 -9.05
CA GLY H 75 -34.99 14.04 -9.09
C GLY H 75 -33.82 14.75 -9.71
N ILE H 76 -32.60 14.07 -9.68
CA ILE H 76 -31.45 14.71 -10.28
C ILE H 76 -30.69 13.65 -11.13
N VAL H 77 -30.29 14.07 -12.31
CA VAL H 77 -29.43 13.36 -13.23
C VAL H 77 -28.17 14.23 -13.26
N ILE H 78 -27.01 13.66 -12.84
CA ILE H 78 -25.82 14.48 -12.81
C ILE H 78 -24.59 13.79 -13.45
N ASN H 79 -23.94 14.64 -14.25
CA ASN H 79 -22.64 14.25 -14.77
C ASN H 79 -21.71 15.21 -14.08
N PRO H 80 -21.06 14.73 -12.98
CA PRO H 80 -20.13 15.57 -12.30
C PRO H 80 -18.78 15.89 -12.96
N ALA H 81 -18.46 15.22 -14.05
CA ALA H 81 -17.26 15.45 -14.83
C ALA H 81 -16.06 15.27 -13.88
N ALA H 82 -15.05 16.10 -13.96
CA ALA H 82 -13.86 15.90 -13.10
C ALA H 82 -14.20 15.93 -11.60
N TYR H 83 -15.28 16.61 -11.18
CA TYR H 83 -15.66 16.67 -9.74
C TYR H 83 -16.11 15.33 -9.20
N SER H 84 -16.50 14.38 -10.10
CA SER H 84 -16.72 12.99 -9.69
C SER H 84 -15.60 12.49 -8.78
N HIS H 85 -14.40 12.71 -9.25
CA HIS H 85 -13.19 12.16 -8.66
C HIS H 85 -12.69 12.92 -7.46
N THR H 86 -13.03 14.20 -7.30
CA THR H 86 -12.44 15.01 -6.25
C THR H 86 -13.46 15.65 -5.29
N SER H 87 -14.78 15.69 -5.61
CA SER H 87 -15.64 16.48 -4.74
C SER H 87 -16.46 15.77 -3.66
N VAL H 88 -15.84 15.74 -2.48
CA VAL H 88 -16.60 15.38 -1.28
C VAL H 88 -17.75 16.31 -1.03
N ALA H 89 -17.56 17.63 -1.39
CA ALA H 89 -18.60 18.63 -1.21
C ALA H 89 -19.89 18.38 -1.99
N ILE H 90 -19.72 17.85 -3.24
CA ILE H 90 -20.94 17.55 -4.04
C ILE H 90 -21.62 16.29 -3.53
N LEU H 91 -20.87 15.28 -3.08
CA LEU H 91 -21.31 14.10 -2.42
C LEU H 91 -22.17 14.48 -1.17
N ASP H 92 -21.60 15.42 -0.36
CA ASP H 92 -22.35 15.83 0.84
C ASP H 92 -23.59 16.62 0.46
N ALA H 93 -23.62 17.43 -0.54
CA ALA H 93 -24.83 18.11 -1.01
C ALA H 93 -25.88 17.11 -1.40
N LEU H 94 -25.49 16.05 -2.15
CA LEU H 94 -26.48 15.02 -2.49
C LEU H 94 -27.00 14.21 -1.30
N ASN H 95 -26.14 14.06 -0.22
CA ASN H 95 -26.54 13.41 1.00
C ASN H 95 -27.57 14.23 1.76
N THR H 96 -27.71 15.53 1.56
CA THR H 96 -28.74 16.31 2.27
C THR H 96 -30.13 16.07 1.68
N CYS H 97 -30.22 15.43 0.52
CA CYS H 97 -31.43 15.23 -0.25
C CYS H 97 -32.03 13.85 0.05
N ASP H 98 -32.62 13.80 1.22
CA ASP H 98 -33.24 12.62 1.79
C ASP H 98 -34.27 11.98 0.84
N GLY H 99 -33.91 10.82 0.31
CA GLY H 99 -34.84 10.10 -0.53
C GLY H 99 -35.06 10.59 -1.95
N LEU H 100 -34.45 11.63 -2.42
CA LEU H 100 -34.54 12.12 -3.77
C LEU H 100 -33.78 11.16 -4.67
N PRO H 101 -34.41 10.72 -5.71
CA PRO H 101 -33.77 9.89 -6.71
C PRO H 101 -32.65 10.65 -7.41
N VAL H 102 -31.52 9.92 -7.55
CA VAL H 102 -30.29 10.54 -8.12
C VAL H 102 -29.57 9.52 -8.99
N VAL H 103 -29.23 9.81 -10.23
CA VAL H 103 -28.55 8.93 -11.13
C VAL H 103 -27.34 9.67 -11.73
N GLU H 104 -26.16 9.12 -11.50
CA GLU H 104 -24.90 9.65 -12.04
C GLU H 104 -24.59 9.12 -13.41
N VAL H 105 -24.17 9.94 -14.35
CA VAL H 105 -23.89 9.61 -15.70
C VAL H 105 -22.49 10.04 -16.10
N HIS H 106 -21.72 9.13 -16.62
CA HIS H 106 -20.46 9.44 -17.29
C HIS H 106 -20.59 9.04 -18.79
N ILE H 107 -20.25 9.97 -19.65
CA ILE H 107 -20.31 9.70 -21.11
C ILE H 107 -19.32 8.66 -21.53
N SER H 108 -18.06 8.81 -21.03
CA SER H 108 -17.00 7.82 -21.32
C SER H 108 -17.06 6.67 -20.35
N ASN H 109 -16.42 5.53 -20.67
CA ASN H 109 -16.30 4.44 -19.70
C ASN H 109 -15.07 4.66 -18.82
N ILE H 110 -15.26 5.36 -17.71
CA ILE H 110 -14.21 5.67 -16.78
C ILE H 110 -13.30 4.54 -16.44
N HIS H 111 -13.84 3.35 -16.25
CA HIS H 111 -13.08 2.14 -15.88
C HIS H 111 -12.02 1.74 -16.87
N GLN H 112 -11.98 2.23 -18.08
CA GLN H 112 -10.97 1.96 -19.05
C GLN H 112 -9.92 3.04 -19.06
N ARG H 113 -10.06 4.10 -18.25
CA ARG H 113 -9.18 5.23 -18.37
C ARG H 113 -8.14 5.17 -17.27
N GLU H 114 -7.53 6.34 -17.03
CA GLU H 114 -6.50 6.36 -15.97
C GLU H 114 -7.13 5.96 -14.65
N PRO H 115 -6.33 5.40 -13.76
CA PRO H 115 -6.74 4.91 -12.47
C PRO H 115 -7.25 6.05 -11.59
N PHE H 116 -6.86 7.32 -11.70
CA PHE H 116 -7.47 8.38 -10.93
C PHE H 116 -8.96 8.51 -11.34
N ARG H 117 -9.37 8.11 -12.55
CA ARG H 117 -10.79 8.26 -12.94
C ARG H 117 -11.62 7.09 -12.46
N HIS H 118 -11.07 6.02 -11.89
CA HIS H 118 -11.86 4.83 -11.51
C HIS H 118 -12.81 4.98 -10.33
N HIS H 119 -12.46 5.92 -9.40
CA HIS H 119 -13.33 6.15 -8.30
C HIS H 119 -14.06 7.51 -8.35
N SER H 120 -15.36 7.38 -8.02
CA SER H 120 -16.20 8.60 -7.89
C SER H 120 -16.82 8.72 -6.50
N TYR H 121 -16.73 9.92 -5.90
CA TYR H 121 -17.38 10.16 -4.63
C TYR H 121 -18.92 10.16 -4.77
N VAL H 122 -19.34 10.67 -5.91
CA VAL H 122 -20.82 10.76 -6.14
C VAL H 122 -21.48 9.40 -6.13
N SER H 123 -20.86 8.33 -6.62
CA SER H 123 -21.37 6.99 -6.76
C SER H 123 -21.75 6.34 -5.46
N GLN H 124 -21.23 6.84 -4.32
CA GLN H 124 -21.65 6.23 -3.08
C GLN H 124 -23.06 6.73 -2.70
N ARG H 125 -23.47 7.84 -3.24
CA ARG H 125 -24.81 8.32 -2.94
C ARG H 125 -25.82 8.02 -4.08
N ALA H 126 -25.29 8.19 -5.31
CA ALA H 126 -26.24 8.02 -6.46
C ALA H 126 -26.95 6.66 -6.30
N ASP H 127 -28.23 6.59 -6.66
CA ASP H 127 -29.02 5.39 -6.67
C ASP H 127 -28.45 4.52 -7.81
N GLY H 128 -28.27 5.07 -8.99
CA GLY H 128 -27.82 4.35 -10.16
C GLY H 128 -26.66 5.13 -10.81
N VAL H 129 -25.76 4.38 -11.43
CA VAL H 129 -24.60 4.93 -12.08
C VAL H 129 -24.54 4.38 -13.50
N VAL H 130 -24.51 5.19 -14.55
CA VAL H 130 -24.33 4.80 -15.92
C VAL H 130 -23.02 5.31 -16.50
N ALA H 131 -22.20 4.46 -17.08
CA ALA H 131 -20.95 4.90 -17.67
C ALA H 131 -20.68 4.30 -19.05
N GLY H 132 -20.09 5.06 -19.94
CA GLY H 132 -19.79 4.63 -21.29
C GLY H 132 -20.96 4.32 -22.21
N CYS H 133 -22.13 4.86 -21.91
CA CYS H 133 -23.25 4.72 -22.88
C CYS H 133 -23.37 5.94 -23.72
N GLY H 134 -22.36 6.82 -23.81
CA GLY H 134 -22.44 8.04 -24.56
C GLY H 134 -23.47 8.99 -24.00
N VAL H 135 -23.84 9.95 -24.84
CA VAL H 135 -24.91 10.87 -24.43
C VAL H 135 -26.26 10.17 -24.29
N GLN H 136 -26.47 8.92 -24.71
CA GLN H 136 -27.66 8.12 -24.52
C GLN H 136 -27.75 7.78 -23.05
N GLY H 137 -26.60 7.80 -22.31
CA GLY H 137 -26.71 7.50 -20.90
C GLY H 137 -27.59 8.54 -20.19
N TYR H 138 -27.66 9.77 -20.63
CA TYR H 138 -28.49 10.81 -20.04
C TYR H 138 -29.98 10.44 -20.20
N VAL H 139 -30.30 9.85 -21.36
CA VAL H 139 -31.71 9.40 -21.55
C VAL H 139 -32.02 8.29 -20.59
N PHE H 140 -31.07 7.31 -20.36
CA PHE H 140 -31.25 6.26 -19.38
C PHE H 140 -31.48 6.83 -17.98
N GLY H 141 -30.76 7.88 -17.64
CA GLY H 141 -30.88 8.62 -16.38
C GLY H 141 -32.32 9.15 -16.18
N VAL H 142 -32.83 9.87 -17.16
CA VAL H 142 -34.18 10.40 -17.20
C VAL H 142 -35.22 9.28 -17.00
N GLU H 143 -35.11 8.19 -17.76
CA GLU H 143 -35.91 6.98 -17.62
C GLU H 143 -35.90 6.36 -16.25
N ARG H 144 -34.71 6.32 -15.56
CA ARG H 144 -34.64 5.80 -14.25
C ARG H 144 -35.33 6.68 -13.23
N ILE H 145 -35.14 8.02 -13.44
CA ILE H 145 -35.80 8.96 -12.56
C ILE H 145 -37.29 8.80 -12.64
N ALA H 146 -37.79 8.68 -13.86
CA ALA H 146 -39.24 8.52 -14.07
C ALA H 146 -39.74 7.27 -13.41
N ALA H 147 -38.93 6.18 -13.44
CA ALA H 147 -39.39 4.98 -12.76
C ALA H 147 -39.31 5.13 -11.26
N LEU H 148 -38.34 5.86 -10.72
CA LEU H 148 -38.21 5.99 -9.27
C LEU H 148 -39.18 7.01 -8.66
N ALA H 149 -39.57 8.00 -9.41
CA ALA H 149 -40.49 9.03 -8.90
C ALA H 149 -41.90 8.45 -9.03
N GLY H 150 -42.12 7.49 -9.93
CA GLY H 150 -43.38 6.86 -10.18
C GLY H 150 -43.62 5.57 -9.39
N ARG I 2 -1.10 29.20 -33.36
CA ARG I 2 -0.84 30.66 -33.21
C ARG I 2 0.58 30.99 -32.77
N SER I 3 1.06 32.13 -33.28
CA SER I 3 2.46 32.48 -32.96
C SER I 3 2.46 33.49 -31.84
N LEU I 4 3.67 33.81 -31.34
CA LEU I 4 3.75 34.86 -30.34
C LEU I 4 3.49 36.24 -30.95
N ALA I 5 3.71 36.41 -32.25
CA ALA I 5 3.45 37.70 -32.87
C ALA I 5 1.94 37.97 -33.00
N ASN I 6 1.14 36.88 -33.09
CA ASN I 6 -0.27 37.15 -33.33
C ASN I 6 -1.11 37.09 -32.07
N ALA I 7 -0.59 36.50 -31.00
CA ALA I 7 -1.42 36.26 -29.81
C ALA I 7 -0.61 36.18 -28.53
N PRO I 8 -1.19 36.67 -27.47
CA PRO I 8 -0.48 36.71 -26.19
C PRO I 8 -0.32 35.33 -25.57
N ILE I 9 0.73 35.16 -24.81
CA ILE I 9 0.93 34.07 -23.91
C ILE I 9 0.07 34.26 -22.67
N MET I 10 -0.73 33.27 -22.24
CA MET I 10 -1.53 33.32 -21.04
C MET I 10 -0.68 32.88 -19.82
N ILE I 11 -0.57 33.69 -18.81
CA ILE I 11 0.20 33.34 -17.60
C ILE I 11 -0.81 33.31 -16.44
N LEU I 12 -1.03 32.08 -15.97
CA LEU I 12 -2.10 31.83 -14.98
C LEU I 12 -1.50 31.53 -13.60
N ASN I 13 -2.07 32.12 -12.56
CA ASN I 13 -1.54 31.90 -11.22
C ASN I 13 -2.71 31.50 -10.32
N GLY I 14 -2.56 30.44 -9.59
CA GLY I 14 -3.53 29.82 -8.74
C GLY I 14 -3.62 30.45 -7.34
N PRO I 15 -4.26 29.77 -6.39
CA PRO I 15 -4.69 30.36 -5.14
C PRO I 15 -3.55 30.74 -4.23
N ASN I 16 -3.68 31.82 -3.46
CA ASN I 16 -2.74 32.35 -2.52
C ASN I 16 -1.58 33.09 -3.12
N LEU I 17 -1.37 33.05 -4.44
CA LEU I 17 -0.29 33.75 -5.12
C LEU I 17 -0.44 35.24 -5.10
N ASN I 18 -1.68 35.72 -4.84
CA ASN I 18 -1.89 37.15 -4.62
C ASN I 18 -1.06 37.68 -3.43
N LEU I 19 -0.64 36.85 -2.50
CA LEU I 19 0.25 37.27 -1.42
C LEU I 19 1.70 36.94 -1.65
N LEU I 20 2.06 36.64 -2.90
CA LEU I 20 3.49 36.38 -3.15
C LEU I 20 4.36 37.58 -2.73
N GLY I 21 5.46 37.32 -2.01
CA GLY I 21 6.35 38.34 -1.56
C GLY I 21 6.02 38.88 -0.18
N GLN I 22 4.78 38.74 0.26
CA GLN I 22 4.32 39.14 1.56
C GLN I 22 4.26 38.01 2.57
N ALA I 23 3.96 36.80 2.18
CA ALA I 23 3.85 35.64 3.03
C ALA I 23 4.88 34.57 2.78
N GLN I 24 5.27 33.89 3.87
CA GLN I 24 6.27 32.82 3.79
C GLN I 24 7.41 33.13 2.82
N PRO I 25 8.11 34.21 3.02
CA PRO I 25 9.20 34.64 2.15
C PRO I 25 10.36 33.70 2.19
N GLU I 26 10.52 32.97 3.29
CA GLU I 26 11.60 31.99 3.37
C GLU I 26 11.37 30.79 2.48
N ILE I 27 10.16 30.58 1.94
CA ILE I 27 9.88 29.49 1.05
C ILE I 27 9.74 30.03 -0.39
N TYR I 28 8.98 31.09 -0.55
CA TYR I 28 8.63 31.63 -1.85
C TYR I 28 9.32 32.90 -2.29
N GLY I 29 10.15 33.48 -1.43
CA GLY I 29 10.90 34.67 -1.79
C GLY I 29 10.20 35.97 -1.47
N SER I 30 10.91 37.09 -1.75
CA SER I 30 10.41 38.40 -1.46
C SER I 30 10.02 39.19 -2.69
N ASP I 31 9.98 38.67 -3.87
CA ASP I 31 9.47 39.26 -5.07
C ASP I 31 7.93 39.07 -5.09
N THR I 32 7.22 40.03 -5.53
CA THR I 32 5.77 40.08 -5.52
C THR I 32 5.25 39.56 -6.83
N LEU I 33 3.93 39.38 -6.97
CA LEU I 33 3.33 38.95 -8.19
C LEU I 33 3.49 40.00 -9.28
N ALA I 34 3.49 41.28 -8.89
CA ALA I 34 3.68 42.35 -9.88
C ALA I 34 5.10 42.31 -10.41
N ASP I 35 6.10 41.99 -9.56
CA ASP I 35 7.46 41.80 -10.02
C ASP I 35 7.56 40.62 -11.03
N VAL I 36 6.85 39.54 -10.82
CA VAL I 36 6.82 38.39 -11.69
C VAL I 36 6.19 38.81 -13.03
N GLU I 37 5.08 39.52 -13.00
CA GLU I 37 4.46 39.93 -14.24
C GLU I 37 5.49 40.79 -15.04
N ALA I 38 6.19 41.73 -14.38
CA ALA I 38 7.19 42.49 -15.12
C ALA I 38 8.31 41.64 -15.73
N LEU I 39 8.67 40.51 -15.05
CA LEU I 39 9.74 39.66 -15.62
C LEU I 39 9.21 38.93 -16.87
N CYS I 40 7.95 38.56 -16.84
CA CYS I 40 7.32 37.87 -17.98
C CYS I 40 7.13 38.80 -19.12
N VAL I 41 6.70 40.07 -18.86
CA VAL I 41 6.51 41.04 -19.96
C VAL I 41 7.82 41.25 -20.70
N LYS I 42 8.92 41.34 -19.98
CA LYS I 42 10.25 41.59 -20.49
C LYS I 42 10.79 40.43 -21.27
N ALA I 43 10.61 39.19 -20.83
CA ALA I 43 11.01 38.00 -21.52
C ALA I 43 10.22 37.84 -22.84
N ALA I 44 8.91 38.04 -22.76
CA ALA I 44 8.12 37.94 -23.98
C ALA I 44 8.54 38.99 -25.04
N ALA I 45 8.71 40.21 -24.62
CA ALA I 45 9.10 41.34 -25.50
C ALA I 45 10.35 41.01 -26.26
N ALA I 46 11.37 40.39 -25.67
CA ALA I 46 12.58 39.98 -26.38
C ALA I 46 12.25 39.00 -27.49
N HIS I 47 11.14 38.28 -27.50
CA HIS I 47 10.75 37.38 -28.57
C HIS I 47 9.69 38.00 -29.46
N GLY I 48 9.37 39.28 -29.26
CA GLY I 48 8.34 39.92 -30.08
C GLY I 48 6.93 39.55 -29.69
N GLY I 49 6.79 39.10 -28.43
CA GLY I 49 5.45 38.70 -27.98
C GLY I 49 4.94 39.57 -26.83
N THR I 50 3.76 39.19 -26.31
CA THR I 50 3.10 39.82 -25.21
C THR I 50 2.51 38.79 -24.24
N VAL I 51 2.20 39.24 -23.02
CA VAL I 51 1.63 38.36 -22.00
C VAL I 51 0.26 38.84 -21.51
N ASP I 52 -0.50 37.88 -20.99
CA ASP I 52 -1.81 38.15 -20.41
C ASP I 52 -1.79 37.46 -19.03
N PHE I 53 -1.51 38.27 -18.03
CA PHE I 53 -1.17 37.72 -16.67
C PHE I 53 -2.31 37.87 -15.72
N ARG I 54 -2.75 36.75 -15.18
CA ARG I 54 -3.85 36.68 -14.27
C ARG I 54 -3.60 35.85 -13.05
N GLN I 55 -4.30 36.04 -11.97
CA GLN I 55 -4.38 35.28 -10.78
C GLN I 55 -5.78 35.04 -10.27
N SER I 56 -6.06 33.84 -9.73
CA SER I 56 -7.35 33.61 -9.07
C SER I 56 -7.30 32.57 -8.01
N ASN I 57 -8.10 32.69 -6.97
CA ASN I 57 -8.25 31.67 -5.96
C ASN I 57 -9.25 30.61 -6.29
N HIS I 58 -9.98 30.75 -7.45
CA HIS I 58 -11.14 29.92 -7.73
C HIS I 58 -10.93 28.98 -8.93
N GLU I 59 -11.08 27.68 -8.65
CA GLU I 59 -10.77 26.58 -9.50
C GLU I 59 -11.48 26.67 -10.84
N GLY I 60 -12.76 26.99 -10.75
CA GLY I 60 -13.63 27.15 -11.92
C GLY I 60 -13.28 28.41 -12.76
N GLU I 61 -12.76 29.46 -12.12
CA GLU I 61 -12.42 30.64 -12.88
C GLU I 61 -11.16 30.33 -13.67
N LEU I 62 -10.24 29.54 -13.05
CA LEU I 62 -9.08 29.09 -13.78
C LEU I 62 -9.47 28.20 -14.99
N VAL I 63 -10.43 27.31 -14.88
CA VAL I 63 -10.98 26.43 -15.95
C VAL I 63 -11.46 27.41 -17.05
N ASP I 64 -12.23 28.44 -16.64
CA ASP I 64 -12.74 29.42 -17.61
C ASP I 64 -11.68 30.11 -18.41
N TRP I 65 -10.63 30.50 -17.69
CA TRP I 65 -9.48 31.15 -18.36
C TRP I 65 -8.72 30.26 -19.32
N ILE I 66 -8.66 28.99 -19.04
CA ILE I 66 -7.99 27.99 -19.86
C ILE I 66 -8.81 27.84 -21.17
N HIS I 67 -10.13 27.77 -21.00
CA HIS I 67 -11.05 27.74 -22.18
C HIS I 67 -10.82 28.97 -23.09
N GLU I 68 -10.63 30.15 -22.49
CA GLU I 68 -10.28 31.35 -23.24
C GLU I 68 -9.00 31.22 -24.07
N ALA I 69 -7.93 30.84 -23.39
CA ALA I 69 -6.60 30.67 -23.97
C ALA I 69 -6.64 29.66 -25.13
N ARG I 70 -7.50 28.64 -24.96
CA ARG I 70 -7.71 27.57 -25.94
C ARG I 70 -7.98 28.22 -27.31
N LEU I 71 -8.74 29.32 -27.31
CA LEU I 71 -9.12 29.96 -28.55
C LEU I 71 -8.34 31.22 -28.84
N ASN I 72 -7.79 31.93 -27.84
CA ASN I 72 -7.20 33.22 -28.09
C ASN I 72 -5.73 33.44 -27.83
N HIS I 73 -5.02 32.43 -27.28
CA HIS I 73 -3.66 32.65 -26.85
C HIS I 73 -2.68 31.69 -27.50
N CYS I 74 -1.44 31.97 -27.53
CA CYS I 74 -0.37 31.15 -28.15
C CYS I 74 0.18 30.02 -27.30
N GLY I 75 -0.14 30.07 -25.99
CA GLY I 75 0.30 29.06 -25.09
C GLY I 75 0.00 29.48 -23.64
N ILE I 76 0.25 28.56 -22.70
CA ILE I 76 -0.08 28.83 -21.31
C ILE I 76 1.10 28.53 -20.37
N VAL I 77 1.43 29.45 -19.51
CA VAL I 77 2.42 29.22 -18.46
C VAL I 77 1.53 29.20 -17.19
N ILE I 78 1.53 28.09 -16.43
CA ILE I 78 0.67 28.07 -15.26
C ILE I 78 1.38 27.61 -13.98
N ASN I 79 1.18 28.42 -12.94
CA ASN I 79 1.54 28.02 -11.55
C ASN I 79 0.17 27.77 -10.91
N PRO I 80 -0.24 26.48 -10.84
CA PRO I 80 -1.60 26.14 -10.34
C PRO I 80 -1.62 26.31 -8.84
N ALA I 81 -0.47 26.33 -8.22
CA ALA I 81 -0.29 26.49 -6.76
C ALA I 81 -0.89 25.30 -6.03
N ALA I 82 -1.76 25.42 -5.02
CA ALA I 82 -2.38 24.27 -4.35
C ALA I 82 -3.14 23.33 -5.32
N TYR I 83 -3.88 23.92 -6.28
CA TYR I 83 -4.66 23.15 -7.21
C TYR I 83 -3.87 22.19 -8.11
N SER I 84 -2.55 22.28 -8.14
CA SER I 84 -1.68 21.37 -8.81
C SER I 84 -1.95 19.97 -8.23
N HIS I 85 -2.08 19.90 -6.90
CA HIS I 85 -2.22 18.65 -6.20
C HIS I 85 -3.64 18.10 -6.16
N THR I 86 -4.63 18.94 -6.38
CA THR I 86 -6.04 18.53 -6.16
C THR I 86 -6.89 18.58 -7.40
N SER I 87 -6.61 19.37 -8.43
CA SER I 87 -7.61 19.61 -9.43
C SER I 87 -7.52 18.83 -10.74
N VAL I 88 -8.32 17.80 -10.81
CA VAL I 88 -8.57 17.01 -11.97
C VAL I 88 -9.35 17.96 -12.95
N ALA I 89 -10.12 18.86 -12.49
CA ALA I 89 -10.83 19.83 -13.37
C ALA I 89 -9.91 20.68 -14.22
N ILE I 90 -8.76 21.16 -13.67
CA ILE I 90 -7.88 22.07 -14.40
C ILE I 90 -7.04 21.24 -15.38
N LEU I 91 -6.75 20.01 -14.91
CA LEU I 91 -6.10 19.00 -15.81
C LEU I 91 -6.94 18.79 -17.10
N ASP I 92 -8.18 18.51 -16.84
CA ASP I 92 -9.17 18.30 -17.93
C ASP I 92 -9.32 19.53 -18.81
N ALA I 93 -9.40 20.76 -18.30
CA ALA I 93 -9.40 21.96 -19.04
C ALA I 93 -8.26 22.06 -20.01
N LEU I 94 -7.03 21.80 -19.52
CA LEU I 94 -5.85 21.79 -20.33
C LEU I 94 -5.90 20.68 -21.39
N ASN I 95 -6.54 19.54 -21.12
CA ASN I 95 -6.71 18.45 -22.04
C ASN I 95 -7.66 18.86 -23.17
N THR I 96 -8.49 19.89 -23.01
CA THR I 96 -9.31 20.32 -24.14
C THR I 96 -8.50 21.14 -25.15
N CYS I 97 -7.30 21.56 -24.86
CA CYS I 97 -6.44 22.45 -25.64
C CYS I 97 -5.50 21.59 -26.51
N ASP I 98 -6.08 21.02 -27.54
CA ASP I 98 -5.32 20.17 -28.46
C ASP I 98 -4.10 20.84 -29.10
N GLY I 99 -2.89 20.38 -28.79
CA GLY I 99 -1.71 20.99 -29.36
C GLY I 99 -1.21 22.32 -28.82
N LEU I 100 -1.87 22.93 -27.84
CA LEU I 100 -1.41 24.20 -27.30
C LEU I 100 -0.26 24.03 -26.33
N PRO I 101 0.84 24.70 -26.50
CA PRO I 101 1.95 24.62 -25.57
C PRO I 101 1.60 25.05 -24.17
N VAL I 102 1.95 24.16 -23.21
CA VAL I 102 1.67 24.42 -21.78
C VAL I 102 2.92 24.20 -20.97
N VAL I 103 3.30 25.13 -20.11
CA VAL I 103 4.42 24.90 -19.19
C VAL I 103 3.94 25.12 -17.77
N GLU I 104 4.10 24.21 -16.85
CA GLU I 104 3.82 24.30 -15.48
C GLU I 104 4.98 24.74 -14.56
N VAL I 105 4.75 25.71 -13.73
CA VAL I 105 5.85 26.24 -12.88
C VAL I 105 5.46 26.26 -11.42
N HIS I 106 6.40 25.84 -10.55
CA HIS I 106 6.31 25.85 -9.14
C HIS I 106 7.62 26.61 -8.70
N ILE I 107 7.34 27.64 -7.89
CA ILE I 107 8.41 28.47 -7.39
C ILE I 107 9.35 27.69 -6.51
N SER I 108 8.73 26.97 -5.58
CA SER I 108 9.48 26.18 -4.61
C SER I 108 9.73 24.76 -5.15
N ASN I 109 10.77 24.10 -4.62
CA ASN I 109 11.00 22.70 -5.07
C ASN I 109 10.10 21.74 -4.32
N ILE I 110 8.91 21.43 -4.85
CA ILE I 110 7.89 20.58 -4.36
C ILE I 110 8.37 19.20 -3.98
N HIS I 111 9.43 18.68 -4.65
CA HIS I 111 9.97 17.36 -4.28
C HIS I 111 10.71 17.39 -2.95
N GLN I 112 11.04 18.48 -2.38
CA GLN I 112 11.69 18.50 -1.07
C GLN I 112 10.69 18.77 0.07
N ARG I 113 9.38 18.96 -0.28
CA ARG I 113 8.44 19.37 0.75
C ARG I 113 7.63 18.13 1.21
N GLU I 114 6.43 18.35 1.73
CA GLU I 114 5.63 17.26 2.22
C GLU I 114 5.19 16.36 1.07
N PRO I 115 4.98 15.10 1.35
CA PRO I 115 4.64 14.17 0.31
C PRO I 115 3.33 14.51 -0.37
N PHE I 116 2.36 15.18 0.17
CA PHE I 116 1.13 15.49 -0.61
C PHE I 116 1.46 16.56 -1.68
N ARG I 117 2.62 17.20 -1.58
CA ARG I 117 2.97 18.16 -2.62
C ARG I 117 3.77 17.50 -3.76
N HIS I 118 4.10 16.23 -3.73
CA HIS I 118 4.98 15.57 -4.69
C HIS I 118 4.31 15.30 -6.01
N HIS I 119 3.00 15.21 -5.98
CA HIS I 119 2.28 14.82 -7.22
C HIS I 119 1.53 16.01 -7.74
N SER I 120 1.46 16.25 -9.04
CA SER I 120 0.67 17.23 -9.68
C SER I 120 -0.24 16.62 -10.77
N TYR I 121 -1.54 16.88 -10.75
CA TYR I 121 -2.36 16.48 -11.91
C TYR I 121 -1.97 17.25 -13.18
N VAL I 122 -1.64 18.54 -13.05
CA VAL I 122 -1.26 19.35 -14.22
C VAL I 122 -0.09 18.75 -14.96
N SER I 123 0.95 18.23 -14.29
CA SER I 123 2.10 17.66 -14.92
C SER I 123 1.83 16.50 -15.89
N GLN I 124 0.68 15.83 -15.86
CA GLN I 124 0.46 14.78 -16.84
C GLN I 124 0.04 15.41 -18.17
N ARG I 125 -0.30 16.69 -18.19
CA ARG I 125 -0.60 17.22 -19.52
C ARG I 125 0.46 18.26 -19.91
N ALA I 126 0.99 19.00 -18.92
CA ALA I 126 1.97 20.05 -19.25
C ALA I 126 3.12 19.50 -20.13
N ASP I 127 3.51 20.22 -21.16
CA ASP I 127 4.63 19.77 -21.95
C ASP I 127 5.92 19.76 -21.08
N GLY I 128 6.17 20.85 -20.39
CA GLY I 128 7.35 20.99 -19.52
C GLY I 128 6.92 21.37 -18.12
N VAL I 129 7.78 21.12 -17.10
CA VAL I 129 7.57 21.39 -15.75
C VAL I 129 8.79 21.89 -15.06
N VAL I 130 8.76 23.09 -14.53
CA VAL I 130 9.87 23.68 -13.85
C VAL I 130 9.55 23.82 -12.37
N ALA I 131 10.41 23.41 -11.47
CA ALA I 131 10.24 23.53 -10.05
C ALA I 131 11.45 23.97 -9.28
N GLY I 132 11.31 24.85 -8.33
CA GLY I 132 12.41 25.22 -7.48
C GLY I 132 13.35 26.24 -8.16
N CYS I 133 12.97 26.85 -9.25
CA CYS I 133 13.84 27.87 -9.81
C CYS I 133 13.44 29.30 -9.42
N GLY I 134 12.64 29.35 -8.34
CA GLY I 134 12.19 30.65 -7.91
C GLY I 134 11.18 31.28 -8.87
N VAL I 135 11.15 32.63 -8.81
CA VAL I 135 10.33 33.30 -9.83
C VAL I 135 10.97 33.31 -11.22
N GLN I 136 12.28 33.03 -11.30
CA GLN I 136 13.00 32.92 -12.62
C GLN I 136 12.38 31.77 -13.38
N GLY I 137 11.71 30.79 -12.76
CA GLY I 137 11.01 29.71 -13.45
C GLY I 137 9.90 30.20 -14.36
N TYR I 138 9.30 31.33 -14.00
CA TYR I 138 8.27 31.84 -14.99
C TYR I 138 8.95 32.37 -16.26
N VAL I 139 10.18 32.92 -16.14
CA VAL I 139 10.90 33.39 -17.36
C VAL I 139 11.26 32.16 -18.23
N PHE I 140 11.70 31.07 -17.56
CA PHE I 140 11.93 29.79 -18.26
C PHE I 140 10.69 29.37 -19.05
N GLY I 141 9.51 29.45 -18.35
CA GLY I 141 8.22 29.15 -18.94
C GLY I 141 7.96 29.93 -20.23
N VAL I 142 8.10 31.28 -20.10
CA VAL I 142 7.93 32.15 -21.29
C VAL I 142 8.87 31.76 -22.40
N GLU I 143 10.15 31.56 -22.03
CA GLU I 143 11.10 31.07 -23.07
C GLU I 143 10.79 29.79 -23.80
N ARG I 144 10.24 28.79 -23.05
CA ARG I 144 9.86 27.53 -23.58
C ARG I 144 8.61 27.71 -24.46
N ILE I 145 7.65 28.58 -24.08
CA ILE I 145 6.50 28.75 -25.00
C ILE I 145 6.99 29.43 -26.28
N ALA I 146 7.86 30.38 -26.22
CA ALA I 146 8.43 31.05 -27.39
C ALA I 146 9.02 29.95 -28.29
N ALA I 147 9.83 29.04 -27.74
CA ALA I 147 10.39 27.99 -28.63
C ALA I 147 9.34 27.09 -29.23
N LEU I 148 8.31 26.71 -28.49
CA LEU I 148 7.32 25.79 -28.99
C LEU I 148 6.34 26.45 -29.95
N ALA I 149 6.05 27.73 -29.75
CA ALA I 149 5.12 28.41 -30.62
C ALA I 149 5.93 28.79 -31.86
N GLY I 150 7.26 28.88 -31.78
CA GLY I 150 8.11 29.14 -32.95
C GLY I 150 8.59 28.06 -33.88
N ARG J 2 38.88 -19.19 7.43
CA ARG J 2 40.20 -19.00 8.11
C ARG J 2 40.19 -18.38 9.49
N SER J 3 41.39 -18.04 9.98
CA SER J 3 41.57 -17.51 11.34
C SER J 3 42.23 -16.16 11.36
N LEU J 4 42.13 -15.39 12.45
CA LEU J 4 42.77 -14.10 12.54
C LEU J 4 44.30 -14.21 12.51
N ALA J 5 44.86 -15.33 12.95
CA ALA J 5 46.35 -15.40 12.87
C ALA J 5 46.75 -15.70 11.45
N ASN J 6 45.95 -16.44 10.67
CA ASN J 6 46.28 -16.81 9.31
C ASN J 6 45.87 -15.86 8.20
N ALA J 7 44.94 -14.94 8.42
CA ALA J 7 44.50 -14.03 7.36
C ALA J 7 43.95 -12.77 7.91
N PRO J 8 44.02 -11.69 7.18
CA PRO J 8 43.52 -10.41 7.57
C PRO J 8 41.95 -10.38 7.51
N ILE J 9 41.49 -9.45 8.30
CA ILE J 9 40.07 -9.05 8.27
C ILE J 9 39.97 -8.00 7.14
N MET J 10 39.04 -8.28 6.13
CA MET J 10 38.79 -7.26 5.15
C MET J 10 37.84 -6.21 5.74
N ILE J 11 38.14 -4.93 5.63
CA ILE J 11 37.41 -3.74 6.02
C ILE J 11 37.12 -2.95 4.75
N LEU J 12 35.81 -3.06 4.30
CA LEU J 12 35.39 -2.42 3.06
C LEU J 12 34.49 -1.23 3.28
N ASN J 13 34.69 -0.19 2.52
CA ASN J 13 34.00 1.08 2.65
C ASN J 13 33.39 1.49 1.30
N GLY J 14 32.07 1.79 1.25
CA GLY J 14 31.42 2.17 0.01
C GLY J 14 31.53 3.66 -0.30
N PRO J 15 30.62 4.19 -1.17
CA PRO J 15 30.83 5.43 -1.84
C PRO J 15 30.72 6.64 -0.95
N ASN J 16 31.53 7.68 -1.20
CA ASN J 16 31.52 8.98 -0.54
C ASN J 16 32.29 8.91 0.79
N LEU J 17 32.64 7.69 1.27
CA LEU J 17 33.42 7.63 2.56
C LEU J 17 34.85 8.05 2.43
N ASN J 18 35.36 8.27 1.25
CA ASN J 18 36.66 8.96 0.99
C ASN J 18 36.64 10.37 1.60
N LEU J 19 35.49 11.05 1.69
CA LEU J 19 35.33 12.39 2.30
C LEU J 19 34.99 12.45 3.78
N LEU J 20 35.05 11.28 4.46
CA LEU J 20 34.70 11.22 5.84
C LEU J 20 35.64 12.16 6.61
N GLY J 21 35.03 12.92 7.46
CA GLY J 21 35.76 13.89 8.29
C GLY J 21 35.68 15.27 7.66
N GLN J 22 35.55 15.36 6.36
CA GLN J 22 35.56 16.59 5.62
C GLN J 22 34.16 17.02 5.31
N ALA J 23 33.23 16.15 5.02
CA ALA J 23 31.89 16.58 4.64
C ALA J 23 30.81 16.13 5.60
N GLN J 24 29.79 16.97 5.77
CA GLN J 24 28.67 16.68 6.68
C GLN J 24 29.18 16.15 8.03
N PRO J 25 30.05 16.86 8.72
CA PRO J 25 30.60 16.48 10.00
C PRO J 25 29.57 16.41 11.09
N GLU J 26 28.46 17.13 10.94
CA GLU J 26 27.40 17.10 11.94
C GLU J 26 26.65 15.79 11.92
N ILE J 27 26.76 15.07 10.77
CA ILE J 27 26.11 13.77 10.71
C ILE J 27 27.15 12.68 10.95
N TYR J 28 28.31 12.79 10.29
CA TYR J 28 29.28 11.69 10.31
C TYR J 28 30.52 11.91 11.13
N GLY J 29 30.66 13.06 11.75
CA GLY J 29 31.80 13.23 12.65
C GLY J 29 33.00 13.86 11.97
N SER J 30 34.06 14.15 12.71
CA SER J 30 35.25 14.80 12.22
C SER J 30 36.48 13.92 12.11
N ASP J 31 36.37 12.63 12.35
CA ASP J 31 37.44 11.68 12.17
C ASP J 31 37.47 11.31 10.71
N THR J 32 38.65 11.10 10.17
CA THR J 32 38.80 10.74 8.76
C THR J 32 38.86 9.25 8.50
N LEU J 33 38.83 8.86 7.22
CA LEU J 33 38.94 7.45 6.88
C LEU J 33 40.29 6.88 7.33
N ALA J 34 41.34 7.70 7.33
CA ALA J 34 42.69 7.32 7.79
C ALA J 34 42.71 7.06 9.28
N ASP J 35 41.99 7.80 10.07
CA ASP J 35 41.74 7.67 11.47
C ASP J 35 41.00 6.39 11.75
N VAL J 36 39.97 6.09 10.93
CA VAL J 36 39.24 4.84 11.11
C VAL J 36 40.13 3.67 10.85
N GLU J 37 40.95 3.68 9.82
CA GLU J 37 41.94 2.67 9.51
C GLU J 37 42.83 2.45 10.74
N ALA J 38 43.35 3.53 11.30
CA ALA J 38 44.22 3.29 12.49
C ALA J 38 43.47 2.61 13.62
N LEU J 39 42.20 3.00 13.92
CA LEU J 39 41.44 2.34 14.98
C LEU J 39 41.26 0.87 14.72
N CYS J 40 41.06 0.46 13.43
CA CYS J 40 40.86 -0.88 13.04
C CYS J 40 42.13 -1.73 13.25
N VAL J 41 43.24 -1.12 12.82
CA VAL J 41 44.54 -1.75 12.92
C VAL J 41 44.82 -2.06 14.40
N LYS J 42 44.57 -1.09 15.26
CA LYS J 42 44.79 -1.25 16.71
C LYS J 42 43.91 -2.27 17.34
N ALA J 43 42.63 -2.34 17.01
CA ALA J 43 41.76 -3.35 17.55
C ALA J 43 42.13 -4.70 17.11
N ALA J 44 42.52 -4.95 15.87
CA ALA J 44 42.82 -6.27 15.42
C ALA J 44 44.14 -6.76 16.06
N ALA J 45 45.02 -5.82 16.20
CA ALA J 45 46.35 -6.24 16.76
C ALA J 45 46.18 -6.68 18.18
N ALA J 46 45.26 -6.17 18.97
CA ALA J 46 44.99 -6.70 20.32
C ALA J 46 44.53 -8.13 20.21
N HIS J 47 43.98 -8.69 19.13
CA HIS J 47 43.62 -10.11 19.00
C HIS J 47 44.60 -10.90 18.18
N GLY J 48 45.73 -10.35 17.85
CA GLY J 48 46.83 -10.93 17.07
C GLY J 48 46.48 -10.99 15.57
N GLY J 49 45.57 -10.12 15.15
CA GLY J 49 45.12 -10.12 13.77
C GLY J 49 45.63 -8.92 13.02
N THR J 50 45.24 -8.77 11.76
CA THR J 50 45.61 -7.67 10.91
C THR J 50 44.42 -7.29 9.98
N VAL J 51 44.52 -6.08 9.39
CA VAL J 51 43.36 -5.74 8.54
C VAL J 51 43.80 -5.34 7.18
N ASP J 52 42.88 -5.31 6.20
CA ASP J 52 43.07 -5.01 4.81
C ASP J 52 41.93 -4.00 4.55
N PHE J 53 42.13 -2.77 4.67
CA PHE J 53 41.28 -1.63 4.71
C PHE J 53 41.19 -0.95 3.34
N ARG J 54 40.00 -0.89 2.78
CA ARG J 54 39.76 -0.35 1.43
C ARG J 54 38.47 0.49 1.30
N GLN J 55 38.51 1.39 0.26
CA GLN J 55 37.29 2.13 -0.02
C GLN J 55 37.11 2.25 -1.52
N SER J 56 35.82 2.35 -1.97
CA SER J 56 35.52 2.48 -3.37
C SER J 56 34.12 3.06 -3.57
N ASN J 57 34.06 3.82 -4.65
CA ASN J 57 32.74 4.38 -5.05
C ASN J 57 32.08 3.57 -6.08
N HIS J 58 32.64 2.48 -6.54
CA HIS J 58 32.13 1.55 -7.55
C HIS J 58 31.53 0.33 -6.98
N GLU J 59 30.29 0.02 -7.34
CA GLU J 59 29.55 -1.13 -6.92
C GLU J 59 30.24 -2.39 -7.38
N GLY J 60 30.67 -2.58 -8.61
CA GLY J 60 31.29 -3.72 -9.22
C GLY J 60 32.69 -3.98 -8.48
N GLU J 61 33.39 -2.93 -8.15
CA GLU J 61 34.66 -3.10 -7.42
C GLU J 61 34.52 -3.68 -6.05
N LEU J 62 33.53 -3.22 -5.27
CA LEU J 62 33.13 -3.80 -4.01
C LEU J 62 32.73 -5.26 -4.16
N VAL J 63 31.97 -5.62 -5.23
CA VAL J 63 31.70 -6.99 -5.53
C VAL J 63 32.97 -7.77 -5.73
N ASP J 64 33.94 -7.33 -6.52
CA ASP J 64 35.17 -8.01 -6.78
C ASP J 64 36.03 -8.18 -5.48
N TRP J 65 35.99 -7.21 -4.64
CA TRP J 65 36.73 -7.30 -3.35
C TRP J 65 36.09 -8.32 -2.41
N ILE J 66 34.77 -8.48 -2.38
CA ILE J 66 34.09 -9.49 -1.61
C ILE J 66 34.48 -10.85 -2.16
N HIS J 67 34.63 -11.10 -3.44
CA HIS J 67 35.06 -12.33 -4.03
C HIS J 67 36.50 -12.67 -3.51
N GLU J 68 37.28 -11.67 -3.44
CA GLU J 68 38.70 -11.81 -3.00
C GLU J 68 38.75 -12.27 -1.56
N ALA J 69 37.93 -11.64 -0.72
CA ALA J 69 37.81 -11.96 0.69
C ALA J 69 37.36 -13.37 0.89
N ARG J 70 36.42 -13.82 0.04
CA ARG J 70 35.85 -15.14 0.07
C ARG J 70 36.96 -16.16 0.14
N LEU J 71 38.03 -15.98 -0.65
CA LEU J 71 39.17 -16.88 -0.65
C LEU J 71 40.33 -16.53 0.25
N ASN J 72 40.63 -15.34 0.70
CA ASN J 72 41.86 -14.90 1.32
C ASN J 72 41.78 -14.28 2.68
N HIS J 73 40.58 -13.94 3.19
CA HIS J 73 40.39 -13.20 4.39
C HIS J 73 39.56 -13.99 5.38
N CYS J 74 39.68 -13.65 6.65
CA CYS J 74 38.99 -14.34 7.72
C CYS J 74 37.61 -13.73 8.02
N GLY J 75 37.28 -12.62 7.41
CA GLY J 75 35.88 -12.09 7.61
C GLY J 75 35.87 -10.65 7.05
N ILE J 76 34.67 -10.10 7.08
CA ILE J 76 34.46 -8.80 6.46
C ILE J 76 33.67 -7.87 7.36
N VAL J 77 34.13 -6.66 7.59
CA VAL J 77 33.49 -5.55 8.26
C VAL J 77 33.20 -4.61 7.09
N ILE J 78 31.86 -4.42 6.78
CA ILE J 78 31.60 -3.56 5.61
C ILE J 78 30.64 -2.45 6.05
N ASN J 79 30.95 -1.26 5.57
CA ASN J 79 30.11 -0.08 5.64
C ASN J 79 29.79 0.19 4.14
N PRO J 80 28.64 -0.39 3.70
CA PRO J 80 28.23 -0.17 2.34
C PRO J 80 27.84 1.18 1.84
N ALA J 81 27.57 2.11 2.72
CA ALA J 81 27.25 3.51 2.55
C ALA J 81 25.97 3.55 1.68
N ALA J 82 25.86 4.37 0.68
CA ALA J 82 24.54 4.41 -0.04
C ALA J 82 24.09 3.08 -0.68
N TYR J 83 25.03 2.19 -1.06
CA TYR J 83 24.84 0.93 -1.66
C TYR J 83 24.08 -0.02 -0.73
N SER J 84 24.03 0.22 0.59
CA SER J 84 23.29 -0.56 1.56
C SER J 84 21.79 -0.63 1.09
N HIS J 85 21.38 0.56 0.65
CA HIS J 85 19.96 0.74 0.24
C HIS J 85 19.66 0.31 -1.13
N THR J 86 20.68 0.19 -2.00
CA THR J 86 20.35 -0.07 -3.44
C THR J 86 20.84 -1.36 -4.08
N SER J 87 21.91 -1.97 -3.55
CA SER J 87 22.65 -2.99 -4.06
C SER J 87 22.35 -4.45 -3.71
N VAL J 88 21.45 -4.98 -4.48
CA VAL J 88 21.22 -6.43 -4.53
C VAL J 88 22.53 -7.07 -5.00
N ALA J 89 23.36 -6.51 -5.86
CA ALA J 89 24.62 -7.16 -6.33
C ALA J 89 25.60 -7.36 -5.15
N ILE J 90 25.72 -6.44 -4.28
CA ILE J 90 26.60 -6.59 -3.07
C ILE J 90 26.05 -7.64 -2.11
N LEU J 91 24.78 -7.68 -1.88
CA LEU J 91 24.11 -8.75 -1.11
C LEU J 91 24.47 -10.10 -1.66
N ASP J 92 24.28 -10.35 -2.95
CA ASP J 92 24.62 -11.54 -3.68
C ASP J 92 26.08 -11.91 -3.65
N ALA J 93 27.00 -10.99 -3.74
CA ALA J 93 28.40 -11.28 -3.55
C ALA J 93 28.63 -11.82 -2.12
N LEU J 94 28.14 -11.20 -1.13
CA LEU J 94 28.22 -11.66 0.28
C LEU J 94 27.62 -13.04 0.38
N ASN J 95 26.54 -13.37 -0.31
CA ASN J 95 25.87 -14.66 -0.29
C ASN J 95 26.70 -15.81 -0.84
N THR J 96 27.67 -15.55 -1.69
CA THR J 96 28.59 -16.52 -2.21
C THR J 96 29.59 -16.94 -1.13
N CYS J 97 29.74 -16.22 -0.05
CA CYS J 97 30.73 -16.41 1.02
C CYS J 97 30.16 -17.30 2.11
N ASP J 98 30.08 -18.56 1.81
CA ASP J 98 29.55 -19.57 2.70
C ASP J 98 30.25 -19.58 4.06
N GLY J 99 29.53 -19.11 5.09
CA GLY J 99 30.05 -19.18 6.45
C GLY J 99 31.04 -18.11 6.85
N LEU J 100 31.48 -17.23 5.94
CA LEU J 100 32.46 -16.21 6.33
C LEU J 100 31.75 -15.16 7.19
N PRO J 101 32.26 -14.85 8.36
CA PRO J 101 31.70 -13.88 9.24
C PRO J 101 31.65 -12.49 8.60
N VAL J 102 30.50 -11.79 8.68
CA VAL J 102 30.28 -10.49 8.08
C VAL J 102 29.56 -9.61 9.04
N VAL J 103 30.00 -8.41 9.36
CA VAL J 103 29.46 -7.40 10.18
C VAL J 103 29.29 -6.14 9.34
N GLU J 104 28.02 -5.58 9.29
CA GLU J 104 27.70 -4.38 8.57
C GLU J 104 27.77 -3.19 9.54
N VAL J 105 28.37 -2.05 9.24
CA VAL J 105 28.48 -0.88 10.04
C VAL J 105 27.95 0.39 9.39
N HIS J 106 27.11 1.12 10.09
CA HIS J 106 26.66 2.41 9.64
C HIS J 106 27.11 3.40 10.74
N ILE J 107 27.75 4.47 10.31
CA ILE J 107 28.23 5.49 11.24
C ILE J 107 27.08 6.23 11.90
N SER J 108 26.11 6.61 11.08
CA SER J 108 24.93 7.31 11.47
C SER J 108 23.87 6.29 11.87
N ASN J 109 22.86 6.71 12.65
CA ASN J 109 21.74 5.89 13.01
C ASN J 109 20.74 6.07 11.85
N ILE J 110 20.83 5.21 10.90
CA ILE J 110 19.94 5.30 9.67
C ILE J 110 18.48 5.30 10.02
N HIS J 111 18.08 4.65 11.11
CA HIS J 111 16.71 4.58 11.60
C HIS J 111 16.09 5.90 11.94
N GLN J 112 16.82 6.93 12.15
CA GLN J 112 16.36 8.28 12.48
C GLN J 112 16.38 9.15 11.25
N ARG J 113 16.80 8.63 10.11
CA ARG J 113 16.95 9.50 8.92
C ARG J 113 15.76 9.29 7.99
N GLU J 114 15.86 9.62 6.74
CA GLU J 114 14.78 9.50 5.75
C GLU J 114 14.44 8.01 5.54
N PRO J 115 13.20 7.72 5.28
CA PRO J 115 12.69 6.37 5.13
C PRO J 115 13.39 5.51 4.13
N PHE J 116 13.97 6.07 3.04
CA PHE J 116 14.70 5.33 2.08
C PHE J 116 15.99 4.77 2.71
N ARG J 117 16.50 5.31 3.76
CA ARG J 117 17.66 4.82 4.48
C ARG J 117 17.26 3.76 5.54
N HIS J 118 15.98 3.41 5.66
CA HIS J 118 15.67 2.43 6.72
C HIS J 118 15.99 1.01 6.42
N HIS J 119 15.94 0.65 5.16
CA HIS J 119 16.18 -0.67 4.69
C HIS J 119 17.58 -0.80 4.11
N SER J 120 18.18 -1.92 4.41
CA SER J 120 19.45 -2.29 3.84
C SER J 120 19.40 -3.73 3.30
N TYR J 121 19.76 -3.95 2.09
CA TYR J 121 19.96 -5.26 1.49
C TYR J 121 21.02 -6.05 2.25
N VAL J 122 22.16 -5.40 2.51
CA VAL J 122 23.24 -6.12 3.19
C VAL J 122 22.85 -6.78 4.49
N SER J 123 21.96 -6.17 5.25
CA SER J 123 21.52 -6.66 6.57
C SER J 123 20.88 -8.01 6.54
N GLN J 124 20.36 -8.53 5.41
CA GLN J 124 19.77 -9.83 5.43
C GLN J 124 20.84 -10.90 5.34
N ARG J 125 22.06 -10.58 5.00
CA ARG J 125 23.14 -11.56 4.97
C ARG J 125 24.09 -11.25 6.17
N ALA J 126 24.23 -10.03 6.58
CA ALA J 126 25.27 -9.80 7.62
C ALA J 126 24.89 -10.61 8.83
N ASP J 127 25.90 -11.06 9.61
CA ASP J 127 25.70 -11.75 10.86
C ASP J 127 25.25 -10.81 11.93
N GLY J 128 25.85 -9.64 11.96
CA GLY J 128 25.66 -8.54 12.87
C GLY J 128 25.56 -7.21 12.12
N VAL J 129 24.89 -6.22 12.67
CA VAL J 129 24.70 -4.90 12.14
C VAL J 129 24.78 -3.92 13.26
N VAL J 130 25.61 -2.89 13.13
CA VAL J 130 25.90 -1.83 14.07
C VAL J 130 25.63 -0.50 13.45
N ALA J 131 24.76 0.30 13.98
CA ALA J 131 24.42 1.60 13.48
C ALA J 131 24.41 2.69 14.51
N GLY J 132 24.86 3.88 14.15
CA GLY J 132 24.84 5.01 15.03
C GLY J 132 25.77 4.98 16.22
N CYS J 133 26.83 4.20 16.03
CA CYS J 133 27.84 4.22 17.10
C CYS J 133 29.09 4.88 16.58
N GLY J 134 28.96 5.79 15.63
CA GLY J 134 30.08 6.57 15.10
C GLY J 134 31.15 5.65 14.53
N VAL J 135 32.39 6.22 14.44
CA VAL J 135 33.49 5.42 13.94
C VAL J 135 33.86 4.32 14.93
N GLN J 136 33.50 4.47 16.18
CA GLN J 136 33.63 3.35 17.10
C GLN J 136 32.93 2.08 16.64
N GLY J 137 31.78 2.14 15.82
CA GLY J 137 31.20 0.91 15.33
C GLY J 137 32.14 0.04 14.52
N TYR J 138 33.20 0.55 13.88
CA TYR J 138 34.14 -0.25 13.15
C TYR J 138 34.96 -1.10 14.19
N VAL J 139 35.32 -0.50 15.27
CA VAL J 139 36.02 -1.27 16.33
C VAL J 139 35.15 -2.40 16.88
N PHE J 140 33.84 -2.22 17.04
CA PHE J 140 32.87 -3.23 17.41
C PHE J 140 32.79 -4.32 16.34
N GLY J 141 32.90 -3.88 15.06
CA GLY J 141 32.89 -4.79 13.97
C GLY J 141 34.07 -5.83 13.98
N VAL J 142 35.25 -5.26 14.17
CA VAL J 142 36.50 -5.98 14.23
C VAL J 142 36.42 -6.93 15.45
N GLU J 143 36.01 -6.39 16.62
CA GLU J 143 35.83 -7.28 17.80
C GLU J 143 34.91 -8.40 17.55
N ARG J 144 33.72 -8.13 16.89
CA ARG J 144 32.83 -9.25 16.58
C ARG J 144 33.44 -10.26 15.64
N ILE J 145 34.20 -9.85 14.60
CA ILE J 145 34.80 -10.75 13.67
C ILE J 145 35.84 -11.65 14.40
N ALA J 146 36.54 -11.03 15.34
CA ALA J 146 37.55 -11.76 16.12
C ALA J 146 36.85 -12.80 16.95
N ALA J 147 35.69 -12.56 17.54
CA ALA J 147 34.93 -13.55 18.28
C ALA J 147 34.39 -14.63 17.38
N LEU J 148 33.90 -14.32 16.18
CA LEU J 148 33.37 -15.31 15.31
C LEU J 148 34.45 -16.12 14.64
N ALA J 149 35.58 -15.45 14.34
CA ALA J 149 36.58 -16.14 13.51
C ALA J 149 37.16 -17.21 14.41
N GLY J 150 37.48 -16.85 15.66
CA GLY J 150 37.80 -17.95 16.62
C GLY J 150 36.64 -18.96 16.57
N ARG K 2 32.05 30.05 -5.03
CA ARG K 2 32.82 30.38 -6.29
C ARG K 2 31.93 31.03 -7.33
N SER K 3 32.49 31.97 -8.10
CA SER K 3 31.77 32.70 -9.11
C SER K 3 31.90 32.07 -10.50
N LEU K 4 31.00 32.39 -11.44
CA LEU K 4 31.16 32.01 -12.81
C LEU K 4 32.46 32.51 -13.45
N ALA K 5 32.96 33.68 -13.05
CA ALA K 5 34.20 34.18 -13.60
C ALA K 5 35.38 33.39 -13.16
N ASN K 6 35.39 32.86 -11.95
CA ASN K 6 36.53 32.12 -11.45
C ASN K 6 36.55 30.61 -11.72
N ALA K 7 35.46 30.00 -12.11
CA ALA K 7 35.46 28.54 -12.21
C ALA K 7 34.34 28.11 -13.12
N PRO K 8 34.47 27.03 -13.83
CA PRO K 8 33.47 26.55 -14.78
C PRO K 8 32.33 25.86 -14.01
N ILE K 9 31.23 25.83 -14.67
CA ILE K 9 30.01 25.11 -14.33
C ILE K 9 30.22 23.67 -14.83
N MET K 10 30.12 22.73 -13.91
CA MET K 10 30.15 21.27 -14.27
C MET K 10 28.81 20.87 -14.86
N ILE K 11 28.83 20.33 -16.07
CA ILE K 11 27.60 19.80 -16.72
C ILE K 11 27.85 18.28 -16.81
N LEU K 12 26.99 17.53 -16.11
CA LEU K 12 27.04 16.12 -15.97
C LEU K 12 25.86 15.40 -16.63
N ASN K 13 26.18 14.30 -17.34
CA ASN K 13 25.25 13.53 -18.08
C ASN K 13 25.43 12.03 -17.81
N GLY K 14 24.34 11.39 -17.37
CA GLY K 14 24.31 10.01 -17.04
C GLY K 14 24.24 9.01 -18.12
N PRO K 15 23.88 7.75 -17.82
CA PRO K 15 23.95 6.68 -18.75
C PRO K 15 23.09 6.76 -19.97
N ASN K 16 23.56 6.25 -21.09
CA ASN K 16 22.80 6.20 -22.38
C ASN K 16 22.80 7.53 -23.12
N LEU K 17 23.04 8.68 -22.50
CA LEU K 17 23.06 9.98 -23.10
C LEU K 17 24.06 10.13 -24.20
N ASN K 18 25.08 9.33 -24.26
CA ASN K 18 26.05 9.27 -25.38
C ASN K 18 25.24 9.08 -26.67
N LEU K 19 24.14 8.38 -26.67
CA LEU K 19 23.28 8.13 -27.82
C LEU K 19 22.16 9.09 -28.09
N LEU K 20 22.19 10.27 -27.47
CA LEU K 20 21.21 11.28 -27.66
C LEU K 20 21.25 11.71 -29.13
N GLY K 21 20.05 11.83 -29.68
CA GLY K 21 19.87 12.24 -31.07
C GLY K 21 19.79 11.03 -31.94
N GLN K 22 20.44 9.93 -31.60
CA GLN K 22 20.48 8.71 -32.44
C GLN K 22 19.39 7.74 -32.00
N ALA K 23 19.05 7.65 -30.71
CA ALA K 23 18.11 6.68 -30.21
C ALA K 23 16.85 7.22 -29.58
N GLN K 24 15.68 6.60 -29.90
CA GLN K 24 14.39 7.08 -29.42
C GLN K 24 14.19 8.58 -29.62
N PRO K 25 14.32 9.06 -30.84
CA PRO K 25 14.19 10.49 -31.13
C PRO K 25 12.79 11.02 -30.89
N GLU K 26 11.78 10.16 -30.88
CA GLU K 26 10.41 10.53 -30.65
C GLU K 26 10.17 10.86 -29.19
N ILE K 27 11.10 10.48 -28.33
CA ILE K 27 11.02 10.79 -26.93
C ILE K 27 12.03 11.88 -26.57
N TYR K 28 13.27 11.84 -27.07
CA TYR K 28 14.32 12.70 -26.62
C TYR K 28 14.85 13.75 -27.64
N GLY K 29 14.30 13.69 -28.82
CA GLY K 29 14.65 14.59 -29.89
C GLY K 29 15.79 14.18 -30.78
N SER K 30 16.10 15.02 -31.79
CA SER K 30 17.16 14.69 -32.72
C SER K 30 18.44 15.50 -32.52
N ASP K 31 18.50 16.33 -31.50
CA ASP K 31 19.78 16.99 -31.19
C ASP K 31 20.71 16.01 -30.49
N THR K 32 22.00 16.13 -30.67
CA THR K 32 22.97 15.26 -30.13
C THR K 32 23.54 15.83 -28.82
N LEU K 33 24.36 15.03 -28.14
CA LEU K 33 25.07 15.53 -26.97
C LEU K 33 26.03 16.67 -27.33
N ALA K 34 26.67 16.59 -28.52
CA ALA K 34 27.54 17.73 -28.91
C ALA K 34 26.71 18.96 -29.10
N ASP K 35 25.48 18.89 -29.65
CA ASP K 35 24.57 19.99 -29.75
C ASP K 35 24.27 20.64 -28.39
N VAL K 36 23.96 19.77 -27.37
CA VAL K 36 23.69 20.20 -26.04
C VAL K 36 24.87 20.88 -25.38
N GLU K 37 26.06 20.37 -25.55
CA GLU K 37 27.28 21.04 -25.08
C GLU K 37 27.38 22.44 -25.70
N ALA K 38 27.21 22.61 -27.00
CA ALA K 38 27.31 23.92 -27.63
C ALA K 38 26.29 24.88 -26.99
N LEU K 39 25.03 24.43 -26.74
CA LEU K 39 24.02 25.26 -26.12
C LEU K 39 24.48 25.73 -24.73
N CYS K 40 25.08 24.80 -23.93
CA CYS K 40 25.62 25.16 -22.63
C CYS K 40 26.76 26.18 -22.66
N VAL K 41 27.74 25.96 -23.59
CA VAL K 41 28.87 26.88 -23.79
C VAL K 41 28.31 28.24 -24.07
N LYS K 42 27.34 28.34 -25.01
CA LYS K 42 26.75 29.62 -25.37
C LYS K 42 26.06 30.40 -24.28
N ALA K 43 25.22 29.67 -23.51
CA ALA K 43 24.49 30.25 -22.43
C ALA K 43 25.48 30.65 -21.33
N ALA K 44 26.42 29.88 -20.96
CA ALA K 44 27.46 30.26 -19.96
C ALA K 44 28.27 31.51 -20.45
N ALA K 45 28.63 31.53 -21.71
CA ALA K 45 29.36 32.68 -22.25
C ALA K 45 28.67 34.03 -22.09
N ALA K 46 27.35 34.08 -22.22
CA ALA K 46 26.57 35.31 -22.05
C ALA K 46 26.66 35.85 -20.62
N HIS K 47 27.05 35.05 -19.66
CA HIS K 47 27.26 35.44 -18.31
C HIS K 47 28.74 35.51 -17.97
N GLY K 48 29.63 35.45 -18.97
CA GLY K 48 31.03 35.51 -18.60
C GLY K 48 31.59 34.22 -18.01
N GLY K 49 30.89 33.10 -18.24
CA GLY K 49 31.30 31.86 -17.66
C GLY K 49 31.73 30.82 -18.64
N THR K 50 32.16 29.70 -18.09
CA THR K 50 32.59 28.59 -18.95
C THR K 50 32.01 27.27 -18.40
N VAL K 51 32.10 26.25 -19.23
CA VAL K 51 31.50 24.95 -18.75
C VAL K 51 32.48 23.83 -18.88
N ASP K 52 32.35 22.70 -18.22
CA ASP K 52 33.09 21.47 -18.18
C ASP K 52 32.05 20.35 -18.34
N PHE K 53 31.81 20.01 -19.60
CA PHE K 53 30.78 19.09 -20.00
C PHE K 53 31.23 17.64 -20.13
N ARG K 54 30.57 16.76 -19.37
CA ARG K 54 30.95 15.35 -19.34
C ARG K 54 29.78 14.38 -19.32
N GLN K 55 29.97 13.16 -19.83
CA GLN K 55 29.05 12.06 -19.81
C GLN K 55 29.63 10.77 -19.39
N SER K 56 28.97 9.96 -18.56
CA SER K 56 29.41 8.67 -18.15
C SER K 56 28.28 7.66 -17.91
N ASN K 57 28.51 6.40 -18.34
CA ASN K 57 27.61 5.33 -18.01
C ASN K 57 27.76 4.78 -16.62
N HIS K 58 28.78 5.15 -15.87
CA HIS K 58 29.18 4.51 -14.61
C HIS K 58 28.88 5.38 -13.35
N GLU K 59 28.04 4.83 -12.48
CA GLU K 59 27.64 5.50 -11.27
C GLU K 59 28.78 6.05 -10.41
N GLY K 60 29.76 5.21 -10.18
CA GLY K 60 30.90 5.65 -9.34
C GLY K 60 31.74 6.74 -10.02
N GLU K 61 31.81 6.76 -11.32
CA GLU K 61 32.55 7.83 -12.05
C GLU K 61 31.87 9.18 -11.82
N LEU K 62 30.50 9.16 -11.95
CA LEU K 62 29.65 10.24 -11.67
C LEU K 62 29.93 10.78 -10.27
N VAL K 63 29.93 9.88 -9.26
CA VAL K 63 30.24 10.27 -7.87
C VAL K 63 31.61 10.96 -7.81
N ASP K 64 32.59 10.42 -8.47
CA ASP K 64 33.94 10.98 -8.49
C ASP K 64 34.03 12.38 -9.07
N TRP K 65 33.29 12.65 -10.15
CA TRP K 65 33.22 13.93 -10.80
C TRP K 65 32.52 14.95 -9.94
N ILE K 66 31.45 14.53 -9.16
CA ILE K 66 30.75 15.36 -8.23
C ILE K 66 31.69 15.83 -7.07
N HIS K 67 32.55 14.94 -6.66
CA HIS K 67 33.57 15.30 -5.65
C HIS K 67 34.58 16.31 -6.24
N GLU K 68 34.94 16.16 -7.50
CA GLU K 68 35.86 17.13 -8.14
C GLU K 68 35.22 18.48 -8.18
N ALA K 69 33.88 18.53 -8.58
CA ALA K 69 33.21 19.80 -8.69
C ALA K 69 33.11 20.56 -7.38
N ARG K 70 32.85 19.72 -6.34
CA ARG K 70 32.76 20.24 -4.99
C ARG K 70 33.92 21.17 -4.70
N LEU K 71 35.14 20.85 -5.14
CA LEU K 71 36.27 21.69 -4.91
C LEU K 71 36.70 22.64 -6.03
N ASN K 72 36.34 22.47 -7.29
CA ASN K 72 36.85 23.20 -8.40
C ASN K 72 35.84 23.89 -9.31
N HIS K 73 34.55 23.76 -9.03
CA HIS K 73 33.52 24.26 -9.94
C HIS K 73 32.55 25.17 -9.21
N CYS K 74 31.87 26.01 -9.99
CA CYS K 74 30.93 26.94 -9.35
C CYS K 74 29.53 26.43 -9.17
N GLY K 75 29.24 25.26 -9.71
CA GLY K 75 27.90 24.73 -9.67
C GLY K 75 27.74 23.55 -10.58
N ILE K 76 26.70 22.76 -10.43
CA ILE K 76 26.50 21.56 -11.26
C ILE K 76 25.10 21.59 -11.92
N VAL K 77 25.07 21.36 -13.22
CA VAL K 77 23.89 21.08 -13.99
C VAL K 77 23.95 19.58 -14.34
N ILE K 78 23.01 18.80 -13.77
CA ILE K 78 23.06 17.33 -13.99
C ILE K 78 21.80 16.76 -14.55
N ASN K 79 21.97 15.93 -15.64
CA ASN K 79 20.99 15.01 -16.13
C ASN K 79 21.42 13.60 -15.71
N PRO K 80 20.96 13.03 -14.56
CA PRO K 80 21.35 11.76 -14.07
C PRO K 80 20.81 10.62 -14.89
N ALA K 81 19.86 10.85 -15.86
CA ALA K 81 19.27 9.87 -16.69
C ALA K 81 18.72 8.72 -15.86
N ALA K 82 18.93 7.44 -16.16
CA ALA K 82 18.34 6.37 -15.33
C ALA K 82 18.76 6.46 -13.89
N TYR K 83 20.03 6.84 -13.60
CA TYR K 83 20.46 6.94 -12.23
C TYR K 83 19.67 7.91 -11.34
N SER K 84 18.83 8.78 -11.90
CA SER K 84 17.91 9.62 -11.22
C SER K 84 16.99 8.76 -10.30
N HIS K 85 16.47 7.64 -10.89
CA HIS K 85 15.56 6.75 -10.25
C HIS K 85 16.18 5.75 -9.33
N THR K 86 17.53 5.50 -9.39
CA THR K 86 18.03 4.41 -8.62
C THR K 86 19.18 4.82 -7.69
N SER K 87 19.88 5.94 -7.91
CA SER K 87 21.15 6.21 -7.22
C SER K 87 21.15 7.06 -6.00
N VAL K 88 21.00 6.44 -4.86
CA VAL K 88 21.27 7.04 -3.53
C VAL K 88 22.72 7.48 -3.47
N ALA K 89 23.67 6.83 -4.13
CA ALA K 89 25.10 7.21 -4.08
C ALA K 89 25.35 8.57 -4.69
N ILE K 90 24.62 8.88 -5.80
CA ILE K 90 24.79 10.15 -6.46
C ILE K 90 24.13 11.23 -5.69
N LEU K 91 22.96 11.02 -5.06
CA LEU K 91 22.34 11.93 -4.12
C LEU K 91 23.32 12.20 -2.96
N ASP K 92 23.97 11.19 -2.41
CA ASP K 92 24.91 11.40 -1.27
C ASP K 92 26.17 12.14 -1.68
N ALA K 93 26.70 12.03 -2.86
CA ALA K 93 27.76 12.81 -3.46
C ALA K 93 27.40 14.26 -3.50
N LEU K 94 26.16 14.61 -4.03
CA LEU K 94 25.71 15.96 -4.05
C LEU K 94 25.53 16.58 -2.69
N ASN K 95 25.16 15.74 -1.69
CA ASN K 95 24.94 16.17 -0.35
C ASN K 95 26.27 16.47 0.36
N THR K 96 27.39 16.04 -0.12
CA THR K 96 28.69 16.41 0.42
C THR K 96 29.10 17.85 0.00
N CYS K 97 28.45 18.42 -0.98
CA CYS K 97 28.69 19.73 -1.57
C CYS K 97 27.77 20.74 -0.88
N ASP K 98 28.27 21.15 0.25
CA ASP K 98 27.64 22.16 1.11
C ASP K 98 27.40 23.49 0.42
N GLY K 99 26.16 23.83 0.02
CA GLY K 99 25.94 25.13 -0.55
C GLY K 99 26.27 25.29 -2.05
N LEU K 100 26.76 24.25 -2.71
CA LEU K 100 27.06 24.41 -4.13
C LEU K 100 25.73 24.38 -4.90
N PRO K 101 25.44 25.32 -5.74
CA PRO K 101 24.24 25.30 -6.58
C PRO K 101 24.18 24.08 -7.46
N VAL K 102 23.01 23.39 -7.43
CA VAL K 102 22.78 22.22 -8.25
C VAL K 102 21.41 22.33 -8.99
N VAL K 103 21.33 22.06 -10.29
CA VAL K 103 20.06 22.04 -11.03
C VAL K 103 19.95 20.70 -11.79
N GLU K 104 18.89 19.95 -11.62
CA GLU K 104 18.65 18.68 -12.23
C GLU K 104 17.81 18.86 -13.54
N VAL K 105 18.25 18.20 -14.56
CA VAL K 105 17.49 18.37 -15.86
C VAL K 105 17.12 16.99 -16.37
N HIS K 106 15.86 16.84 -16.89
CA HIS K 106 15.37 15.71 -17.60
C HIS K 106 14.81 16.27 -18.94
N ILE K 107 15.28 15.68 -20.02
CA ILE K 107 14.80 16.11 -21.36
C ILE K 107 13.33 15.86 -21.53
N SER K 108 12.93 14.64 -21.19
CA SER K 108 11.52 14.23 -21.30
C SER K 108 10.78 14.56 -20.05
N ASN K 109 9.43 14.64 -20.22
CA ASN K 109 8.64 14.91 -19.00
C ASN K 109 8.35 13.55 -18.33
N ILE K 110 9.24 13.25 -17.34
CA ILE K 110 9.17 11.99 -16.63
C ILE K 110 7.82 11.78 -15.97
N HIS K 111 7.06 12.78 -15.60
CA HIS K 111 5.74 12.65 -15.01
C HIS K 111 4.69 12.11 -15.93
N GLN K 112 4.79 12.08 -17.22
CA GLN K 112 3.92 11.46 -18.16
C GLN K 112 4.35 10.03 -18.51
N ARG K 113 5.48 9.58 -17.97
CA ARG K 113 5.96 8.26 -18.39
C ARG K 113 5.60 7.18 -17.35
N GLU K 114 6.34 6.07 -17.37
CA GLU K 114 6.03 4.97 -16.47
C GLU K 114 6.22 5.41 -15.00
N PRO K 115 5.50 4.82 -14.07
CA PRO K 115 5.57 5.20 -12.70
C PRO K 115 6.98 5.01 -12.10
N PHE K 116 7.79 4.09 -12.56
CA PHE K 116 9.17 4.03 -11.92
C PHE K 116 9.97 5.30 -12.25
N ARG K 117 9.61 6.01 -13.29
CA ARG K 117 10.33 7.27 -13.66
C ARG K 117 9.81 8.43 -12.85
N HIS K 118 8.72 8.29 -12.08
CA HIS K 118 8.18 9.47 -11.43
C HIS K 118 8.99 10.07 -10.33
N HIS K 119 9.81 9.31 -9.67
CA HIS K 119 10.59 9.69 -8.49
C HIS K 119 12.10 9.77 -8.82
N SER K 120 12.68 10.85 -8.40
CA SER K 120 14.10 11.09 -8.52
C SER K 120 14.77 11.22 -7.16
N TYR K 121 15.81 10.46 -6.78
CA TYR K 121 16.61 10.73 -5.63
C TYR K 121 17.32 12.07 -5.68
N VAL K 122 17.83 12.43 -6.88
CA VAL K 122 18.56 13.71 -6.97
C VAL K 122 17.72 14.89 -6.61
N SER K 123 16.45 14.87 -7.02
CA SER K 123 15.55 15.94 -6.71
C SER K 123 15.40 16.42 -5.26
N GLN K 124 15.73 15.54 -4.32
CA GLN K 124 15.67 15.97 -2.92
C GLN K 124 16.80 16.86 -2.49
N ARG K 125 17.88 16.94 -3.32
CA ARG K 125 18.96 17.80 -3.10
C ARG K 125 19.13 18.90 -4.11
N ALA K 126 18.69 18.74 -5.38
CA ALA K 126 18.87 19.78 -6.34
C ALA K 126 18.12 21.03 -5.91
N ASP K 127 18.71 22.18 -6.14
CA ASP K 127 17.99 23.44 -5.81
C ASP K 127 16.77 23.61 -6.74
N GLY K 128 16.95 23.28 -7.99
CA GLY K 128 15.87 23.40 -9.00
C GLY K 128 15.82 22.14 -9.84
N VAL K 129 14.66 21.89 -10.51
CA VAL K 129 14.46 20.70 -11.26
C VAL K 129 13.63 21.08 -12.52
N VAL K 130 14.17 20.76 -13.67
CA VAL K 130 13.55 21.08 -14.94
C VAL K 130 13.24 19.81 -15.70
N ALA K 131 12.06 19.56 -16.25
CA ALA K 131 11.69 18.37 -16.90
C ALA K 131 10.83 18.64 -18.15
N GLY K 132 11.05 17.89 -19.20
CA GLY K 132 10.18 18.04 -20.36
C GLY K 132 10.39 19.29 -21.16
N CYS K 133 11.48 20.05 -20.92
CA CYS K 133 11.66 21.24 -21.77
C CYS K 133 12.67 20.94 -22.85
N GLY K 134 12.81 19.65 -23.26
CA GLY K 134 13.79 19.36 -24.30
C GLY K 134 15.22 19.60 -23.88
N VAL K 135 16.09 19.80 -24.86
CA VAL K 135 17.48 20.09 -24.54
C VAL K 135 17.61 21.58 -24.05
N GLN K 136 16.59 22.37 -24.37
CA GLN K 136 16.51 23.74 -23.85
C GLN K 136 16.59 23.72 -22.29
N GLY K 137 16.07 22.67 -21.62
CA GLY K 137 16.24 22.64 -20.16
C GLY K 137 17.67 22.69 -19.66
N TYR K 138 18.68 22.37 -20.44
CA TYR K 138 20.08 22.55 -20.07
C TYR K 138 20.43 24.07 -20.03
N VAL K 139 19.94 24.77 -20.93
CA VAL K 139 20.08 26.26 -21.02
C VAL K 139 19.49 26.86 -19.74
N PHE K 140 18.29 26.41 -19.39
CA PHE K 140 17.63 26.82 -18.13
C PHE K 140 18.49 26.48 -16.93
N GLY K 141 19.08 25.30 -16.90
CA GLY K 141 20.02 24.91 -15.87
C GLY K 141 21.13 25.94 -15.69
N VAL K 142 21.85 26.17 -16.81
CA VAL K 142 22.99 27.10 -16.85
C VAL K 142 22.58 28.47 -16.33
N GLU K 143 21.47 28.99 -16.80
CA GLU K 143 20.94 30.31 -16.37
C GLU K 143 20.66 30.32 -14.86
N ARG K 144 20.08 29.24 -14.34
CA ARG K 144 19.83 29.20 -12.91
C ARG K 144 21.09 29.18 -12.07
N ILE K 145 22.07 28.43 -12.53
CA ILE K 145 23.39 28.38 -11.87
C ILE K 145 23.98 29.79 -11.90
N ALA K 146 23.87 30.50 -13.00
CA ALA K 146 24.34 31.84 -13.12
C ALA K 146 23.65 32.76 -12.09
N ALA K 147 22.32 32.70 -12.03
CA ALA K 147 21.66 33.49 -11.01
C ALA K 147 22.08 33.10 -9.59
N LEU K 148 22.25 31.86 -9.26
CA LEU K 148 22.57 31.46 -7.88
C LEU K 148 24.04 31.63 -7.51
N ALA K 149 24.95 31.56 -8.47
CA ALA K 149 26.39 31.71 -8.07
C ALA K 149 26.52 33.22 -7.88
N GLY K 150 25.70 33.97 -8.62
CA GLY K 150 25.51 35.41 -8.38
C GLY K 150 24.70 35.50 -7.05
N ARG L 2 20.36 -7.21 -38.12
CA ARG L 2 21.37 -8.16 -38.72
C ARG L 2 20.95 -9.62 -38.59
N SER L 3 21.48 -10.56 -39.40
CA SER L 3 21.12 -11.98 -39.38
C SER L 3 22.12 -12.79 -38.59
N LEU L 4 21.86 -14.07 -38.24
CA LEU L 4 22.83 -14.94 -37.62
C LEU L 4 24.08 -15.24 -38.44
N ALA L 5 24.00 -15.29 -39.76
CA ALA L 5 25.18 -15.56 -40.61
C ALA L 5 26.11 -14.37 -40.67
N ASN L 6 25.54 -13.17 -40.49
CA ASN L 6 26.35 -11.99 -40.60
C ASN L 6 26.90 -11.40 -39.30
N ALA L 7 26.36 -11.78 -38.15
CA ALA L 7 26.84 -11.21 -36.89
C ALA L 7 26.55 -12.10 -35.72
N PRO L 8 27.44 -12.09 -34.69
CA PRO L 8 27.24 -12.95 -33.58
C PRO L 8 26.08 -12.47 -32.68
N ILE L 9 25.70 -13.43 -31.87
CA ILE L 9 24.65 -13.24 -30.84
C ILE L 9 25.43 -12.80 -29.59
N MET L 10 25.17 -11.65 -29.04
CA MET L 10 25.84 -11.22 -27.80
C MET L 10 25.16 -11.93 -26.65
N ILE L 11 25.94 -12.49 -25.73
CA ILE L 11 25.41 -13.20 -24.57
C ILE L 11 26.12 -12.59 -23.34
N LEU L 12 25.36 -11.83 -22.59
CA LEU L 12 25.75 -11.01 -21.47
C LEU L 12 25.30 -11.63 -20.16
N ASN L 13 26.27 -11.63 -19.21
CA ASN L 13 26.07 -12.12 -17.88
C ASN L 13 26.44 -11.03 -16.84
N GLY L 14 25.60 -10.82 -15.86
CA GLY L 14 25.74 -9.79 -14.83
C GLY L 14 26.62 -10.26 -13.65
N PRO L 15 26.50 -9.49 -12.57
CA PRO L 15 27.36 -9.61 -11.42
C PRO L 15 27.21 -10.96 -10.72
N ASN L 16 28.34 -11.44 -10.15
CA ASN L 16 28.56 -12.69 -9.45
C ASN L 16 28.50 -13.93 -10.31
N LEU L 17 28.13 -13.83 -11.58
CA LEU L 17 28.01 -15.07 -12.39
C LEU L 17 29.38 -15.63 -12.77
N ASN L 18 30.45 -14.87 -12.45
CA ASN L 18 31.78 -15.46 -12.64
C ASN L 18 32.02 -16.63 -11.70
N LEU L 19 31.34 -16.68 -10.56
CA LEU L 19 31.46 -17.83 -9.63
C LEU L 19 30.50 -18.96 -9.91
N LEU L 20 29.77 -18.92 -11.06
CA LEU L 20 28.79 -19.99 -11.30
C LEU L 20 29.47 -21.36 -11.34
N GLY L 21 28.81 -22.24 -10.65
CA GLY L 21 29.36 -23.66 -10.59
C GLY L 21 30.14 -23.76 -9.28
N GLN L 22 30.58 -22.71 -8.66
CA GLN L 22 31.43 -22.76 -7.50
C GLN L 22 30.68 -22.30 -6.27
N ALA L 23 29.80 -21.35 -6.36
CA ALA L 23 29.02 -20.90 -5.21
C ALA L 23 27.51 -21.20 -5.33
N GLN L 24 26.92 -21.49 -4.17
CA GLN L 24 25.49 -21.81 -4.07
C GLN L 24 25.01 -22.78 -5.13
N PRO L 25 25.66 -23.94 -5.26
CA PRO L 25 25.30 -24.95 -6.23
C PRO L 25 23.95 -25.54 -6.05
N GLU L 26 23.38 -25.48 -4.87
CA GLU L 26 22.03 -25.98 -4.64
C GLU L 26 21.00 -25.07 -5.30
N ILE L 27 21.35 -23.84 -5.60
CA ILE L 27 20.45 -22.91 -6.22
C ILE L 27 20.79 -22.77 -7.70
N TYR L 28 22.08 -22.64 -8.03
CA TYR L 28 22.42 -22.38 -9.46
C TYR L 28 23.09 -23.50 -10.22
N GLY L 29 23.32 -24.60 -9.56
CA GLY L 29 23.84 -25.77 -10.27
C GLY L 29 25.35 -25.85 -10.20
N SER L 30 25.93 -26.90 -10.74
CA SER L 30 27.39 -27.11 -10.70
C SER L 30 28.08 -26.87 -12.00
N ASP L 31 27.39 -26.50 -13.07
CA ASP L 31 28.01 -26.14 -14.33
C ASP L 31 28.62 -24.74 -14.17
N THR L 32 29.70 -24.47 -14.81
CA THR L 32 30.41 -23.23 -14.78
C THR L 32 30.02 -22.38 -15.98
N LEU L 33 30.44 -21.11 -15.86
CA LEU L 33 30.20 -20.16 -16.92
C LEU L 33 30.81 -20.55 -18.21
N ALA L 34 32.02 -21.16 -18.17
CA ALA L 34 32.65 -21.80 -19.33
C ALA L 34 31.80 -22.88 -19.93
N ASP L 35 31.22 -23.74 -19.10
CA ASP L 35 30.33 -24.78 -19.62
C ASP L 35 29.11 -24.16 -20.27
N VAL L 36 28.58 -23.09 -19.68
CA VAL L 36 27.45 -22.41 -20.35
C VAL L 36 27.85 -21.77 -21.68
N GLU L 37 29.04 -21.20 -21.78
CA GLU L 37 29.47 -20.64 -23.13
C GLU L 37 29.57 -21.78 -24.12
N ALA L 38 30.10 -22.97 -23.71
CA ALA L 38 30.17 -24.11 -24.68
C ALA L 38 28.79 -24.54 -25.13
N LEU L 39 27.79 -24.50 -24.23
CA LEU L 39 26.42 -24.84 -24.67
C LEU L 39 26.00 -23.88 -25.76
N CYS L 40 26.12 -22.57 -25.51
CA CYS L 40 25.69 -21.55 -26.41
C CYS L 40 26.37 -21.67 -27.76
N VAL L 41 27.69 -21.88 -27.77
CA VAL L 41 28.44 -22.02 -29.05
C VAL L 41 27.93 -23.11 -29.93
N LYS L 42 27.52 -24.25 -29.34
CA LYS L 42 27.02 -25.41 -30.05
C LYS L 42 25.65 -25.12 -30.56
N ALA L 43 24.79 -24.51 -29.76
CA ALA L 43 23.43 -24.19 -30.17
C ALA L 43 23.43 -23.20 -31.32
N ALA L 44 24.23 -22.15 -31.31
CA ALA L 44 24.39 -21.16 -32.31
C ALA L 44 24.88 -21.83 -33.61
N ALA L 45 25.92 -22.62 -33.48
CA ALA L 45 26.51 -23.36 -34.63
C ALA L 45 25.50 -24.23 -35.40
N ALA L 46 24.58 -24.91 -34.75
CA ALA L 46 23.49 -25.61 -35.43
C ALA L 46 22.65 -24.70 -36.31
N HIS L 47 22.57 -23.36 -36.18
CA HIS L 47 21.82 -22.44 -36.95
C HIS L 47 22.77 -21.64 -37.82
N GLY L 48 24.06 -21.97 -37.81
CA GLY L 48 25.03 -21.31 -38.66
C GLY L 48 25.42 -19.97 -38.09
N GLY L 49 25.28 -19.82 -36.76
CA GLY L 49 25.66 -18.58 -36.11
C GLY L 49 26.83 -18.73 -35.14
N THR L 50 27.15 -17.63 -34.49
CA THR L 50 28.23 -17.57 -33.55
C THR L 50 27.80 -16.69 -32.39
N VAL L 51 28.65 -16.73 -31.33
CA VAL L 51 28.33 -16.05 -30.12
C VAL L 51 29.49 -15.28 -29.56
N ASP L 52 29.17 -14.20 -28.86
CA ASP L 52 30.13 -13.31 -28.23
C ASP L 52 29.71 -13.30 -26.77
N PHE L 53 30.35 -14.05 -25.90
CA PHE L 53 30.02 -14.37 -24.53
C PHE L 53 30.81 -13.62 -23.52
N ARG L 54 30.14 -12.82 -22.69
CA ARG L 54 30.84 -11.92 -21.76
C ARG L 54 30.23 -11.89 -20.38
N GLN L 55 30.97 -11.50 -19.31
CA GLN L 55 30.43 -11.34 -18.00
C GLN L 55 31.09 -10.13 -17.37
N SER L 56 30.37 -9.40 -16.57
CA SER L 56 30.90 -8.30 -15.80
C SER L 56 30.14 -8.06 -14.52
N ASN L 57 30.84 -7.54 -13.51
CA ASN L 57 30.21 -7.08 -12.30
C ASN L 57 29.78 -5.61 -12.32
N HIS L 58 30.13 -4.88 -13.40
CA HIS L 58 29.88 -3.42 -13.52
C HIS L 58 28.64 -3.02 -14.33
N GLU L 59 27.72 -2.29 -13.73
CA GLU L 59 26.49 -1.94 -14.46
C GLU L 59 26.77 -1.12 -15.70
N GLY L 60 27.74 -0.22 -15.65
CA GLY L 60 28.10 0.64 -16.77
C GLY L 60 28.74 -0.06 -17.91
N GLU L 61 29.56 -1.08 -17.58
CA GLU L 61 30.18 -1.89 -18.62
C GLU L 61 29.16 -2.66 -19.41
N LEU L 62 28.20 -3.25 -18.68
CA LEU L 62 27.02 -3.90 -19.28
C LEU L 62 26.32 -2.89 -20.20
N VAL L 63 26.18 -1.65 -19.75
CA VAL L 63 25.50 -0.64 -20.65
C VAL L 63 26.30 -0.45 -21.94
N ASP L 64 27.65 -0.40 -21.74
CA ASP L 64 28.52 -0.16 -22.92
C ASP L 64 28.42 -1.30 -23.89
N TRP L 65 28.41 -2.54 -23.43
CA TRP L 65 28.34 -3.75 -24.25
C TRP L 65 26.95 -3.83 -24.88
N ILE L 66 25.87 -3.36 -24.31
CA ILE L 66 24.57 -3.31 -25.03
C ILE L 66 24.65 -2.37 -26.23
N HIS L 67 25.23 -1.19 -26.01
CA HIS L 67 25.49 -0.19 -27.03
C HIS L 67 26.23 -0.86 -28.21
N GLU L 68 27.29 -1.55 -27.85
CA GLU L 68 28.11 -2.25 -28.89
C GLU L 68 27.31 -3.25 -29.69
N ALA L 69 26.38 -3.96 -28.98
CA ALA L 69 25.54 -4.96 -29.63
C ALA L 69 24.54 -4.36 -30.58
N ARG L 70 24.04 -3.20 -30.24
CA ARG L 70 23.12 -2.42 -31.00
C ARG L 70 23.62 -2.19 -32.41
N LEU L 71 24.94 -2.07 -32.57
CA LEU L 71 25.53 -1.85 -33.85
C LEU L 71 26.12 -3.07 -34.55
N ASN L 72 26.63 -4.05 -33.80
CA ASN L 72 27.43 -5.13 -34.29
C ASN L 72 26.92 -6.53 -34.16
N HIS L 73 25.76 -6.71 -33.46
CA HIS L 73 25.27 -8.04 -33.20
C HIS L 73 23.86 -8.26 -33.65
N CYS L 74 23.43 -9.54 -33.75
CA CYS L 74 22.12 -9.81 -34.29
C CYS L 74 21.04 -9.97 -33.23
N GLY L 75 21.43 -9.99 -31.98
CA GLY L 75 20.46 -10.09 -30.89
C GLY L 75 21.26 -10.19 -29.61
N ILE L 76 20.49 -10.18 -28.52
CA ILE L 76 21.10 -10.25 -27.19
C ILE L 76 20.41 -11.29 -26.31
N VAL L 77 21.17 -12.21 -25.69
CA VAL L 77 20.64 -13.07 -24.60
C VAL L 77 21.30 -12.53 -23.35
N ILE L 78 20.46 -12.10 -22.38
CA ILE L 78 21.10 -11.56 -21.20
C ILE L 78 20.59 -12.22 -19.91
N ASN L 79 21.55 -12.54 -19.06
CA ASN L 79 21.27 -12.86 -17.67
C ASN L 79 21.80 -11.64 -16.88
N PRO L 80 20.92 -10.74 -16.49
CA PRO L 80 21.32 -9.51 -15.79
C PRO L 80 21.71 -9.75 -14.32
N ALA L 81 21.36 -10.95 -13.82
CA ALA L 81 21.62 -11.34 -12.43
C ALA L 81 21.01 -10.31 -11.49
N ALA L 82 21.71 -9.85 -10.45
CA ALA L 82 21.10 -8.91 -9.49
C ALA L 82 20.65 -7.58 -10.14
N TYR L 83 21.27 -7.16 -11.28
CA TYR L 83 20.92 -5.92 -11.90
C TYR L 83 19.58 -6.00 -12.60
N SER L 84 19.05 -7.23 -12.79
CA SER L 84 17.66 -7.41 -13.22
C SER L 84 16.67 -6.52 -12.40
N HIS L 85 16.83 -6.58 -11.08
CA HIS L 85 16.01 -6.06 -10.01
C HIS L 85 16.25 -4.56 -9.73
N THR L 86 17.50 -4.06 -10.09
CA THR L 86 17.79 -2.72 -9.73
C THR L 86 18.20 -1.77 -10.87
N SER L 87 18.46 -2.22 -12.06
CA SER L 87 19.03 -1.37 -13.14
C SER L 87 18.02 -0.87 -14.17
N VAL L 88 17.58 0.35 -13.84
CA VAL L 88 16.89 1.09 -14.92
C VAL L 88 17.90 1.45 -15.99
N ALA L 89 19.20 1.60 -15.68
CA ALA L 89 20.16 1.95 -16.70
C ALA L 89 20.27 0.90 -17.78
N ILE L 90 20.20 -0.39 -17.45
CA ILE L 90 20.37 -1.52 -18.38
C ILE L 90 19.08 -1.64 -19.19
N LEU L 91 17.92 -1.39 -18.51
CA LEU L 91 16.66 -1.38 -19.28
C LEU L 91 16.79 -0.33 -20.36
N ASP L 92 17.15 0.89 -19.93
CA ASP L 92 17.27 1.98 -20.89
C ASP L 92 18.28 1.70 -21.97
N ALA L 93 19.44 1.10 -21.73
CA ALA L 93 20.34 0.72 -22.84
C ALA L 93 19.66 -0.24 -23.80
N LEU L 94 18.87 -1.24 -23.31
CA LEU L 94 18.19 -2.17 -24.23
C LEU L 94 17.05 -1.43 -25.02
N ASN L 95 16.51 -0.34 -24.43
CA ASN L 95 15.48 0.46 -25.14
C ASN L 95 16.10 1.28 -26.31
N THR L 96 17.38 1.54 -26.35
CA THR L 96 17.99 2.31 -27.43
C THR L 96 18.13 1.40 -28.66
N CYS L 97 17.91 0.14 -28.62
CA CYS L 97 18.16 -0.95 -29.52
C CYS L 97 16.85 -1.32 -30.22
N ASP L 98 16.49 -0.42 -31.09
CA ASP L 98 15.25 -0.47 -31.84
C ASP L 98 15.10 -1.75 -32.65
N GLY L 99 14.19 -2.63 -32.21
CA GLY L 99 14.00 -3.83 -33.00
C GLY L 99 14.97 -4.94 -32.78
N LEU L 100 16.07 -4.80 -32.07
CA LEU L 100 16.99 -5.89 -31.83
C LEU L 100 16.32 -6.95 -30.95
N PRO L 101 16.41 -8.19 -31.35
CA PRO L 101 15.85 -9.27 -30.53
C PRO L 101 16.56 -9.33 -29.19
N VAL L 102 15.79 -9.52 -28.11
CA VAL L 102 16.40 -9.62 -26.78
C VAL L 102 15.71 -10.72 -25.95
N VAL L 103 16.42 -11.62 -25.33
CA VAL L 103 15.82 -12.65 -24.45
C VAL L 103 16.53 -12.60 -23.10
N GLU L 104 15.79 -12.49 -22.02
CA GLU L 104 16.37 -12.45 -20.69
C GLU L 104 16.25 -13.88 -20.11
N VAL L 105 17.30 -14.27 -19.39
CA VAL L 105 17.39 -15.59 -18.82
C VAL L 105 17.80 -15.53 -17.35
N HIS L 106 17.10 -16.20 -16.45
CA HIS L 106 17.43 -16.38 -15.06
C HIS L 106 17.58 -17.91 -14.87
N ILE L 107 18.73 -18.36 -14.29
CA ILE L 107 18.94 -19.76 -14.05
C ILE L 107 17.91 -20.33 -13.06
N SER L 108 17.74 -19.57 -11.97
CA SER L 108 16.83 -19.94 -10.93
C SER L 108 15.46 -19.39 -11.27
N ASN L 109 14.44 -20.02 -10.64
CA ASN L 109 13.05 -19.63 -10.78
C ASN L 109 12.88 -18.48 -9.76
N ILE L 110 13.08 -17.24 -10.22
CA ILE L 110 12.97 -16.07 -9.36
C ILE L 110 11.64 -15.90 -8.64
N HIS L 111 10.51 -16.36 -9.21
CA HIS L 111 9.17 -16.30 -8.69
C HIS L 111 8.95 -17.17 -7.47
N GLN L 112 9.84 -18.03 -7.09
CA GLN L 112 9.86 -18.85 -5.89
C GLN L 112 10.85 -18.32 -4.86
N ARG L 113 11.51 -17.19 -5.18
CA ARG L 113 12.50 -16.71 -4.18
C ARG L 113 11.97 -15.46 -3.48
N GLU L 114 12.78 -14.72 -2.79
CA GLU L 114 12.30 -13.55 -2.03
C GLU L 114 11.58 -12.56 -2.93
N PRO L 115 10.61 -11.83 -2.42
CA PRO L 115 9.84 -10.84 -3.11
C PRO L 115 10.61 -9.77 -3.82
N PHE L 116 11.81 -9.39 -3.37
CA PHE L 116 12.64 -8.45 -4.13
C PHE L 116 13.17 -9.03 -5.40
N ARG L 117 13.17 -10.34 -5.58
CA ARG L 117 13.59 -10.95 -6.84
C ARG L 117 12.42 -11.11 -7.84
N HIS L 118 11.18 -10.82 -7.50
CA HIS L 118 10.07 -11.09 -8.45
C HIS L 118 9.93 -10.15 -9.62
N HIS L 119 10.43 -8.98 -9.49
CA HIS L 119 10.38 -7.89 -10.43
C HIS L 119 11.74 -7.78 -11.14
N SER L 120 11.62 -7.71 -12.45
CA SER L 120 12.77 -7.35 -13.30
C SER L 120 12.47 -6.17 -14.23
N TYR L 121 13.27 -5.12 -14.22
CA TYR L 121 13.23 -4.01 -15.13
C TYR L 121 13.49 -4.45 -16.53
N VAL L 122 14.45 -5.39 -16.78
CA VAL L 122 14.68 -5.93 -18.12
C VAL L 122 13.47 -6.55 -18.74
N SER L 123 12.65 -7.32 -18.03
CA SER L 123 11.52 -7.99 -18.67
C SER L 123 10.51 -7.09 -19.37
N GLN L 124 10.42 -5.79 -19.06
CA GLN L 124 9.50 -4.93 -19.80
C GLN L 124 10.07 -4.60 -21.20
N ARG L 125 11.29 -4.83 -21.48
CA ARG L 125 11.89 -4.67 -22.78
C ARG L 125 12.19 -6.01 -23.52
N ALA L 126 12.61 -6.98 -22.77
CA ALA L 126 12.93 -8.33 -23.38
C ALA L 126 11.78 -8.80 -24.25
N ASP L 127 12.02 -9.40 -25.40
CA ASP L 127 10.97 -10.00 -26.19
C ASP L 127 10.46 -11.27 -25.48
N GLY L 128 11.37 -11.98 -24.84
CA GLY L 128 11.06 -13.22 -24.17
C GLY L 128 11.83 -13.33 -22.84
N VAL L 129 11.31 -14.09 -21.90
CA VAL L 129 11.91 -14.23 -20.58
C VAL L 129 11.83 -15.72 -20.11
N VAL L 130 12.99 -16.29 -19.83
CA VAL L 130 13.03 -17.68 -19.43
C VAL L 130 13.54 -17.70 -18.00
N ALA L 131 12.83 -18.41 -17.12
CA ALA L 131 13.30 -18.47 -15.74
C ALA L 131 13.21 -19.92 -15.16
N GLY L 132 14.20 -20.33 -14.37
CA GLY L 132 14.17 -21.62 -13.72
C GLY L 132 14.36 -22.79 -14.64
N CYS L 133 14.95 -22.61 -15.79
CA CYS L 133 15.24 -23.73 -16.69
C CYS L 133 16.73 -24.04 -16.53
N GLY L 134 17.39 -23.62 -15.48
CA GLY L 134 18.82 -23.96 -15.32
C GLY L 134 19.64 -23.28 -16.44
N VAL L 135 20.82 -23.83 -16.69
CA VAL L 135 21.70 -23.35 -17.74
C VAL L 135 21.09 -23.62 -19.09
N GLN L 136 20.21 -24.61 -19.26
CA GLN L 136 19.46 -24.91 -20.45
C GLN L 136 18.69 -23.66 -20.90
N GLY L 137 18.34 -22.72 -20.05
CA GLY L 137 17.66 -21.47 -20.34
C GLY L 137 18.42 -20.64 -21.36
N TYR L 138 19.73 -20.62 -21.24
CA TYR L 138 20.58 -19.99 -22.26
C TYR L 138 20.46 -20.56 -23.63
N VAL L 139 20.34 -21.89 -23.79
CA VAL L 139 20.20 -22.55 -25.06
C VAL L 139 18.84 -22.15 -25.61
N PHE L 140 17.78 -22.10 -24.83
CA PHE L 140 16.48 -21.62 -25.28
C PHE L 140 16.49 -20.14 -25.73
N GLY L 141 17.30 -19.32 -25.09
CA GLY L 141 17.62 -17.99 -25.45
C GLY L 141 18.22 -17.91 -26.85
N VAL L 142 19.30 -18.63 -27.12
CA VAL L 142 19.97 -18.76 -28.43
C VAL L 142 18.97 -19.16 -29.49
N GLU L 143 18.13 -20.19 -29.19
CA GLU L 143 17.14 -20.66 -30.13
C GLU L 143 16.05 -19.66 -30.47
N ARG L 144 15.65 -18.83 -29.52
CA ARG L 144 14.66 -17.81 -29.74
C ARG L 144 15.20 -16.67 -30.57
N ILE L 145 16.45 -16.28 -30.29
CA ILE L 145 17.14 -15.21 -31.13
C ILE L 145 17.26 -15.77 -32.51
N ALA L 146 17.56 -17.09 -32.66
CA ALA L 146 17.68 -17.61 -34.05
C ALA L 146 16.35 -17.52 -34.78
N ALA L 147 15.22 -17.74 -34.09
CA ALA L 147 13.91 -17.69 -34.79
C ALA L 147 13.55 -16.25 -35.07
N LEU L 148 13.91 -15.31 -34.19
CA LEU L 148 13.56 -13.93 -34.38
C LEU L 148 14.43 -13.19 -35.38
N ALA L 149 15.70 -13.63 -35.45
CA ALA L 149 16.58 -12.95 -36.42
C ALA L 149 16.36 -13.45 -37.82
N GLY L 150 15.47 -14.41 -38.03
CA GLY L 150 15.20 -15.00 -39.32
C GLY L 150 14.00 -14.45 -40.10
C TRS M . 1.00 -2.98 23.52
C1 TRS M . 1.98 -1.89 23.13
C2 TRS M . 1.17 -4.37 22.92
C3 TRS M . -0.47 -2.55 23.25
N TRS M . 1.00 -3.18 25.03
O1 TRS M . 3.39 -2.13 23.54
O2 TRS M . 0.18 -5.38 23.19
O3 TRS M . -0.83 -1.25 23.79
C2 DHK N . -12.59 -10.67 22.25
C3 DHK N . -12.12 -9.34 22.26
O3 DHK N . -11.94 -8.88 23.49
C4 DHK N . -11.61 -8.65 21.14
O4 DHK N . -10.66 -7.82 21.57
C5 DHK N . -11.06 -9.53 20.15
C1 DHK N . -12.40 -11.38 21.04
C6 DHK N . -11.97 -10.61 19.94
C DHK N . -13.20 -12.53 20.92
O1 DHK N . -14.02 -12.55 19.91
O2 DHK N . -13.21 -13.37 21.96
O5 DHK N . -11.02 -8.76 18.98
C2 DHK O . 0.79 12.37 24.88
C3 DHK O . 1.78 11.41 24.58
O3 DHK O . 2.39 10.95 25.67
C4 DHK O . 1.99 10.95 23.27
O4 DHK O . 2.40 9.65 23.31
C5 DHK O . 0.80 11.09 22.45
C1 DHK O . -0.03 12.83 23.85
C6 DHK O . 0.26 12.46 22.53
C DHK O . -0.69 14.09 24.07
O1 DHK O . -0.53 15.01 23.13
O2 DHK O . -1.03 14.47 25.29
O5 DHK O . 1.13 10.93 21.13
C2 DHK P . 14.41 -10.44 21.41
C3 DHK P . 13.00 -10.44 21.41
O3 DHK P . 12.51 -11.09 22.45
C4 DHK P . 12.27 -10.40 20.18
O4 DHK P . 11.00 -10.10 20.59
C5 DHK P . 12.81 -9.40 19.30
C1 DHK P . 14.96 -9.69 20.31
C6 DHK P . 14.24 -9.77 19.05
C DHK P . 16.39 -9.87 20.31
O1 DHK P . 16.98 -10.42 19.30
O2 DHK P . 17.03 -9.79 21.48
O5 DHK P . 12.18 -9.43 18.10
C TRS Q . -11.86 -18.01 -9.89
C1 TRS Q . -12.59 -17.55 -8.63
C2 TRS Q . -10.35 -18.37 -9.52
C3 TRS Q . -11.73 -16.82 -10.85
N TRS Q . -12.56 -19.21 -10.49
O1 TRS Q . -12.75 -18.56 -7.61
O2 TRS Q . -9.71 -18.98 -10.68
O3 TRS Q . -13.02 -16.43 -11.49
C2 DHK R . -6.71 -26.92 1.93
C3 DHK R . -6.44 -26.33 0.65
O3 DHK R . -6.41 -27.15 -0.36
C4 DHK R . -5.83 -25.07 0.58
O4 DHK R . -5.99 -24.52 -0.65
C5 DHK R . -6.22 -24.22 1.60
C1 DHK R . -6.91 -25.98 2.97
C6 DHK R . -6.16 -24.78 2.90
C DHK R . -7.13 -26.51 4.29
O1 DHK R . -6.12 -26.38 5.12
O2 DHK R . -7.91 -27.58 4.34
O5 DHK R . -5.50 -23.01 1.62
C2 DHK S . -2.87 -16.18 -22.49
C3 DHK S . -4.03 -15.73 -21.83
O3 DHK S . -5.16 -16.29 -22.27
C4 DHK S . -3.91 -14.74 -20.88
O4 DHK S . -4.94 -14.74 -20.02
C5 DHK S . -2.66 -14.68 -20.21
C1 DHK S . -1.61 -15.92 -21.91
C6 DHK S . -1.52 -14.76 -21.09
C DHK S . -0.53 -16.23 -22.79
O1 DHK S . 0.27 -15.25 -22.96
O2 DHK S . -0.54 -17.42 -23.42
O5 DHK S . -2.60 -13.54 -19.45
C2 DHK T . -24.80 -9.41 -8.29
C3 DHK T . -23.86 -10.32 -7.82
O3 DHK T . -24.40 -11.54 -7.70
C4 DHK T . -22.78 -9.78 -7.08
O4 DHK T . -21.89 -10.70 -6.79
C5 DHK T . -22.25 -8.54 -7.54
C1 DHK T . -24.34 -8.10 -8.57
C6 DHK T . -23.31 -7.57 -7.72
C DHK T . -25.42 -7.34 -9.08
O1 DHK T . -25.49 -6.18 -8.51
O2 DHK T . -26.29 -7.74 -10.04
O5 DHK T . -21.29 -8.07 -6.70
C TRS U . -11.13 20.31 -4.96
C1 TRS U . -10.14 20.49 -3.73
C2 TRS U . -12.12 19.15 -4.53
C3 TRS U . -10.31 19.84 -6.19
N TRS U . -11.72 21.65 -5.19
O1 TRS U . -10.78 21.12 -2.63
O2 TRS U . -13.25 19.13 -5.49
O3 TRS U . -9.33 20.78 -6.68
C2 DHK V . -19.34 18.30 8.32
C3 DHK V . -19.11 18.06 6.98
O3 DHK V . -19.85 18.66 6.12
C4 DHK V . -18.51 16.86 6.53
O4 DHK V . -18.25 17.10 5.26
C5 DHK V . -17.32 16.60 7.29
C1 DHK V . -18.12 18.06 9.04
C6 DHK V . -17.58 16.74 8.68
C DHK V . -18.50 18.23 10.41
O1 DHK V . -18.53 17.10 11.04
O2 DHK V . -19.00 19.37 10.87
O5 DHK V . -16.81 15.38 6.95
C2 DHK W . -16.31 13.60 -17.95
C3 DHK W . -15.16 14.23 -17.45
O3 DHK W . -15.11 15.53 -17.76
C4 DHK W . -14.08 13.51 -16.93
O4 DHK W . -13.58 14.32 -15.99
C5 DHK W . -14.56 12.30 -16.29
C1 DHK W . -16.48 12.21 -17.67
C6 DHK W . -15.28 11.51 -17.26
C DHK W . -17.28 11.63 -18.68
O1 DHK W . -17.00 10.41 -19.04
O2 DHK W . -18.49 12.23 -18.93
O5 DHK W . -13.49 11.60 -15.77
C2 DHK X . 2.81 27.25 -4.55
C3 DHK X . 1.75 26.74 -3.81
O3 DHK X . 0.88 27.68 -3.49
C4 DHK X . 1.75 25.49 -3.17
O4 DHK X . 0.50 25.16 -2.82
C5 DHK X . 2.30 24.51 -4.09
C1 DHK X . 3.67 26.25 -5.11
C6 DHK X . 3.61 25.00 -4.43
C DHK X . 4.87 26.74 -5.69
O1 DHK X . 6.02 26.30 -5.20
O2 DHK X . 4.88 27.85 -6.44
O5 DHK X . 2.48 23.33 -3.40
C TRS Y . 22.20 0.66 -8.65
C1 TRS Y . 21.95 -0.52 -7.72
C2 TRS Y . 21.88 2.05 -7.93
C3 TRS Y . 21.27 0.40 -9.89
N TRS Y . 23.61 0.70 -9.14
O1 TRS Y . 22.88 -0.39 -6.64
O2 TRS Y . 21.93 3.16 -8.79
O3 TRS Y . 21.43 -0.82 -10.53
C2 DHK Z . 26.63 6.42 5.05
C3 DHK Z . 26.08 6.69 3.81
O3 DHK Z . 26.95 7.29 2.98
C4 DHK Z . 24.68 6.78 3.63
O4 DHK Z . 24.59 6.47 2.31
C5 DHK Z . 23.95 5.82 4.42
C1 DHK Z . 25.81 5.63 5.94
C6 DHK Z . 24.38 5.90 5.80
C DHK Z . 26.42 5.53 7.24
O1 DHK Z . 25.75 6.09 8.20
O2 DHK Z . 27.72 5.27 7.39
O5 DHK Z . 22.58 5.96 4.41
C2 DHK AA . 16.65 10.20 -19.68
C3 DHK AA . 16.83 8.88 -19.24
O3 DHK AA . 17.83 8.27 -19.86
C4 DHK AA . 15.79 8.21 -18.55
O4 DHK AA . 16.40 7.18 -17.89
C5 DHK AA . 15.12 9.05 -17.64
C1 DHK AA . 15.71 10.97 -18.97
C6 DHK AA . 14.78 10.30 -18.20
C DHK AA . 15.50 12.32 -19.39
O1 DHK AA . 14.26 12.62 -19.68
O2 DHK AA . 16.48 13.09 -19.86
O5 DHK AA . 14.07 8.50 -16.97
C2 DHK BA . 21.11 -14.77 -10.70
C3 DHK BA . 21.40 -13.78 -9.74
O3 DHK BA . 22.65 -13.50 -9.47
C4 DHK BA . 20.37 -13.29 -8.92
O4 DHK BA . 20.69 -12.07 -8.48
C5 DHK BA . 19.07 -13.30 -9.51
C1 DHK BA . 19.77 -15.00 -11.02
C6 DHK BA . 18.70 -14.53 -10.17
C DHK BA . 19.59 -16.20 -11.80
O1 DHK BA . 18.63 -16.98 -11.37
O2 DHK BA . 20.44 -16.48 -12.77
O5 DHK BA . 18.18 -12.90 -8.56
#